data_2JOI
#
_entry.id   2JOI
#
_entity_poly.entity_id   1
_entity_poly.type   'polypeptide(L)'
_entity_poly.pdbx_seq_one_letter_code
;MGTSHHHHHHSSGRENLYFQGHMREYPVKKGFPTDYDSIKRKISELGFDVKSEGDLIIASIPGISRIEIKPDKRKILVNT
GDYDSDADKLAVVRTYNDFIEKLTGYSAKERKKMMTKD
;
_entity_poly.pdbx_strand_id   A
#
# COMPACT_ATOMS: atom_id res chain seq x y z
N MET A 23 2.09 1.51 -12.19
CA MET A 23 1.32 1.55 -10.95
C MET A 23 0.98 0.14 -10.46
N ARG A 24 0.84 0.02 -9.15
CA ARG A 24 0.53 -1.26 -8.54
C ARG A 24 -0.93 -1.28 -8.07
N GLU A 25 -1.63 -2.34 -8.43
CA GLU A 25 -3.02 -2.49 -8.05
C GLU A 25 -3.20 -3.71 -7.15
N TYR A 26 -3.70 -3.46 -5.96
CA TYR A 26 -3.92 -4.53 -4.99
C TYR A 26 -5.42 -4.70 -4.71
N PRO A 27 -5.79 -5.97 -4.37
CA PRO A 27 -7.18 -6.29 -4.07
C PRO A 27 -7.58 -5.77 -2.69
N VAL A 28 -8.86 -5.91 -2.40
CA VAL A 28 -9.38 -5.46 -1.12
C VAL A 28 -10.11 -6.62 -0.43
N LYS A 29 -9.82 -6.78 0.86
CA LYS A 29 -10.44 -7.84 1.63
C LYS A 29 -11.85 -7.39 2.07
N LYS A 30 -12.74 -8.36 2.12
CA LYS A 30 -14.11 -8.09 2.52
C LYS A 30 -14.14 -7.74 4.01
N GLY A 31 -14.29 -6.45 4.29
CA GLY A 31 -14.35 -5.98 5.66
C GLY A 31 -13.25 -4.95 5.93
N PHE A 32 -12.05 -5.27 5.47
CA PHE A 32 -10.92 -4.39 5.64
C PHE A 32 -11.30 -2.94 5.37
N PRO A 33 -10.47 -2.01 5.92
CA PRO A 33 -10.72 -0.59 5.75
C PRO A 33 -10.35 -0.14 4.34
N THR A 34 -11.19 0.74 3.80
CA THR A 34 -10.96 1.26 2.46
C THR A 34 -11.30 2.75 2.40
N ASP A 35 -11.08 3.42 3.52
CA ASP A 35 -11.35 4.84 3.61
C ASP A 35 -10.06 5.59 3.94
N TYR A 36 -9.96 6.80 3.40
CA TYR A 36 -8.79 7.63 3.63
C TYR A 36 -8.46 7.72 5.12
N ASP A 37 -9.48 8.10 5.89
CA ASP A 37 -9.31 8.23 7.33
C ASP A 37 -8.92 6.88 7.92
N SER A 38 -9.69 5.86 7.56
CA SER A 38 -9.42 4.52 8.05
C SER A 38 -7.95 4.16 7.83
N ILE A 39 -7.51 4.33 6.59
CA ILE A 39 -6.13 4.03 6.25
C ILE A 39 -5.20 4.99 7.00
N LYS A 40 -5.62 6.24 7.07
CA LYS A 40 -4.83 7.25 7.74
C LYS A 40 -4.49 6.77 9.16
N ARG A 41 -5.46 6.13 9.79
CA ARG A 41 -5.27 5.61 11.13
C ARG A 41 -4.41 4.35 11.09
N LYS A 42 -4.66 3.53 10.09
CA LYS A 42 -3.92 2.29 9.92
C LYS A 42 -2.44 2.62 9.66
N ILE A 43 -2.23 3.73 8.98
CA ILE A 43 -0.88 4.16 8.65
C ILE A 43 -0.17 4.60 9.94
N SER A 44 -0.82 5.51 10.64
CA SER A 44 -0.27 6.03 11.89
C SER A 44 -0.30 4.93 12.96
N GLU A 45 -1.22 4.00 12.79
CA GLU A 45 -1.36 2.90 13.73
C GLU A 45 -0.22 1.90 13.56
N LEU A 46 0.35 1.91 12.36
CA LEU A 46 1.45 1.01 12.05
C LEU A 46 2.78 1.69 12.39
N GLY A 47 2.74 3.02 12.43
CA GLY A 47 3.92 3.79 12.75
C GLY A 47 4.38 4.61 11.55
N PHE A 48 3.43 4.90 10.67
CA PHE A 48 3.72 5.66 9.47
C PHE A 48 3.03 7.02 9.51
N ASP A 49 3.28 7.81 8.48
CA ASP A 49 2.69 9.14 8.39
C ASP A 49 1.87 9.23 7.10
N VAL A 50 0.98 10.23 7.07
CA VAL A 50 0.14 10.44 5.91
C VAL A 50 0.01 11.94 5.65
N LYS A 51 0.16 12.30 4.38
CA LYS A 51 0.07 13.69 3.98
C LYS A 51 -1.13 13.88 3.05
N SER A 52 -1.78 15.03 3.17
CA SER A 52 -2.93 15.34 2.35
C SER A 52 -2.56 16.35 1.28
N GLU A 53 -2.30 15.83 0.08
CA GLU A 53 -1.93 16.68 -1.04
C GLU A 53 -3.12 16.88 -1.98
N GLY A 54 -3.88 17.92 -1.70
CA GLY A 54 -5.05 18.23 -2.50
C GLY A 54 -6.22 17.31 -2.16
N ASP A 55 -6.53 16.42 -3.10
CA ASP A 55 -7.62 15.48 -2.89
C ASP A 55 -7.06 14.06 -2.85
N LEU A 56 -5.76 13.97 -3.07
CA LEU A 56 -5.09 12.68 -3.06
C LEU A 56 -4.46 12.45 -1.69
N ILE A 57 -4.22 11.18 -1.39
CA ILE A 57 -3.63 10.81 -0.11
C ILE A 57 -2.19 10.36 -0.34
N ILE A 58 -1.31 10.78 0.56
CA ILE A 58 0.10 10.43 0.47
C ILE A 58 0.49 9.62 1.71
N ALA A 59 1.18 8.52 1.46
CA ALA A 59 1.62 7.65 2.53
C ALA A 59 3.09 7.93 2.83
N SER A 60 3.43 7.83 4.10
CA SER A 60 4.80 8.07 4.53
C SER A 60 5.40 6.78 5.10
N ILE A 61 6.22 6.13 4.28
CA ILE A 61 6.86 4.89 4.69
C ILE A 61 8.38 5.05 4.57
N PRO A 62 9.10 4.24 5.39
CA PRO A 62 10.56 4.28 5.38
C PRO A 62 11.11 3.58 4.14
N GLY A 63 12.15 4.19 3.58
CA GLY A 63 12.78 3.65 2.39
C GLY A 63 12.20 4.27 1.11
N ILE A 64 10.96 4.72 1.24
CA ILE A 64 10.28 5.34 0.11
C ILE A 64 10.17 6.86 0.35
N SER A 65 10.27 7.59 -0.74
CA SER A 65 10.19 9.05 -0.67
C SER A 65 8.73 9.48 -0.50
N ARG A 66 7.93 9.16 -1.49
CA ARG A 66 6.52 9.50 -1.46
C ARG A 66 5.72 8.55 -2.34
N ILE A 67 4.53 8.22 -1.87
CA ILE A 67 3.66 7.31 -2.59
C ILE A 67 2.23 7.83 -2.53
N GLU A 68 1.44 7.47 -3.54
CA GLU A 68 0.06 7.89 -3.60
C GLU A 68 -0.88 6.69 -3.37
N ILE A 69 -1.90 6.93 -2.58
CA ILE A 69 -2.87 5.88 -2.28
C ILE A 69 -4.27 6.34 -2.71
N LYS A 70 -4.98 5.42 -3.35
CA LYS A 70 -6.32 5.72 -3.82
C LYS A 70 -7.25 4.55 -3.46
N PRO A 71 -7.86 4.66 -2.24
CA PRO A 71 -8.76 3.63 -1.77
C PRO A 71 -10.11 3.71 -2.50
N ASP A 72 -10.66 2.53 -2.80
CA ASP A 72 -11.93 2.46 -3.49
C ASP A 72 -12.74 1.28 -2.93
N LYS A 73 -14.06 1.46 -2.93
CA LYS A 73 -14.94 0.42 -2.43
C LYS A 73 -14.61 -0.90 -3.12
N ARG A 74 -14.27 -0.80 -4.39
CA ARG A 74 -13.93 -1.99 -5.17
C ARG A 74 -12.58 -2.54 -4.71
N LYS A 75 -11.53 -1.79 -5.01
CA LYS A 75 -10.19 -2.20 -4.64
C LYS A 75 -9.33 -0.96 -4.37
N ILE A 76 -8.03 -1.17 -4.29
CA ILE A 76 -7.10 -0.09 -4.04
C ILE A 76 -5.91 -0.21 -4.99
N LEU A 77 -5.17 0.89 -5.10
CA LEU A 77 -4.01 0.91 -5.96
C LEU A 77 -2.95 1.86 -5.37
N VAL A 78 -1.71 1.58 -5.71
CA VAL A 78 -0.59 2.40 -5.22
C VAL A 78 0.33 2.75 -6.39
N ASN A 79 0.92 3.93 -6.29
CA ASN A 79 1.82 4.41 -7.32
C ASN A 79 3.12 4.89 -6.68
N THR A 80 4.21 4.21 -7.00
CA THR A 80 5.50 4.57 -6.46
C THR A 80 6.27 5.45 -7.45
N GLY A 81 7.15 6.27 -6.91
CA GLY A 81 7.95 7.17 -7.73
C GLY A 81 9.39 6.67 -7.84
N ASP A 82 10.30 7.44 -7.27
CA ASP A 82 11.71 7.09 -7.29
C ASP A 82 12.13 6.58 -5.92
N TYR A 83 12.91 5.50 -5.93
CA TYR A 83 13.38 4.90 -4.70
C TYR A 83 14.86 5.24 -4.47
N ASP A 84 15.27 5.11 -3.21
CA ASP A 84 16.65 5.40 -2.84
C ASP A 84 17.56 4.33 -3.45
N SER A 85 18.27 4.72 -4.50
CA SER A 85 19.18 3.81 -5.18
C SER A 85 20.16 3.22 -4.16
N ASP A 86 20.40 3.96 -3.09
CA ASP A 86 21.31 3.52 -2.06
C ASP A 86 20.67 2.37 -1.27
N ALA A 87 19.35 2.42 -1.19
CA ALA A 87 18.61 1.39 -0.48
C ALA A 87 18.15 0.32 -1.47
N ASP A 88 18.36 -0.93 -1.08
CA ASP A 88 17.97 -2.05 -1.91
C ASP A 88 16.50 -1.92 -2.31
N LYS A 89 16.29 -1.55 -3.56
CA LYS A 89 14.94 -1.37 -4.07
C LYS A 89 14.11 -2.62 -3.74
N LEU A 90 14.81 -3.74 -3.64
CA LEU A 90 14.15 -5.01 -3.33
C LEU A 90 13.79 -5.04 -1.84
N ALA A 91 14.62 -4.37 -1.05
CA ALA A 91 14.40 -4.32 0.38
C ALA A 91 13.23 -3.38 0.67
N VAL A 92 13.31 -2.18 0.13
CA VAL A 92 12.27 -1.20 0.34
C VAL A 92 10.93 -1.75 -0.16
N VAL A 93 11.04 -2.71 -1.08
CA VAL A 93 9.85 -3.33 -1.65
C VAL A 93 9.20 -4.22 -0.59
N ARG A 94 10.05 -4.88 0.19
CA ARG A 94 9.57 -5.76 1.23
C ARG A 94 8.79 -4.96 2.29
N THR A 95 9.20 -3.72 2.46
CA THR A 95 8.56 -2.84 3.42
C THR A 95 7.34 -2.15 2.79
N TYR A 96 7.45 -1.92 1.49
CA TYR A 96 6.38 -1.26 0.76
C TYR A 96 5.20 -2.22 0.54
N ASN A 97 5.54 -3.46 0.26
CA ASN A 97 4.53 -4.48 0.04
C ASN A 97 3.85 -4.84 1.37
N ASP A 98 4.68 -5.06 2.37
CA ASP A 98 4.18 -5.40 3.69
C ASP A 98 3.17 -4.35 4.14
N PHE A 99 3.46 -3.11 3.79
CA PHE A 99 2.58 -2.01 4.15
C PHE A 99 1.19 -2.19 3.54
N ILE A 100 1.19 -2.44 2.24
CA ILE A 100 -0.06 -2.64 1.52
C ILE A 100 -0.65 -3.99 1.90
N GLU A 101 0.23 -4.95 2.11
CA GLU A 101 -0.19 -6.30 2.49
C GLU A 101 -1.13 -6.24 3.69
N LYS A 102 -0.78 -5.38 4.64
CA LYS A 102 -1.58 -5.22 5.83
C LYS A 102 -2.72 -4.24 5.56
N LEU A 103 -2.51 -3.40 4.56
CA LEU A 103 -3.51 -2.42 4.18
C LEU A 103 -4.57 -3.07 3.31
N THR A 104 -4.25 -4.27 2.85
CA THR A 104 -5.16 -5.02 2.00
C THR A 104 -5.59 -6.32 2.68
N GLY A 105 -4.61 -6.97 3.31
CA GLY A 105 -4.87 -8.22 4.00
C GLY A 105 -4.33 -9.42 3.20
N TYR A 106 -4.50 -9.32 1.88
CA TYR A 106 -4.05 -10.38 1.00
C TYR A 106 -2.53 -10.60 1.14
N SER A 107 -2.13 -11.85 0.95
CA SER A 107 -0.73 -12.20 1.05
C SER A 107 -0.19 -12.57 -0.33
N ALA A 108 1.14 -12.58 -0.43
CA ALA A 108 1.79 -12.91 -1.68
C ALA A 108 1.40 -14.33 -2.10
N LYS A 109 1.21 -15.17 -1.09
CA LYS A 109 0.84 -16.56 -1.34
C LYS A 109 -0.51 -16.60 -2.05
N GLU A 110 -1.30 -15.56 -1.82
CA GLU A 110 -2.61 -15.45 -2.42
C GLU A 110 -2.49 -15.29 -3.94
N ARG A 111 -1.41 -14.63 -4.34
CA ARG A 111 -1.17 -14.39 -5.76
C ARG A 111 -1.32 -15.70 -6.55
N LYS A 112 -0.94 -16.79 -5.89
CA LYS A 112 -1.03 -18.10 -6.52
C LYS A 112 -2.46 -18.33 -7.01
N LYS A 113 -3.41 -17.95 -6.17
CA LYS A 113 -4.81 -18.11 -6.49
C LYS A 113 -5.08 -17.52 -7.88
N MET A 114 -4.43 -16.41 -8.15
CA MET A 114 -4.58 -15.73 -9.43
C MET A 114 -3.96 -16.56 -10.56
N MET A 115 -2.73 -16.98 -10.33
CA MET A 115 -2.01 -17.78 -11.32
C MET A 115 -2.68 -19.14 -11.51
N THR A 116 -3.21 -19.66 -10.41
CA THR A 116 -3.87 -20.95 -10.45
C THR A 116 -5.37 -20.78 -10.76
N LYS A 117 -5.68 -20.92 -12.04
CA LYS A 117 -7.06 -20.78 -12.49
C LYS A 117 -7.76 -22.14 -12.40
N ASP A 118 -7.13 -23.14 -12.98
CA ASP A 118 -7.68 -24.49 -12.96
C ASP A 118 -7.52 -25.08 -11.57
N MET A 23 2.01 1.97 -12.25
CA MET A 23 1.13 1.88 -11.09
C MET A 23 0.70 0.44 -10.84
N ARG A 24 0.77 0.05 -9.57
CA ARG A 24 0.39 -1.29 -9.18
C ARG A 24 -1.04 -1.31 -8.65
N GLU A 25 -1.69 -2.44 -8.85
CA GLU A 25 -3.07 -2.60 -8.40
C GLU A 25 -3.17 -3.76 -7.41
N TYR A 26 -3.69 -3.45 -6.23
CA TYR A 26 -3.84 -4.45 -5.19
C TYR A 26 -5.32 -4.61 -4.80
N PRO A 27 -5.70 -5.87 -4.49
CA PRO A 27 -7.07 -6.17 -4.11
C PRO A 27 -7.34 -5.71 -2.68
N VAL A 28 -8.62 -5.68 -2.34
CA VAL A 28 -9.04 -5.26 -1.01
C VAL A 28 -9.81 -6.39 -0.33
N LYS A 29 -9.39 -6.70 0.88
CA LYS A 29 -10.03 -7.77 1.64
C LYS A 29 -11.40 -7.29 2.14
N LYS A 30 -12.32 -8.23 2.21
CA LYS A 30 -13.68 -7.91 2.65
C LYS A 30 -13.66 -7.61 4.14
N GLY A 31 -14.03 -6.37 4.47
CA GLY A 31 -14.06 -5.94 5.85
C GLY A 31 -12.93 -4.95 6.14
N PHE A 32 -11.77 -5.25 5.59
CA PHE A 32 -10.61 -4.39 5.78
C PHE A 32 -10.96 -2.92 5.56
N PRO A 33 -10.04 -2.04 6.01
CA PRO A 33 -10.25 -0.60 5.88
C PRO A 33 -10.04 -0.15 4.44
N THR A 34 -11.01 0.61 3.94
CA THR A 34 -10.93 1.11 2.58
C THR A 34 -11.31 2.59 2.54
N ASP A 35 -11.04 3.27 3.65
CA ASP A 35 -11.34 4.68 3.74
C ASP A 35 -10.04 5.45 4.02
N TYR A 36 -9.95 6.63 3.41
CA TYR A 36 -8.78 7.47 3.58
C TYR A 36 -8.43 7.63 5.06
N ASP A 37 -9.40 8.08 5.83
CA ASP A 37 -9.20 8.27 7.26
C ASP A 37 -8.84 6.93 7.90
N SER A 38 -9.63 5.92 7.56
CA SER A 38 -9.40 4.59 8.10
C SER A 38 -7.93 4.19 7.93
N ILE A 39 -7.46 4.31 6.71
CA ILE A 39 -6.08 3.97 6.39
C ILE A 39 -5.15 4.91 7.15
N LYS A 40 -5.53 6.18 7.17
CA LYS A 40 -4.74 7.19 7.86
C LYS A 40 -4.42 6.71 9.27
N ARG A 41 -5.41 6.07 9.88
CA ARG A 41 -5.25 5.55 11.22
C ARG A 41 -4.35 4.32 11.23
N LYS A 42 -4.57 3.47 10.23
CA LYS A 42 -3.78 2.25 10.09
C LYS A 42 -2.31 2.62 9.88
N ILE A 43 -2.11 3.67 9.08
CA ILE A 43 -0.76 4.12 8.79
C ILE A 43 -0.12 4.65 10.07
N SER A 44 -0.79 5.60 10.69
CA SER A 44 -0.29 6.19 11.93
C SER A 44 -0.28 5.15 13.05
N GLU A 45 -1.13 4.15 12.88
CA GLU A 45 -1.23 3.08 13.86
C GLU A 45 0.04 2.22 13.84
N LEU A 46 0.54 1.99 12.64
CA LEU A 46 1.73 1.19 12.46
C LEU A 46 2.97 2.03 12.81
N GLY A 47 2.80 3.34 12.68
CA GLY A 47 3.88 4.27 12.98
C GLY A 47 4.36 4.98 11.71
N PHE A 48 3.41 5.23 10.82
CA PHE A 48 3.72 5.90 9.57
C PHE A 48 3.02 7.27 9.49
N ASP A 49 3.54 8.11 8.61
CA ASP A 49 2.99 9.44 8.44
C ASP A 49 2.17 9.48 7.13
N VAL A 50 1.26 10.44 7.08
CA VAL A 50 0.42 10.59 5.90
C VAL A 50 0.25 12.08 5.61
N LYS A 51 0.38 12.43 4.34
CA LYS A 51 0.25 13.80 3.91
C LYS A 51 -0.97 13.92 2.97
N SER A 52 -1.63 15.07 3.06
CA SER A 52 -2.79 15.32 2.22
C SER A 52 -2.40 16.19 1.02
N GLU A 53 -2.44 15.56 -0.15
CA GLU A 53 -2.10 16.26 -1.38
C GLU A 53 -3.34 16.45 -2.25
N GLY A 54 -3.96 17.62 -2.08
CA GLY A 54 -5.17 17.93 -2.83
C GLY A 54 -6.33 17.02 -2.43
N ASP A 55 -6.61 16.05 -3.28
CA ASP A 55 -7.69 15.12 -3.02
C ASP A 55 -7.12 13.70 -2.92
N LEU A 56 -5.82 13.60 -3.15
CA LEU A 56 -5.14 12.32 -3.10
C LEU A 56 -4.52 12.13 -1.71
N ILE A 57 -4.25 10.88 -1.38
CA ILE A 57 -3.66 10.56 -0.09
C ILE A 57 -2.18 10.19 -0.29
N ILE A 58 -1.35 10.70 0.61
CA ILE A 58 0.08 10.43 0.55
C ILE A 58 0.50 9.65 1.79
N ALA A 59 1.21 8.55 1.56
CA ALA A 59 1.68 7.72 2.65
C ALA A 59 3.19 7.92 2.82
N SER A 60 3.60 8.01 4.07
CA SER A 60 5.01 8.20 4.39
C SER A 60 5.58 6.92 5.02
N ILE A 61 6.36 6.22 4.21
CA ILE A 61 6.98 4.99 4.67
C ILE A 61 8.49 5.10 4.53
N PRO A 62 9.22 4.32 5.38
CA PRO A 62 10.66 4.32 5.36
C PRO A 62 11.20 3.54 4.15
N GLY A 63 12.16 4.17 3.47
CA GLY A 63 12.75 3.55 2.30
C GLY A 63 12.16 4.13 1.02
N ILE A 64 10.94 4.62 1.14
CA ILE A 64 10.25 5.20 0.00
C ILE A 64 10.21 6.72 0.15
N SER A 65 10.21 7.41 -0.98
CA SER A 65 10.17 8.86 -0.98
C SER A 65 8.72 9.34 -0.83
N ARG A 66 7.90 8.98 -1.81
CA ARG A 66 6.51 9.37 -1.79
C ARG A 66 5.67 8.39 -2.61
N ILE A 67 4.49 8.08 -2.10
CA ILE A 67 3.60 7.16 -2.78
C ILE A 67 2.15 7.67 -2.63
N GLU A 68 1.34 7.35 -3.64
CA GLU A 68 -0.04 7.76 -3.64
C GLU A 68 -0.95 6.54 -3.55
N ILE A 69 -1.97 6.65 -2.70
CA ILE A 69 -2.92 5.57 -2.51
C ILE A 69 -4.32 6.07 -2.85
N LYS A 70 -5.11 5.16 -3.42
CA LYS A 70 -6.48 5.50 -3.80
C LYS A 70 -7.39 4.34 -3.43
N PRO A 71 -7.93 4.40 -2.18
CA PRO A 71 -8.83 3.36 -1.70
C PRO A 71 -10.21 3.49 -2.34
N ASP A 72 -10.65 2.39 -2.93
CA ASP A 72 -11.95 2.37 -3.58
C ASP A 72 -12.79 1.23 -3.00
N LYS A 73 -14.10 1.42 -3.04
CA LYS A 73 -15.02 0.42 -2.52
C LYS A 73 -14.76 -0.92 -3.22
N ARG A 74 -14.27 -0.83 -4.44
CA ARG A 74 -13.98 -2.02 -5.22
C ARG A 74 -12.58 -2.56 -4.86
N LYS A 75 -11.59 -1.74 -5.13
CA LYS A 75 -10.21 -2.12 -4.84
C LYS A 75 -9.38 -0.86 -4.59
N ILE A 76 -8.07 -1.04 -4.60
CA ILE A 76 -7.15 0.07 -4.37
C ILE A 76 -5.95 -0.07 -5.30
N LEU A 77 -5.22 1.03 -5.42
CA LEU A 77 -4.03 1.03 -6.28
C LEU A 77 -2.99 1.98 -5.69
N VAL A 78 -1.74 1.71 -6.00
CA VAL A 78 -0.64 2.52 -5.51
C VAL A 78 0.30 2.86 -6.67
N ASN A 79 0.88 4.04 -6.59
CA ASN A 79 1.80 4.49 -7.62
C ASN A 79 3.07 5.04 -6.96
N THR A 80 4.20 4.50 -7.38
CA THR A 80 5.48 4.94 -6.84
C THR A 80 6.24 5.77 -7.87
N GLY A 81 6.93 6.78 -7.38
CA GLY A 81 7.70 7.67 -8.24
C GLY A 81 9.05 7.04 -8.58
N ASP A 82 10.00 7.23 -7.67
CA ASP A 82 11.34 6.70 -7.87
C ASP A 82 11.92 6.30 -6.51
N TYR A 83 12.05 4.99 -6.31
CA TYR A 83 12.59 4.46 -5.07
C TYR A 83 14.06 4.82 -4.93
N ASP A 84 14.51 4.85 -3.68
CA ASP A 84 15.89 5.18 -3.39
C ASP A 84 16.78 4.01 -3.82
N SER A 85 17.51 4.22 -4.90
CA SER A 85 18.40 3.20 -5.43
C SER A 85 19.37 2.75 -4.34
N ASP A 86 19.86 3.73 -3.58
CA ASP A 86 20.80 3.45 -2.51
C ASP A 86 20.20 2.39 -1.58
N ALA A 87 18.95 2.61 -1.20
CA ALA A 87 18.26 1.70 -0.32
C ALA A 87 17.88 0.44 -1.10
N ASP A 88 18.16 -0.70 -0.50
CA ASP A 88 17.86 -1.98 -1.11
C ASP A 88 16.39 -2.00 -1.53
N LYS A 89 16.16 -1.87 -2.83
CA LYS A 89 14.82 -1.87 -3.36
C LYS A 89 14.06 -3.08 -2.83
N LEU A 90 14.82 -4.12 -2.52
CA LEU A 90 14.24 -5.34 -1.99
C LEU A 90 13.84 -5.13 -0.53
N ALA A 91 14.63 -4.31 0.15
CA ALA A 91 14.36 -4.02 1.56
C ALA A 91 13.16 -3.08 1.65
N VAL A 92 13.22 -1.99 0.90
CA VAL A 92 12.15 -1.02 0.89
C VAL A 92 10.86 -1.69 0.42
N VAL A 93 11.02 -2.64 -0.49
CA VAL A 93 9.88 -3.36 -1.02
C VAL A 93 9.29 -4.26 0.06
N ARG A 94 10.17 -4.83 0.86
CA ARG A 94 9.75 -5.70 1.95
C ARG A 94 8.91 -4.92 2.96
N THR A 95 9.24 -3.64 3.09
CA THR A 95 8.53 -2.78 4.02
C THR A 95 7.28 -2.20 3.36
N TYR A 96 7.35 -2.01 2.05
CA TYR A 96 6.24 -1.47 1.30
C TYR A 96 5.15 -2.53 1.10
N ASN A 97 5.60 -3.76 0.85
CA ASN A 97 4.67 -4.86 0.65
C ASN A 97 3.98 -5.19 1.97
N ASP A 98 4.80 -5.29 3.02
CA ASP A 98 4.29 -5.60 4.34
C ASP A 98 3.25 -4.56 4.75
N PHE A 99 3.50 -3.33 4.31
CA PHE A 99 2.59 -2.23 4.61
C PHE A 99 1.24 -2.42 3.91
N ILE A 100 1.33 -2.81 2.65
CA ILE A 100 0.13 -3.02 1.85
C ILE A 100 -0.53 -4.32 2.27
N GLU A 101 0.27 -5.38 2.32
CA GLU A 101 -0.23 -6.69 2.71
C GLU A 101 -1.09 -6.57 3.97
N LYS A 102 -0.73 -5.61 4.82
CA LYS A 102 -1.45 -5.39 6.06
C LYS A 102 -2.61 -4.42 5.80
N LEU A 103 -2.41 -3.56 4.82
CA LEU A 103 -3.42 -2.58 4.46
C LEU A 103 -4.54 -3.28 3.69
N THR A 104 -4.15 -4.26 2.89
CA THR A 104 -5.11 -5.01 2.10
C THR A 104 -5.42 -6.35 2.76
N GLY A 105 -4.36 -6.96 3.27
CA GLY A 105 -4.49 -8.26 3.93
C GLY A 105 -3.98 -9.38 3.02
N TYR A 106 -4.19 -9.20 1.73
CA TYR A 106 -3.77 -10.19 0.75
C TYR A 106 -2.26 -10.39 0.80
N SER A 107 -1.84 -11.62 0.58
CA SER A 107 -0.43 -11.96 0.58
C SER A 107 0.05 -12.28 -0.84
N ALA A 108 1.36 -12.26 -1.01
CA ALA A 108 1.95 -12.54 -2.31
C ALA A 108 1.54 -13.94 -2.75
N LYS A 109 1.39 -14.82 -1.77
CA LYS A 109 1.00 -16.19 -2.05
C LYS A 109 -0.40 -16.21 -2.67
N GLU A 110 -1.20 -15.23 -2.27
CA GLU A 110 -2.56 -15.12 -2.77
C GLU A 110 -2.55 -14.95 -4.29
N ARG A 111 -1.50 -14.29 -4.77
CA ARG A 111 -1.35 -14.04 -6.19
C ARG A 111 -1.55 -15.34 -6.98
N LYS A 112 -1.15 -16.44 -6.35
CA LYS A 112 -1.27 -17.74 -6.97
C LYS A 112 -2.73 -17.97 -7.37
N LYS A 113 -3.62 -17.64 -6.45
CA LYS A 113 -5.05 -17.81 -6.69
C LYS A 113 -5.38 -17.32 -8.11
N MET A 114 -4.99 -16.09 -8.39
CA MET A 114 -5.24 -15.51 -9.69
C MET A 114 -4.27 -16.06 -10.74
N MET A 115 -3.16 -16.58 -10.25
CA MET A 115 -2.15 -17.15 -11.13
C MET A 115 -2.43 -18.64 -11.39
N THR A 116 -3.58 -19.09 -10.92
CA THR A 116 -3.97 -20.47 -11.10
C THR A 116 -4.88 -20.61 -12.33
N LYS A 117 -5.80 -19.66 -12.45
CA LYS A 117 -6.74 -19.67 -13.56
C LYS A 117 -5.96 -19.56 -14.87
N ASP A 118 -5.17 -18.50 -14.97
CA ASP A 118 -4.38 -18.27 -16.17
C ASP A 118 -3.80 -19.59 -16.64
N MET A 23 2.19 1.48 -11.73
CA MET A 23 1.15 1.42 -10.72
C MET A 23 0.58 -0.01 -10.61
N ARG A 24 0.68 -0.56 -9.42
CA ARG A 24 0.17 -1.89 -9.17
C ARG A 24 -1.12 -1.84 -8.34
N GLU A 25 -2.14 -2.50 -8.87
CA GLU A 25 -3.43 -2.53 -8.20
C GLU A 25 -3.51 -3.72 -7.24
N TYR A 26 -3.95 -3.43 -6.02
CA TYR A 26 -4.07 -4.46 -5.01
C TYR A 26 -5.54 -4.69 -4.63
N PRO A 27 -5.85 -5.96 -4.28
CA PRO A 27 -7.20 -6.32 -3.89
C PRO A 27 -7.52 -5.82 -2.49
N VAL A 28 -8.81 -5.87 -2.16
CA VAL A 28 -9.26 -5.42 -0.85
C VAL A 28 -10.01 -6.56 -0.16
N LYS A 29 -9.70 -6.76 1.11
CA LYS A 29 -10.34 -7.80 1.89
C LYS A 29 -11.75 -7.36 2.26
N LYS A 30 -12.65 -8.34 2.33
CA LYS A 30 -14.04 -8.07 2.66
C LYS A 30 -14.13 -7.70 4.15
N GLY A 31 -14.34 -6.41 4.38
CA GLY A 31 -14.45 -5.91 5.74
C GLY A 31 -13.41 -4.82 6.02
N PHE A 32 -12.20 -5.09 5.58
CA PHE A 32 -11.11 -4.15 5.76
C PHE A 32 -11.56 -2.72 5.46
N PRO A 33 -10.78 -1.74 6.00
CA PRO A 33 -11.10 -0.34 5.79
C PRO A 33 -10.73 0.10 4.37
N THR A 34 -11.57 0.97 3.81
CA THR A 34 -11.34 1.46 2.47
C THR A 34 -11.60 2.97 2.42
N ASP A 35 -11.37 3.62 3.54
CA ASP A 35 -11.58 5.06 3.63
C ASP A 35 -10.25 5.74 3.95
N TYR A 36 -10.11 6.96 3.43
CA TYR A 36 -8.89 7.73 3.65
C TYR A 36 -8.55 7.81 5.13
N ASP A 37 -9.54 8.22 5.91
CA ASP A 37 -9.36 8.35 7.36
C ASP A 37 -9.01 6.98 7.94
N SER A 38 -9.85 6.00 7.63
CA SER A 38 -9.64 4.66 8.12
C SER A 38 -8.20 4.22 7.85
N ILE A 39 -7.79 4.35 6.60
CA ILE A 39 -6.45 3.97 6.20
C ILE A 39 -5.44 4.88 6.91
N LYS A 40 -5.80 6.15 6.99
CA LYS A 40 -4.94 7.13 7.63
C LYS A 40 -4.55 6.62 9.02
N ARG A 41 -5.52 5.99 9.67
CA ARG A 41 -5.29 5.46 11.00
C ARG A 41 -4.48 4.16 10.93
N LYS A 42 -4.78 3.37 9.92
CA LYS A 42 -4.09 2.10 9.71
C LYS A 42 -2.62 2.38 9.41
N ILE A 43 -2.37 3.52 8.78
CA ILE A 43 -1.01 3.91 8.44
C ILE A 43 -0.26 4.28 9.72
N SER A 44 -0.83 5.22 10.46
CA SER A 44 -0.23 5.66 11.69
C SER A 44 -0.26 4.55 12.73
N GLU A 45 -1.28 3.72 12.63
CA GLU A 45 -1.44 2.61 13.56
C GLU A 45 -0.25 1.64 13.44
N LEU A 46 0.36 1.66 12.27
CA LEU A 46 1.51 0.81 12.01
C LEU A 46 2.78 1.53 12.43
N GLY A 47 2.71 2.86 12.44
CA GLY A 47 3.85 3.67 12.82
C GLY A 47 4.35 4.49 11.62
N PHE A 48 3.41 4.86 10.76
CA PHE A 48 3.75 5.64 9.57
C PHE A 48 3.04 6.99 9.59
N ASP A 49 3.34 7.80 8.58
CA ASP A 49 2.74 9.11 8.48
C ASP A 49 1.93 9.19 7.17
N VAL A 50 1.05 10.17 7.11
CA VAL A 50 0.22 10.36 5.94
C VAL A 50 0.12 11.86 5.63
N LYS A 51 0.33 12.19 4.37
CA LYS A 51 0.27 13.58 3.93
C LYS A 51 -0.93 13.76 2.99
N SER A 52 -1.55 14.92 3.10
CA SER A 52 -2.70 15.23 2.28
C SER A 52 -2.33 16.26 1.21
N GLU A 53 -2.07 15.77 0.01
CA GLU A 53 -1.69 16.63 -1.09
C GLU A 53 -2.89 16.85 -2.03
N GLY A 54 -3.63 17.90 -1.76
CA GLY A 54 -4.80 18.22 -2.57
C GLY A 54 -5.99 17.35 -2.18
N ASP A 55 -6.35 16.45 -3.09
CA ASP A 55 -7.47 15.55 -2.85
C ASP A 55 -6.97 14.11 -2.80
N LEU A 56 -5.67 13.96 -3.07
CA LEU A 56 -5.05 12.65 -3.05
C LEU A 56 -4.41 12.41 -1.68
N ILE A 57 -4.19 11.13 -1.39
CA ILE A 57 -3.60 10.74 -0.12
C ILE A 57 -2.16 10.28 -0.36
N ILE A 58 -1.29 10.70 0.54
CA ILE A 58 0.12 10.33 0.45
C ILE A 58 0.52 9.54 1.69
N ALA A 59 1.29 8.48 1.45
CA ALA A 59 1.75 7.64 2.54
C ALA A 59 3.22 7.92 2.82
N SER A 60 3.58 7.85 4.09
CA SER A 60 4.96 8.09 4.50
C SER A 60 5.56 6.82 5.09
N ILE A 61 6.34 6.14 4.25
CA ILE A 61 7.00 4.91 4.68
C ILE A 61 8.51 5.04 4.51
N PRO A 62 9.26 4.28 5.35
CA PRO A 62 10.70 4.31 5.30
C PRO A 62 11.23 3.55 4.08
N GLY A 63 12.21 4.14 3.42
CA GLY A 63 12.81 3.52 2.25
C GLY A 63 12.24 4.13 0.96
N ILE A 64 11.03 4.66 1.08
CA ILE A 64 10.36 5.27 -0.05
C ILE A 64 10.35 6.79 0.13
N SER A 65 10.12 7.48 -0.98
CA SER A 65 10.08 8.93 -0.96
C SER A 65 8.63 9.40 -0.80
N ARG A 66 7.82 9.06 -1.79
CA ARG A 66 6.42 9.45 -1.77
C ARG A 66 5.59 8.48 -2.61
N ILE A 67 4.44 8.11 -2.07
CA ILE A 67 3.55 7.19 -2.76
C ILE A 67 2.11 7.71 -2.65
N GLU A 68 1.32 7.36 -3.65
CA GLU A 68 -0.07 7.79 -3.70
C GLU A 68 -1.00 6.59 -3.44
N ILE A 69 -2.00 6.83 -2.62
CA ILE A 69 -2.97 5.79 -2.29
C ILE A 69 -4.36 6.23 -2.74
N LYS A 70 -5.07 5.30 -3.36
CA LYS A 70 -6.41 5.58 -3.85
C LYS A 70 -7.35 4.44 -3.41
N PRO A 71 -7.94 4.61 -2.20
CA PRO A 71 -8.85 3.61 -1.67
C PRO A 71 -10.20 3.68 -2.37
N ASP A 72 -10.70 2.50 -2.73
CA ASP A 72 -11.98 2.41 -3.41
C ASP A 72 -12.73 1.19 -2.90
N LYS A 73 -14.05 1.28 -2.93
CA LYS A 73 -14.91 0.20 -2.47
C LYS A 73 -14.57 -1.07 -3.26
N ARG A 74 -14.41 -0.89 -4.56
CA ARG A 74 -14.08 -2.00 -5.44
C ARG A 74 -12.71 -2.57 -5.09
N LYS A 75 -11.69 -1.76 -5.33
CA LYS A 75 -10.32 -2.16 -5.06
C LYS A 75 -9.47 -0.92 -4.79
N ILE A 76 -8.20 -1.16 -4.50
CA ILE A 76 -7.27 -0.07 -4.22
C ILE A 76 -6.06 -0.20 -5.14
N LEU A 77 -5.35 0.90 -5.29
CA LEU A 77 -4.16 0.93 -6.12
C LEU A 77 -3.14 1.89 -5.52
N VAL A 78 -1.87 1.63 -5.84
CA VAL A 78 -0.79 2.45 -5.32
C VAL A 78 0.16 2.79 -6.48
N ASN A 79 0.76 3.98 -6.37
CA ASN A 79 1.68 4.43 -7.40
C ASN A 79 2.90 5.07 -6.72
N THR A 80 4.07 4.59 -7.11
CA THR A 80 5.32 5.11 -6.55
C THR A 80 5.91 6.18 -7.47
N GLY A 81 6.80 6.96 -6.90
CA GLY A 81 7.45 8.03 -7.65
C GLY A 81 8.92 7.69 -7.91
N ASP A 82 9.70 7.76 -6.84
CA ASP A 82 11.13 7.47 -6.93
C ASP A 82 11.55 6.60 -5.74
N TYR A 83 12.34 5.59 -6.05
CA TYR A 83 12.81 4.67 -5.01
C TYR A 83 14.30 4.89 -4.75
N ASP A 84 14.73 4.44 -3.56
CA ASP A 84 16.12 4.58 -3.18
C ASP A 84 16.93 3.44 -3.79
N SER A 85 17.55 3.74 -4.93
CA SER A 85 18.36 2.76 -5.63
C SER A 85 19.45 2.21 -4.70
N ASP A 86 20.00 3.12 -3.90
CA ASP A 86 21.05 2.75 -2.96
C ASP A 86 20.52 1.67 -2.01
N ALA A 87 19.25 1.80 -1.68
CA ALA A 87 18.61 0.84 -0.78
C ALA A 87 18.16 -0.37 -1.57
N ASP A 88 18.21 -1.52 -0.93
CA ASP A 88 17.81 -2.77 -1.57
C ASP A 88 16.37 -2.63 -2.07
N LYS A 89 16.24 -2.50 -3.38
CA LYS A 89 14.94 -2.36 -3.99
C LYS A 89 14.03 -3.50 -3.51
N LEU A 90 14.65 -4.62 -3.20
CA LEU A 90 13.92 -5.78 -2.73
C LEU A 90 13.54 -5.58 -1.26
N ALA A 91 14.39 -4.83 -0.57
CA ALA A 91 14.15 -4.55 0.84
C ALA A 91 12.99 -3.55 0.98
N VAL A 92 13.12 -2.45 0.26
CA VAL A 92 12.11 -1.41 0.28
C VAL A 92 10.78 -1.99 -0.19
N VAL A 93 10.87 -2.87 -1.17
CA VAL A 93 9.70 -3.51 -1.73
C VAL A 93 9.08 -4.44 -0.68
N ARG A 94 9.95 -5.08 0.08
CA ARG A 94 9.51 -5.99 1.12
C ARG A 94 8.77 -5.23 2.21
N THR A 95 9.18 -3.98 2.41
CA THR A 95 8.57 -3.14 3.42
C THR A 95 7.34 -2.44 2.84
N TYR A 96 7.40 -2.14 1.56
CA TYR A 96 6.31 -1.46 0.88
C TYR A 96 5.13 -2.41 0.70
N ASN A 97 5.45 -3.67 0.45
CA ASN A 97 4.42 -4.68 0.25
C ASN A 97 3.84 -5.09 1.62
N ASP A 98 4.72 -5.16 2.59
CA ASP A 98 4.32 -5.54 3.94
C ASP A 98 3.20 -4.60 4.41
N PHE A 99 3.33 -3.34 4.03
CA PHE A 99 2.35 -2.34 4.40
C PHE A 99 0.99 -2.66 3.79
N ILE A 100 0.99 -2.84 2.47
CA ILE A 100 -0.23 -3.15 1.76
C ILE A 100 -0.82 -4.46 2.30
N GLU A 101 0.07 -5.34 2.72
CA GLU A 101 -0.35 -6.62 3.26
C GLU A 101 -1.33 -6.42 4.42
N LYS A 102 -0.99 -5.46 5.28
CA LYS A 102 -1.83 -5.15 6.42
C LYS A 102 -2.87 -4.10 6.03
N LEU A 103 -2.55 -3.37 4.97
CA LEU A 103 -3.44 -2.33 4.48
C LEU A 103 -4.66 -2.98 3.82
N THR A 104 -4.38 -4.03 3.05
CA THR A 104 -5.43 -4.75 2.35
C THR A 104 -5.71 -6.08 3.04
N GLY A 105 -4.64 -6.69 3.54
CA GLY A 105 -4.76 -7.97 4.23
C GLY A 105 -4.13 -9.09 3.39
N TYR A 106 -4.28 -8.96 2.08
CA TYR A 106 -3.74 -9.95 1.16
C TYR A 106 -2.21 -9.99 1.25
N SER A 107 -1.67 -11.20 1.06
CA SER A 107 -0.23 -11.39 1.10
C SER A 107 0.31 -11.65 -0.30
N ALA A 108 1.62 -11.57 -0.42
CA ALA A 108 2.28 -11.80 -1.70
C ALA A 108 2.06 -13.26 -2.13
N LYS A 109 1.98 -14.12 -1.12
CA LYS A 109 1.78 -15.53 -1.38
C LYS A 109 0.40 -15.74 -2.02
N GLU A 110 -0.50 -14.80 -1.72
CA GLU A 110 -1.85 -14.87 -2.26
C GLU A 110 -1.84 -14.66 -3.77
N ARG A 111 -0.87 -13.86 -4.21
CA ARG A 111 -0.73 -13.57 -5.63
C ARG A 111 -0.81 -14.86 -6.45
N LYS A 112 -0.35 -15.94 -5.83
CA LYS A 112 -0.36 -17.24 -6.49
C LYS A 112 -1.75 -17.52 -7.04
N LYS A 113 -2.76 -17.11 -6.28
CA LYS A 113 -4.13 -17.30 -6.68
C LYS A 113 -4.38 -16.63 -8.03
N MET A 114 -3.46 -15.73 -8.38
CA MET A 114 -3.55 -15.02 -9.64
C MET A 114 -2.97 -15.84 -10.79
N MET A 115 -1.70 -16.20 -10.63
CA MET A 115 -1.01 -16.98 -11.64
C MET A 115 -1.45 -18.44 -11.58
N THR A 116 -2.14 -18.79 -10.51
CA THR A 116 -2.62 -20.15 -10.32
C THR A 116 -4.05 -20.14 -9.78
N LYS A 117 -4.99 -20.45 -10.68
CA LYS A 117 -6.38 -20.48 -10.31
C LYS A 117 -6.65 -21.68 -9.39
N ASP A 118 -7.36 -21.42 -8.32
CA ASP A 118 -7.69 -22.46 -7.36
C ASP A 118 -8.59 -21.89 -6.27
N MET A 23 3.25 0.80 -11.49
CA MET A 23 2.05 0.80 -10.67
C MET A 23 1.51 -0.63 -10.51
N ARG A 24 1.36 -1.03 -9.26
CA ARG A 24 0.86 -2.35 -8.96
C ARG A 24 -0.56 -2.27 -8.36
N GLU A 25 -1.41 -3.17 -8.81
CA GLU A 25 -2.78 -3.21 -8.34
C GLU A 25 -2.95 -4.30 -7.28
N TYR A 26 -3.60 -3.93 -6.18
CA TYR A 26 -3.83 -4.87 -5.10
C TYR A 26 -5.32 -4.94 -4.76
N PRO A 27 -5.75 -6.15 -4.34
CA PRO A 27 -7.14 -6.38 -3.97
C PRO A 27 -7.45 -5.76 -2.60
N VAL A 28 -8.63 -6.08 -2.10
CA VAL A 28 -9.07 -5.57 -0.81
C VAL A 28 -9.89 -6.64 -0.10
N LYS A 29 -9.39 -7.05 1.06
CA LYS A 29 -10.08 -8.06 1.85
C LYS A 29 -11.42 -7.52 2.32
N LYS A 30 -12.40 -8.41 2.39
CA LYS A 30 -13.73 -8.03 2.82
C LYS A 30 -13.71 -7.68 4.32
N GLY A 31 -13.80 -6.39 4.58
CA GLY A 31 -13.79 -5.92 5.96
C GLY A 31 -12.64 -4.93 6.19
N PHE A 32 -11.47 -5.28 5.65
CA PHE A 32 -10.30 -4.44 5.79
C PHE A 32 -10.65 -2.97 5.54
N PRO A 33 -9.74 -2.08 6.02
CA PRO A 33 -9.94 -0.65 5.86
C PRO A 33 -9.65 -0.22 4.43
N THR A 34 -10.62 0.47 3.84
CA THR A 34 -10.48 0.95 2.47
C THR A 34 -10.90 2.42 2.37
N ASP A 35 -10.65 3.14 3.46
CA ASP A 35 -11.00 4.56 3.51
C ASP A 35 -9.74 5.36 3.84
N TYR A 36 -9.74 6.61 3.38
CA TYR A 36 -8.61 7.49 3.63
C TYR A 36 -8.28 7.55 5.11
N ASP A 37 -9.28 7.91 5.90
CA ASP A 37 -9.11 8.00 7.34
C ASP A 37 -8.70 6.63 7.90
N SER A 38 -9.48 5.62 7.52
CA SER A 38 -9.21 4.27 7.98
C SER A 38 -7.74 3.91 7.74
N ILE A 39 -7.30 4.11 6.50
CA ILE A 39 -5.92 3.83 6.13
C ILE A 39 -5.00 4.85 6.82
N LYS A 40 -5.51 6.07 6.94
CA LYS A 40 -4.74 7.13 7.57
C LYS A 40 -4.31 6.70 8.97
N ARG A 41 -5.23 6.01 9.64
CA ARG A 41 -4.96 5.54 10.99
C ARG A 41 -4.01 4.34 10.95
N LYS A 42 -4.13 3.56 9.90
CA LYS A 42 -3.29 2.39 9.72
C LYS A 42 -1.84 2.84 9.56
N ILE A 43 -1.64 3.81 8.69
CA ILE A 43 -0.31 4.34 8.45
C ILE A 43 0.34 4.74 9.77
N SER A 44 -0.37 5.55 10.52
CA SER A 44 0.12 6.02 11.81
C SER A 44 0.17 4.85 12.79
N GLU A 45 -0.88 4.05 12.78
CA GLU A 45 -0.96 2.90 13.66
C GLU A 45 0.21 1.95 13.42
N LEU A 46 0.76 2.04 12.22
CA LEU A 46 1.89 1.21 11.84
C LEU A 46 3.19 1.92 12.23
N GLY A 47 3.11 3.23 12.29
CA GLY A 47 4.27 4.04 12.65
C GLY A 47 4.73 4.88 11.46
N PHE A 48 3.80 5.11 10.54
CA PHE A 48 4.10 5.90 9.35
C PHE A 48 3.32 7.22 9.37
N ASP A 49 3.62 8.04 8.37
CA ASP A 49 2.94 9.34 8.26
C ASP A 49 2.10 9.35 6.99
N VAL A 50 1.10 10.22 6.99
CA VAL A 50 0.21 10.34 5.86
C VAL A 50 -0.09 11.82 5.61
N LYS A 51 0.07 12.23 4.36
CA LYS A 51 -0.18 13.61 3.98
C LYS A 51 -1.40 13.67 3.05
N SER A 52 -2.17 14.74 3.21
CA SER A 52 -3.36 14.93 2.39
C SER A 52 -3.05 15.89 1.23
N GLU A 53 -2.77 15.31 0.08
CA GLU A 53 -2.46 16.09 -1.10
C GLU A 53 -3.73 16.31 -1.92
N GLY A 54 -4.36 17.45 -1.69
CA GLY A 54 -5.57 17.81 -2.41
C GLY A 54 -6.72 16.85 -2.04
N ASP A 55 -7.00 15.93 -2.95
CA ASP A 55 -8.06 14.96 -2.74
C ASP A 55 -7.46 13.55 -2.75
N LEU A 56 -6.16 13.50 -2.99
CA LEU A 56 -5.45 12.22 -3.03
C LEU A 56 -4.81 11.95 -1.67
N ILE A 57 -4.44 10.70 -1.47
CA ILE A 57 -3.82 10.29 -0.21
C ILE A 57 -2.33 9.99 -0.47
N ILE A 58 -1.51 10.39 0.49
CA ILE A 58 -0.08 10.17 0.39
C ILE A 58 0.39 9.39 1.62
N ALA A 59 1.17 8.34 1.35
CA ALA A 59 1.69 7.50 2.41
C ALA A 59 3.16 7.84 2.65
N SER A 60 3.52 7.99 3.91
CA SER A 60 4.89 8.32 4.28
C SER A 60 5.55 7.10 4.93
N ILE A 61 6.41 6.46 4.16
CA ILE A 61 7.13 5.29 4.63
C ILE A 61 8.63 5.51 4.48
N PRO A 62 9.40 4.82 5.36
CA PRO A 62 10.85 4.93 5.33
C PRO A 62 11.45 4.16 4.16
N GLY A 63 12.35 4.82 3.44
CA GLY A 63 12.98 4.20 2.30
C GLY A 63 12.36 4.69 0.99
N ILE A 64 11.11 5.12 1.09
CA ILE A 64 10.39 5.62 -0.07
C ILE A 64 10.27 7.14 0.02
N SER A 65 10.17 7.77 -1.14
CA SER A 65 10.05 9.21 -1.21
C SER A 65 8.58 9.62 -1.05
N ARG A 66 7.77 9.19 -2.00
CA ARG A 66 6.36 9.50 -1.97
C ARG A 66 5.56 8.44 -2.75
N ILE A 67 4.43 8.07 -2.17
CA ILE A 67 3.57 7.06 -2.80
C ILE A 67 2.11 7.50 -2.67
N GLU A 68 1.33 7.11 -3.66
CA GLU A 68 -0.09 7.45 -3.66
C GLU A 68 -0.94 6.19 -3.44
N ILE A 69 -2.04 6.39 -2.72
CA ILE A 69 -2.94 5.29 -2.44
C ILE A 69 -4.35 5.66 -2.88
N LYS A 70 -4.91 4.81 -3.74
CA LYS A 70 -6.25 5.04 -4.25
C LYS A 70 -7.16 3.91 -3.79
N PRO A 71 -7.78 4.10 -2.60
CA PRO A 71 -8.68 3.11 -2.04
C PRO A 71 -10.02 3.10 -2.77
N ASP A 72 -10.40 1.92 -3.26
CA ASP A 72 -11.65 1.78 -3.97
C ASP A 72 -12.41 0.59 -3.41
N LYS A 73 -13.74 0.72 -3.40
CA LYS A 73 -14.59 -0.33 -2.89
C LYS A 73 -14.29 -1.64 -3.63
N ARG A 74 -14.13 -1.52 -4.94
CA ARG A 74 -13.83 -2.67 -5.77
C ARG A 74 -12.47 -3.25 -5.40
N LYS A 75 -11.44 -2.44 -5.61
CA LYS A 75 -10.09 -2.86 -5.30
C LYS A 75 -9.23 -1.63 -4.99
N ILE A 76 -7.94 -1.87 -4.83
CA ILE A 76 -7.01 -0.79 -4.53
C ILE A 76 -5.81 -0.88 -5.49
N LEU A 77 -5.14 0.26 -5.63
CA LEU A 77 -3.97 0.32 -6.51
C LEU A 77 -2.91 1.21 -5.86
N VAL A 78 -1.67 0.95 -6.25
CA VAL A 78 -0.55 1.71 -5.72
C VAL A 78 0.28 2.28 -6.88
N ASN A 79 0.69 3.53 -6.72
CA ASN A 79 1.49 4.20 -7.73
C ASN A 79 2.71 4.83 -7.08
N THR A 80 3.88 4.37 -7.50
CA THR A 80 5.13 4.89 -6.97
C THR A 80 5.87 5.67 -8.03
N GLY A 81 6.99 6.27 -7.62
CA GLY A 81 7.80 7.05 -8.53
C GLY A 81 9.21 6.47 -8.64
N ASP A 82 10.07 6.90 -7.73
CA ASP A 82 11.44 6.43 -7.72
C ASP A 82 11.89 6.22 -6.27
N TYR A 83 12.54 5.09 -6.04
CA TYR A 83 13.03 4.75 -4.71
C TYR A 83 14.48 5.21 -4.52
N ASP A 84 14.86 5.35 -3.26
CA ASP A 84 16.21 5.78 -2.93
C ASP A 84 17.20 4.68 -3.32
N SER A 85 17.91 4.93 -4.40
CA SER A 85 18.89 3.96 -4.89
C SER A 85 19.88 3.62 -3.77
N ASP A 86 20.22 4.63 -2.99
CA ASP A 86 21.15 4.46 -1.88
C ASP A 86 20.64 3.34 -0.97
N ALA A 87 19.41 3.50 -0.54
CA ALA A 87 18.79 2.52 0.34
C ALA A 87 18.56 1.22 -0.43
N ASP A 88 18.51 0.12 0.31
CA ASP A 88 18.30 -1.19 -0.29
C ASP A 88 16.84 -1.29 -0.75
N LYS A 89 16.63 -1.06 -2.03
CA LYS A 89 15.30 -1.13 -2.60
C LYS A 89 14.68 -2.50 -2.28
N LEU A 90 15.55 -3.48 -2.16
CA LEU A 90 15.10 -4.83 -1.85
C LEU A 90 14.71 -4.92 -0.38
N ALA A 91 15.41 -4.12 0.43
CA ALA A 91 15.14 -4.10 1.86
C ALA A 91 13.84 -3.32 2.12
N VAL A 92 13.79 -2.12 1.55
CA VAL A 92 12.62 -1.27 1.71
C VAL A 92 11.40 -1.99 1.12
N VAL A 93 11.64 -2.66 0.01
CA VAL A 93 10.57 -3.38 -0.66
C VAL A 93 9.85 -4.28 0.34
N ARG A 94 10.63 -4.81 1.28
CA ARG A 94 10.09 -5.69 2.30
C ARG A 94 9.15 -4.91 3.22
N THR A 95 9.45 -3.63 3.38
CA THR A 95 8.65 -2.77 4.23
C THR A 95 7.47 -2.18 3.44
N TYR A 96 7.75 -1.88 2.18
CA TYR A 96 6.72 -1.32 1.31
C TYR A 96 5.66 -2.36 0.96
N ASN A 97 6.10 -3.60 0.89
CA ASN A 97 5.20 -4.70 0.57
C ASN A 97 4.38 -5.06 1.80
N ASP A 98 5.02 -4.99 2.96
CA ASP A 98 4.37 -5.30 4.21
C ASP A 98 3.29 -4.25 4.48
N PHE A 99 3.60 -3.02 4.12
CA PHE A 99 2.67 -1.92 4.32
C PHE A 99 1.37 -2.14 3.52
N ILE A 100 1.55 -2.62 2.30
CA ILE A 100 0.42 -2.89 1.43
C ILE A 100 -0.26 -4.18 1.86
N GLU A 101 0.56 -5.20 2.08
CA GLU A 101 0.06 -6.50 2.50
C GLU A 101 -0.94 -6.33 3.65
N LYS A 102 -0.66 -5.33 4.48
CA LYS A 102 -1.52 -5.06 5.62
C LYS A 102 -2.71 -4.19 5.18
N LEU A 103 -2.48 -3.43 4.12
CA LEU A 103 -3.51 -2.56 3.58
C LEU A 103 -4.42 -3.36 2.65
N THR A 104 -3.92 -4.53 2.25
CA THR A 104 -4.68 -5.40 1.37
C THR A 104 -5.14 -6.65 2.12
N GLY A 105 -4.23 -7.21 2.89
CA GLY A 105 -4.52 -8.40 3.67
C GLY A 105 -4.44 -9.66 2.79
N TYR A 106 -4.02 -9.45 1.55
CA TYR A 106 -3.89 -10.55 0.61
C TYR A 106 -2.43 -10.98 0.48
N SER A 107 -2.20 -12.27 0.68
CA SER A 107 -0.86 -12.82 0.57
C SER A 107 -0.55 -13.17 -0.87
N ALA A 108 0.74 -13.23 -1.18
CA ALA A 108 1.17 -13.56 -2.53
C ALA A 108 0.62 -14.93 -2.92
N LYS A 109 0.32 -15.72 -1.90
CA LYS A 109 -0.21 -17.06 -2.13
C LYS A 109 -1.63 -16.94 -2.70
N GLU A 110 -2.44 -16.14 -2.03
CA GLU A 110 -3.82 -15.94 -2.46
C GLU A 110 -3.87 -14.95 -3.62
N ARG A 111 -2.91 -14.03 -3.63
CA ARG A 111 -2.84 -13.03 -4.68
C ARG A 111 -2.90 -13.70 -6.05
N LYS A 112 -2.10 -14.75 -6.20
CA LYS A 112 -2.05 -15.49 -7.45
C LYS A 112 -3.40 -16.18 -7.68
N LYS A 113 -3.91 -16.78 -6.62
CA LYS A 113 -5.18 -17.48 -6.70
C LYS A 113 -6.18 -16.62 -7.47
N MET A 114 -6.04 -15.31 -7.30
CA MET A 114 -6.93 -14.37 -7.97
C MET A 114 -6.85 -14.53 -9.50
N MET A 115 -5.63 -14.38 -10.01
CA MET A 115 -5.41 -14.50 -11.44
C MET A 115 -5.36 -15.96 -11.86
N THR A 116 -5.11 -16.83 -10.88
CA THR A 116 -5.03 -18.26 -11.14
C THR A 116 -6.25 -18.97 -10.54
N LYS A 117 -7.28 -19.11 -11.35
CA LYS A 117 -8.50 -19.77 -10.92
C LYS A 117 -8.16 -21.18 -10.44
N ASP A 118 -9.08 -21.75 -9.69
CA ASP A 118 -8.91 -23.10 -9.17
C ASP A 118 -7.46 -23.27 -8.69
N MET A 23 3.06 1.25 -11.50
CA MET A 23 1.86 1.23 -10.67
C MET A 23 1.32 -0.19 -10.51
N ARG A 24 1.31 -0.65 -9.27
CA ARG A 24 0.82 -1.99 -8.97
C ARG A 24 -0.59 -1.92 -8.38
N GLU A 25 -1.41 -2.88 -8.78
CA GLU A 25 -2.77 -2.96 -8.31
C GLU A 25 -2.93 -4.08 -7.28
N TYR A 26 -3.58 -3.74 -6.18
CA TYR A 26 -3.80 -4.70 -5.11
C TYR A 26 -5.29 -4.82 -4.78
N PRO A 27 -5.71 -6.08 -4.49
CA PRO A 27 -7.10 -6.34 -4.16
C PRO A 27 -7.42 -5.87 -2.74
N VAL A 28 -8.68 -6.05 -2.37
CA VAL A 28 -9.13 -5.65 -1.03
C VAL A 28 -9.89 -6.80 -0.39
N LYS A 29 -9.64 -6.99 0.89
CA LYS A 29 -10.29 -8.06 1.64
C LYS A 29 -11.64 -7.55 2.18
N LYS A 30 -12.60 -8.46 2.22
CA LYS A 30 -13.93 -8.11 2.71
C LYS A 30 -13.84 -7.79 4.20
N GLY A 31 -14.00 -6.50 4.51
CA GLY A 31 -13.95 -6.05 5.89
C GLY A 31 -12.82 -5.04 6.09
N PHE A 32 -11.65 -5.41 5.59
CA PHE A 32 -10.48 -4.55 5.71
C PHE A 32 -10.85 -3.08 5.48
N PRO A 33 -9.96 -2.18 5.97
CA PRO A 33 -10.18 -0.75 5.83
C PRO A 33 -9.92 -0.29 4.39
N THR A 34 -10.91 0.38 3.83
CA THR A 34 -10.79 0.88 2.48
C THR A 34 -11.11 2.37 2.42
N ASP A 35 -10.98 3.02 3.56
CA ASP A 35 -11.26 4.44 3.67
C ASP A 35 -9.96 5.20 3.91
N TYR A 36 -9.87 6.37 3.32
CA TYR A 36 -8.69 7.21 3.47
C TYR A 36 -8.35 7.41 4.95
N ASP A 37 -9.34 7.87 5.69
CA ASP A 37 -9.15 8.11 7.11
C ASP A 37 -8.76 6.81 7.81
N SER A 38 -9.50 5.76 7.48
CA SER A 38 -9.24 4.46 8.06
C SER A 38 -7.77 4.08 7.87
N ILE A 39 -7.32 4.16 6.63
CA ILE A 39 -5.94 3.84 6.31
C ILE A 39 -5.01 4.82 7.00
N LYS A 40 -5.45 6.08 7.05
CA LYS A 40 -4.68 7.13 7.68
C LYS A 40 -4.28 6.68 9.09
N ARG A 41 -5.23 6.02 9.75
CA ARG A 41 -4.99 5.54 11.11
C ARG A 41 -4.13 4.28 11.07
N LYS A 42 -4.34 3.47 10.05
CA LYS A 42 -3.59 2.24 9.88
C LYS A 42 -2.11 2.57 9.67
N ILE A 43 -1.89 3.66 8.95
CA ILE A 43 -0.52 4.09 8.66
C ILE A 43 0.15 4.54 9.97
N SER A 44 -0.51 5.47 10.65
CA SER A 44 0.01 5.99 11.90
C SER A 44 -0.02 4.90 12.97
N GLU A 45 -0.95 3.97 12.80
CA GLU A 45 -1.10 2.88 13.73
C GLU A 45 0.12 1.94 13.67
N LEU A 46 0.74 1.93 12.48
CA LEU A 46 1.90 1.10 12.27
C LEU A 46 3.17 1.89 12.62
N GLY A 47 3.03 3.20 12.58
CA GLY A 47 4.14 4.08 12.89
C GLY A 47 4.60 4.85 11.65
N PHE A 48 3.67 5.04 10.74
CA PHE A 48 3.96 5.76 9.51
C PHE A 48 3.23 7.11 9.47
N ASP A 49 3.58 7.90 8.47
CA ASP A 49 2.98 9.21 8.31
C ASP A 49 2.16 9.23 7.02
N VAL A 50 1.21 10.16 6.98
CA VAL A 50 0.36 10.30 5.81
C VAL A 50 0.05 11.77 5.58
N LYS A 51 0.14 12.19 4.32
CA LYS A 51 -0.13 13.57 3.96
C LYS A 51 -1.36 13.62 3.05
N SER A 52 -2.15 14.66 3.23
CA SER A 52 -3.35 14.85 2.44
C SER A 52 -3.07 15.81 1.28
N GLU A 53 -2.99 15.23 0.09
CA GLU A 53 -2.73 16.01 -1.11
C GLU A 53 -3.96 16.02 -2.01
N GLY A 54 -4.51 17.22 -2.20
CA GLY A 54 -5.69 17.37 -3.03
C GLY A 54 -6.76 16.35 -2.67
N ASP A 55 -6.95 15.39 -3.57
CA ASP A 55 -7.94 14.35 -3.36
C ASP A 55 -7.23 13.00 -3.29
N LEU A 56 -5.91 13.04 -3.43
CA LEU A 56 -5.11 11.83 -3.38
C LEU A 56 -4.54 11.67 -1.97
N ILE A 57 -4.16 10.43 -1.66
CA ILE A 57 -3.59 10.13 -0.36
C ILE A 57 -2.09 9.86 -0.52
N ILE A 58 -1.33 10.40 0.44
CA ILE A 58 0.11 10.23 0.41
C ILE A 58 0.55 9.45 1.66
N ALA A 59 1.33 8.41 1.42
CA ALA A 59 1.82 7.58 2.50
C ALA A 59 3.31 7.86 2.73
N SER A 60 3.70 7.86 3.99
CA SER A 60 5.09 8.10 4.35
C SER A 60 5.68 6.87 5.03
N ILE A 61 6.64 6.26 4.35
CA ILE A 61 7.30 5.08 4.88
C ILE A 61 8.81 5.26 4.79
N PRO A 62 9.53 4.46 5.63
CA PRO A 62 10.99 4.53 5.66
C PRO A 62 11.59 3.82 4.44
N GLY A 63 12.49 4.54 3.78
CA GLY A 63 13.15 3.99 2.60
C GLY A 63 12.52 4.54 1.32
N ILE A 64 11.26 4.93 1.44
CA ILE A 64 10.53 5.48 0.31
C ILE A 64 10.34 6.99 0.51
N SER A 65 10.41 7.71 -0.60
CA SER A 65 10.24 9.16 -0.55
C SER A 65 8.76 9.51 -0.41
N ARG A 66 7.99 9.10 -1.41
CA ARG A 66 6.56 9.36 -1.41
C ARG A 66 5.83 8.32 -2.26
N ILE A 67 4.64 7.96 -1.81
CA ILE A 67 3.83 6.99 -2.52
C ILE A 67 2.37 7.45 -2.54
N GLU A 68 1.65 7.01 -3.57
CA GLU A 68 0.26 7.38 -3.71
C GLU A 68 -0.62 6.12 -3.68
N ILE A 69 -1.73 6.24 -2.97
CA ILE A 69 -2.67 5.12 -2.85
C ILE A 69 -4.09 5.65 -3.00
N LYS A 70 -4.91 4.86 -3.68
CA LYS A 70 -6.29 5.23 -3.90
C LYS A 70 -7.20 4.03 -3.58
N PRO A 71 -7.78 4.06 -2.35
CA PRO A 71 -8.66 3.00 -1.92
C PRO A 71 -10.03 3.08 -2.61
N ASP A 72 -10.43 1.97 -3.20
CA ASP A 72 -11.71 1.91 -3.89
C ASP A 72 -12.49 0.70 -3.40
N LYS A 73 -13.81 0.80 -3.51
CA LYS A 73 -14.69 -0.28 -3.09
C LYS A 73 -14.34 -1.55 -3.85
N ARG A 74 -14.04 -1.38 -5.13
CA ARG A 74 -13.68 -2.50 -5.98
C ARG A 74 -12.33 -3.07 -5.56
N LYS A 75 -11.29 -2.28 -5.78
CA LYS A 75 -9.95 -2.69 -5.43
C LYS A 75 -9.11 -1.45 -5.10
N ILE A 76 -7.83 -1.69 -4.86
CA ILE A 76 -6.91 -0.61 -4.53
C ILE A 76 -5.70 -0.66 -5.47
N LEU A 77 -5.12 0.50 -5.68
CA LEU A 77 -3.95 0.60 -6.55
C LEU A 77 -2.86 1.42 -5.86
N VAL A 78 -1.64 1.17 -6.26
CA VAL A 78 -0.50 1.88 -5.68
C VAL A 78 0.31 2.53 -6.81
N ASN A 79 0.80 3.73 -6.53
CA ASN A 79 1.59 4.45 -7.50
C ASN A 79 2.85 5.01 -6.82
N THR A 80 3.99 4.46 -7.23
CA THR A 80 5.26 4.89 -6.67
C THR A 80 6.01 5.78 -7.66
N GLY A 81 6.67 6.79 -7.12
CA GLY A 81 7.43 7.72 -7.95
C GLY A 81 8.79 7.12 -8.33
N ASP A 82 9.75 7.30 -7.45
CA ASP A 82 11.09 6.79 -7.69
C ASP A 82 11.72 6.37 -6.36
N TYR A 83 11.91 5.06 -6.23
CA TYR A 83 12.50 4.52 -5.01
C TYR A 83 13.95 4.98 -4.85
N ASP A 84 14.41 4.98 -3.61
CA ASP A 84 15.77 5.39 -3.31
C ASP A 84 16.73 4.27 -3.73
N SER A 85 17.50 4.57 -4.77
CA SER A 85 18.46 3.61 -5.29
C SER A 85 19.44 3.20 -4.19
N ASP A 86 19.85 4.20 -3.40
CA ASP A 86 20.77 3.96 -2.31
C ASP A 86 20.18 2.89 -1.38
N ALA A 87 18.88 2.99 -1.15
CA ALA A 87 18.19 2.05 -0.28
C ALA A 87 17.96 0.75 -1.04
N ASP A 88 18.15 -0.36 -0.34
CA ASP A 88 17.97 -1.67 -0.93
C ASP A 88 16.53 -1.78 -1.45
N LYS A 89 16.41 -1.71 -2.77
CA LYS A 89 15.10 -1.80 -3.40
C LYS A 89 14.36 -3.03 -2.85
N LEU A 90 15.15 -4.02 -2.46
CA LEU A 90 14.58 -5.25 -1.92
C LEU A 90 14.10 -5.00 -0.49
N ALA A 91 14.85 -4.15 0.22
CA ALA A 91 14.51 -3.82 1.58
C ALA A 91 13.27 -2.94 1.60
N VAL A 92 13.33 -1.87 0.83
CA VAL A 92 12.22 -0.94 0.75
C VAL A 92 10.96 -1.69 0.30
N VAL A 93 11.14 -2.54 -0.71
CA VAL A 93 10.03 -3.31 -1.23
C VAL A 93 9.58 -4.34 -0.18
N ARG A 94 10.56 -4.87 0.55
CA ARG A 94 10.28 -5.83 1.59
C ARG A 94 9.42 -5.21 2.69
N THR A 95 9.69 -3.94 2.95
CA THR A 95 8.94 -3.23 3.97
C THR A 95 7.66 -2.64 3.38
N TYR A 96 7.78 -2.13 2.16
CA TYR A 96 6.64 -1.54 1.48
C TYR A 96 5.54 -2.59 1.26
N ASN A 97 5.96 -3.83 1.09
CA ASN A 97 5.03 -4.91 0.87
C ASN A 97 4.25 -5.19 2.17
N ASP A 98 4.99 -5.10 3.27
CA ASP A 98 4.39 -5.34 4.58
C ASP A 98 3.29 -4.30 4.83
N PHE A 99 3.58 -3.07 4.42
CA PHE A 99 2.63 -1.99 4.59
C PHE A 99 1.39 -2.19 3.71
N ILE A 100 1.66 -2.41 2.43
CA ILE A 100 0.58 -2.62 1.47
C ILE A 100 -0.16 -3.92 1.82
N GLU A 101 0.62 -4.98 1.98
CA GLU A 101 0.05 -6.27 2.31
C GLU A 101 -0.94 -6.14 3.47
N LYS A 102 -0.65 -5.20 4.35
CA LYS A 102 -1.51 -4.96 5.50
C LYS A 102 -2.67 -4.06 5.09
N LEU A 103 -2.39 -3.22 4.10
CA LEU A 103 -3.41 -2.30 3.61
C LEU A 103 -4.33 -3.03 2.62
N THR A 104 -3.84 -4.17 2.16
CA THR A 104 -4.60 -4.97 1.21
C THR A 104 -5.14 -6.23 1.89
N GLY A 105 -4.28 -6.84 2.70
CA GLY A 105 -4.65 -8.04 3.42
C GLY A 105 -4.33 -9.30 2.61
N TYR A 106 -4.36 -9.13 1.29
CA TYR A 106 -4.06 -10.23 0.39
C TYR A 106 -2.57 -10.52 0.35
N SER A 107 -2.22 -11.77 0.63
CA SER A 107 -0.84 -12.19 0.63
C SER A 107 -0.42 -12.64 -0.78
N ALA A 108 0.88 -12.84 -0.94
CA ALA A 108 1.42 -13.25 -2.22
C ALA A 108 0.93 -14.67 -2.53
N LYS A 109 0.58 -15.38 -1.48
CA LYS A 109 0.10 -16.75 -1.62
C LYS A 109 -1.29 -16.74 -2.28
N GLU A 110 -2.16 -15.90 -1.73
CA GLU A 110 -3.51 -15.79 -2.25
C GLU A 110 -3.53 -14.86 -3.48
N ARG A 111 -2.64 -13.88 -3.45
CA ARG A 111 -2.53 -12.92 -4.54
C ARG A 111 -2.42 -13.67 -5.88
N LYS A 112 -1.55 -14.66 -5.89
CA LYS A 112 -1.33 -15.45 -7.09
C LYS A 112 -2.59 -16.28 -7.39
N LYS A 113 -3.36 -16.51 -6.34
CA LYS A 113 -4.59 -17.27 -6.47
C LYS A 113 -5.68 -16.39 -7.09
N MET A 114 -5.67 -15.13 -6.69
CA MET A 114 -6.65 -14.18 -7.19
C MET A 114 -6.36 -13.83 -8.65
N MET A 115 -5.12 -14.01 -9.04
CA MET A 115 -4.70 -13.71 -10.40
C MET A 115 -4.66 -14.99 -11.25
N THR A 116 -4.16 -16.05 -10.64
CA THR A 116 -4.05 -17.32 -11.31
C THR A 116 -4.56 -18.45 -10.42
N LYS A 117 -5.47 -19.25 -10.97
CA LYS A 117 -6.03 -20.36 -10.23
C LYS A 117 -4.90 -21.14 -9.53
N ASP A 118 -5.29 -21.94 -8.55
CA ASP A 118 -4.33 -22.73 -7.81
C ASP A 118 -3.34 -21.81 -7.11
N MET A 23 2.27 1.68 -11.70
CA MET A 23 1.20 1.67 -10.71
C MET A 23 0.62 0.27 -10.54
N ARG A 24 0.75 -0.25 -9.33
CA ARG A 24 0.24 -1.58 -9.03
C ARG A 24 -1.15 -1.48 -8.38
N GLU A 25 -1.92 -2.54 -8.55
CA GLU A 25 -3.25 -2.59 -7.99
C GLU A 25 -3.38 -3.75 -7.00
N TYR A 26 -3.98 -3.46 -5.86
CA TYR A 26 -4.17 -4.46 -4.82
C TYR A 26 -5.64 -4.57 -4.43
N PRO A 27 -6.06 -5.83 -4.15
CA PRO A 27 -7.44 -6.09 -3.75
C PRO A 27 -7.69 -5.63 -2.31
N VAL A 28 -8.97 -5.68 -1.93
CA VAL A 28 -9.35 -5.28 -0.58
C VAL A 28 -10.02 -6.46 0.12
N LYS A 29 -9.40 -6.89 1.21
CA LYS A 29 -9.92 -8.00 1.98
C LYS A 29 -11.27 -7.60 2.59
N LYS A 30 -12.17 -8.58 2.67
CA LYS A 30 -13.48 -8.34 3.24
C LYS A 30 -13.34 -7.97 4.71
N GLY A 31 -13.51 -6.68 4.98
CA GLY A 31 -13.40 -6.18 6.34
C GLY A 31 -12.28 -5.15 6.46
N PHE A 32 -11.15 -5.49 5.87
CA PHE A 32 -9.99 -4.61 5.90
C PHE A 32 -10.39 -3.16 5.61
N PRO A 33 -9.49 -2.23 6.02
CA PRO A 33 -9.74 -0.81 5.80
C PRO A 33 -9.52 -0.43 4.34
N THR A 34 -10.53 0.22 3.77
CA THR A 34 -10.46 0.64 2.39
C THR A 34 -10.95 2.09 2.25
N ASP A 35 -10.74 2.85 3.30
CA ASP A 35 -11.15 4.25 3.31
C ASP A 35 -9.94 5.14 3.62
N TYR A 36 -9.97 6.34 3.09
CA TYR A 36 -8.90 7.29 3.30
C TYR A 36 -8.59 7.45 4.79
N ASP A 37 -9.63 7.80 5.53
CA ASP A 37 -9.49 7.99 6.97
C ASP A 37 -9.12 6.67 7.62
N SER A 38 -9.90 5.65 7.30
CA SER A 38 -9.66 4.32 7.86
C SER A 38 -8.20 3.93 7.65
N ILE A 39 -7.73 4.10 6.43
CA ILE A 39 -6.36 3.78 6.10
C ILE A 39 -5.42 4.69 6.88
N LYS A 40 -5.78 5.96 6.93
CA LYS A 40 -4.99 6.95 7.64
C LYS A 40 -4.69 6.44 9.06
N ARG A 41 -5.74 5.99 9.73
CA ARG A 41 -5.62 5.48 11.08
C ARG A 41 -4.58 4.35 11.12
N LYS A 42 -4.67 3.47 10.12
CA LYS A 42 -3.75 2.35 10.04
C LYS A 42 -2.32 2.88 9.85
N ILE A 43 -2.19 3.83 8.95
CA ILE A 43 -0.89 4.43 8.68
C ILE A 43 -0.35 5.06 9.96
N SER A 44 -1.16 5.93 10.54
CA SER A 44 -0.76 6.61 11.76
C SER A 44 -0.67 5.61 12.91
N GLU A 45 -1.40 4.51 12.76
CA GLU A 45 -1.41 3.47 13.77
C GLU A 45 -0.08 2.71 13.77
N LEU A 46 0.41 2.45 12.57
CA LEU A 46 1.67 1.74 12.42
C LEU A 46 2.83 2.69 12.69
N GLY A 47 2.51 3.98 12.65
CA GLY A 47 3.52 5.00 12.89
C GLY A 47 4.08 5.53 11.56
N PHE A 48 3.21 5.59 10.56
CA PHE A 48 3.61 6.07 9.26
C PHE A 48 3.08 7.48 9.00
N ASP A 49 3.90 8.27 8.33
CA ASP A 49 3.54 9.65 8.03
C ASP A 49 2.56 9.65 6.85
N VAL A 50 1.65 10.63 6.87
CA VAL A 50 0.66 10.75 5.82
C VAL A 50 0.30 12.23 5.65
N LYS A 51 0.15 12.62 4.39
CA LYS A 51 -0.21 14.00 4.08
C LYS A 51 -1.47 14.01 3.22
N SER A 52 -2.27 15.05 3.42
CA SER A 52 -3.51 15.20 2.68
C SER A 52 -3.39 16.37 1.69
N GLU A 53 -3.22 16.03 0.43
CA GLU A 53 -3.09 17.03 -0.62
C GLU A 53 -4.15 16.81 -1.70
N GLY A 54 -4.96 17.84 -1.90
CA GLY A 54 -6.02 17.77 -2.90
C GLY A 54 -7.10 16.76 -2.49
N ASP A 55 -7.27 15.74 -3.34
CA ASP A 55 -8.25 14.71 -3.08
C ASP A 55 -7.55 13.36 -3.01
N LEU A 56 -6.24 13.39 -3.24
CA LEU A 56 -5.45 12.18 -3.20
C LEU A 56 -4.81 12.03 -1.83
N ILE A 57 -4.45 10.81 -1.49
CA ILE A 57 -3.82 10.52 -0.21
C ILE A 57 -2.34 10.21 -0.43
N ILE A 58 -1.52 10.70 0.49
CA ILE A 58 -0.08 10.47 0.41
C ILE A 58 0.38 9.71 1.66
N ALA A 59 1.08 8.61 1.42
CA ALA A 59 1.57 7.80 2.51
C ALA A 59 3.10 7.89 2.56
N SER A 60 3.61 8.07 3.78
CA SER A 60 5.05 8.18 3.96
C SER A 60 5.57 6.95 4.71
N ILE A 61 6.49 6.25 4.06
CA ILE A 61 7.08 5.06 4.66
C ILE A 61 8.59 5.16 4.60
N PRO A 62 9.26 4.36 5.47
CA PRO A 62 10.71 4.36 5.52
C PRO A 62 11.30 3.60 4.33
N GLY A 63 12.24 4.26 3.66
CA GLY A 63 12.89 3.67 2.50
C GLY A 63 12.30 4.24 1.20
N ILE A 64 11.06 4.68 1.30
CA ILE A 64 10.37 5.25 0.14
C ILE A 64 10.28 6.76 0.30
N SER A 65 10.32 7.44 -0.84
CA SER A 65 10.23 8.89 -0.84
C SER A 65 8.77 9.34 -0.66
N ARG A 66 7.95 8.96 -1.63
CA ARG A 66 6.54 9.30 -1.59
C ARG A 66 5.73 8.30 -2.41
N ILE A 67 4.54 7.99 -1.90
CA ILE A 67 3.66 7.05 -2.58
C ILE A 67 2.22 7.57 -2.51
N GLU A 68 1.47 7.28 -3.57
CA GLU A 68 0.09 7.70 -3.65
C GLU A 68 -0.86 6.51 -3.52
N ILE A 69 -1.90 6.70 -2.74
CA ILE A 69 -2.89 5.64 -2.53
C ILE A 69 -4.26 6.15 -2.95
N LYS A 70 -5.05 5.23 -3.50
CA LYS A 70 -6.39 5.56 -3.95
C LYS A 70 -7.35 4.43 -3.57
N PRO A 71 -7.92 4.55 -2.34
CA PRO A 71 -8.84 3.55 -1.85
C PRO A 71 -10.21 3.68 -2.54
N ASP A 72 -10.68 2.56 -3.06
CA ASP A 72 -11.96 2.53 -3.74
C ASP A 72 -12.79 1.37 -3.21
N LYS A 73 -14.11 1.53 -3.31
CA LYS A 73 -15.02 0.50 -2.84
C LYS A 73 -14.67 -0.83 -3.50
N ARG A 74 -14.33 -0.75 -4.77
CA ARG A 74 -13.97 -1.95 -5.52
C ARG A 74 -12.63 -2.49 -5.04
N LYS A 75 -11.58 -1.73 -5.32
CA LYS A 75 -10.24 -2.13 -4.93
C LYS A 75 -9.39 -0.88 -4.68
N ILE A 76 -8.13 -1.12 -4.36
CA ILE A 76 -7.21 -0.02 -4.10
C ILE A 76 -5.96 -0.20 -4.97
N LEU A 77 -5.31 0.92 -5.26
CA LEU A 77 -4.11 0.90 -6.06
C LEU A 77 -3.07 1.85 -5.45
N VAL A 78 -1.81 1.55 -5.74
CA VAL A 78 -0.71 2.35 -5.22
C VAL A 78 0.26 2.66 -6.36
N ASN A 79 0.87 3.84 -6.27
CA ASN A 79 1.83 4.26 -7.27
C ASN A 79 3.14 4.66 -6.59
N THR A 80 4.21 4.02 -7.02
CA THR A 80 5.52 4.30 -6.46
C THR A 80 6.31 5.22 -7.39
N GLY A 81 7.17 6.04 -6.77
CA GLY A 81 7.98 6.98 -7.53
C GLY A 81 9.34 6.38 -7.85
N ASP A 82 10.36 6.90 -7.17
CA ASP A 82 11.72 6.41 -7.38
C ASP A 82 12.34 6.07 -6.03
N TYR A 83 12.68 4.79 -5.88
CA TYR A 83 13.29 4.32 -4.65
C TYR A 83 14.76 4.70 -4.58
N ASP A 84 15.26 4.76 -3.35
CA ASP A 84 16.65 5.13 -3.12
C ASP A 84 17.56 4.02 -3.70
N SER A 85 18.06 4.28 -4.90
CA SER A 85 18.94 3.33 -5.56
C SER A 85 20.07 2.90 -4.61
N ASP A 86 20.42 3.82 -3.73
CA ASP A 86 21.47 3.56 -2.76
C ASP A 86 21.01 2.48 -1.78
N ALA A 87 19.72 2.49 -1.51
CA ALA A 87 19.14 1.52 -0.60
C ALA A 87 18.57 0.35 -1.40
N ASP A 88 18.73 -0.84 -0.85
CA ASP A 88 18.23 -2.05 -1.49
C ASP A 88 16.73 -1.91 -1.74
N LYS A 89 16.38 -1.68 -2.98
CA LYS A 89 14.99 -1.52 -3.37
C LYS A 89 14.21 -2.77 -2.94
N LEU A 90 14.92 -3.89 -2.90
CA LEU A 90 14.31 -5.15 -2.50
C LEU A 90 14.12 -5.17 -0.99
N ALA A 91 15.08 -4.57 -0.29
CA ALA A 91 15.02 -4.51 1.16
C ALA A 91 13.79 -3.74 1.59
N VAL A 92 13.64 -2.55 1.02
CA VAL A 92 12.51 -1.70 1.34
C VAL A 92 11.22 -2.38 0.86
N VAL A 93 11.33 -3.07 -0.27
CA VAL A 93 10.20 -3.77 -0.84
C VAL A 93 9.54 -4.64 0.23
N ARG A 94 10.39 -5.14 1.13
CA ARG A 94 9.92 -5.99 2.21
C ARG A 94 9.10 -5.18 3.20
N THR A 95 9.44 -3.90 3.30
CA THR A 95 8.73 -3.01 4.22
C THR A 95 7.49 -2.43 3.54
N TYR A 96 7.64 -2.10 2.27
CA TYR A 96 6.54 -1.54 1.51
C TYR A 96 5.41 -2.56 1.34
N ASN A 97 5.80 -3.82 1.21
CA ASN A 97 4.84 -4.89 1.06
C ASN A 97 4.16 -5.16 2.40
N ASP A 98 4.94 -5.01 3.46
CA ASP A 98 4.43 -5.24 4.80
C ASP A 98 3.33 -4.22 5.10
N PHE A 99 3.49 -3.04 4.52
CA PHE A 99 2.51 -1.98 4.72
C PHE A 99 1.25 -2.24 3.92
N ILE A 100 1.44 -2.48 2.63
CA ILE A 100 0.32 -2.74 1.74
C ILE A 100 -0.33 -4.08 2.12
N GLU A 101 0.52 -5.07 2.33
CA GLU A 101 0.05 -6.40 2.71
C GLU A 101 -0.94 -6.30 3.87
N LYS A 102 -0.71 -5.31 4.73
CA LYS A 102 -1.55 -5.10 5.88
C LYS A 102 -2.70 -4.17 5.49
N LEU A 103 -2.46 -3.37 4.47
CA LEU A 103 -3.46 -2.43 4.00
C LEU A 103 -4.45 -3.16 3.09
N THR A 104 -3.99 -4.28 2.54
CA THR A 104 -4.82 -5.07 1.65
C THR A 104 -5.13 -6.43 2.29
N GLY A 105 -4.08 -7.04 2.82
CA GLY A 105 -4.23 -8.35 3.46
C GLY A 105 -3.79 -9.47 2.52
N TYR A 106 -4.00 -9.24 1.23
CA TYR A 106 -3.64 -10.22 0.22
C TYR A 106 -2.13 -10.21 -0.04
N SER A 107 -1.53 -11.40 0.04
CA SER A 107 -0.10 -11.53 -0.18
C SER A 107 0.16 -12.06 -1.60
N ALA A 108 1.43 -12.29 -1.87
CA ALA A 108 1.83 -12.78 -3.18
C ALA A 108 1.40 -14.24 -3.32
N LYS A 109 1.22 -14.89 -2.18
CA LYS A 109 0.81 -16.28 -2.15
C LYS A 109 -0.61 -16.40 -2.71
N GLU A 110 -1.51 -15.61 -2.12
CA GLU A 110 -2.91 -15.62 -2.54
C GLU A 110 -3.03 -15.08 -3.97
N ARG A 111 -2.12 -14.19 -4.32
CA ARG A 111 -2.12 -13.60 -5.64
C ARG A 111 -2.19 -14.70 -6.71
N LYS A 112 -1.48 -15.79 -6.45
CA LYS A 112 -1.46 -16.90 -7.37
C LYS A 112 -2.89 -17.30 -7.72
N LYS A 113 -3.79 -17.09 -6.77
CA LYS A 113 -5.19 -17.41 -6.97
C LYS A 113 -5.68 -16.78 -8.28
N MET A 114 -5.27 -15.53 -8.48
CA MET A 114 -5.66 -14.81 -9.68
C MET A 114 -4.99 -15.42 -10.92
N MET A 115 -4.00 -16.26 -10.68
CA MET A 115 -3.28 -16.91 -11.76
C MET A 115 -3.82 -18.32 -11.99
N THR A 116 -4.18 -18.98 -10.91
CA THR A 116 -4.71 -20.33 -10.99
C THR A 116 -5.71 -20.57 -9.85
N LYS A 117 -6.91 -20.97 -10.23
CA LYS A 117 -7.96 -21.23 -9.27
C LYS A 117 -7.67 -22.56 -8.57
N ASP A 118 -7.33 -23.56 -9.38
CA ASP A 118 -7.03 -24.88 -8.84
C ASP A 118 -5.58 -24.92 -8.40
N MET A 23 1.84 1.73 -12.19
CA MET A 23 0.82 1.67 -11.15
C MET A 23 0.07 0.33 -11.20
N ARG A 24 0.15 -0.39 -10.09
CA ARG A 24 -0.51 -1.68 -9.99
C ARG A 24 -1.71 -1.59 -9.05
N GLU A 25 -2.75 -2.33 -9.39
CA GLU A 25 -3.97 -2.33 -8.60
C GLU A 25 -3.97 -3.55 -7.67
N TYR A 26 -4.34 -3.28 -6.41
CA TYR A 26 -4.39 -4.34 -5.42
C TYR A 26 -5.83 -4.58 -4.96
N PRO A 27 -6.11 -5.87 -4.64
CA PRO A 27 -7.44 -6.26 -4.20
C PRO A 27 -7.68 -5.82 -2.75
N VAL A 28 -8.95 -5.85 -2.36
CA VAL A 28 -9.33 -5.46 -1.02
C VAL A 28 -9.98 -6.65 -0.30
N LYS A 29 -9.64 -6.79 0.97
CA LYS A 29 -10.16 -7.88 1.78
C LYS A 29 -11.54 -7.47 2.33
N LYS A 30 -12.42 -8.45 2.42
CA LYS A 30 -13.76 -8.22 2.93
C LYS A 30 -13.69 -7.97 4.44
N GLY A 31 -13.96 -6.73 4.82
CA GLY A 31 -13.93 -6.35 6.22
C GLY A 31 -12.89 -5.26 6.48
N PHE A 32 -11.78 -5.35 5.75
CA PHE A 32 -10.72 -4.38 5.88
C PHE A 32 -11.23 -2.96 5.66
N PRO A 33 -10.45 -1.98 6.18
CA PRO A 33 -10.82 -0.57 6.05
C PRO A 33 -10.56 -0.07 4.64
N THR A 34 -11.44 0.79 4.17
CA THR A 34 -11.32 1.36 2.83
C THR A 34 -11.61 2.86 2.86
N ASP A 35 -11.33 3.46 4.01
CA ASP A 35 -11.55 4.88 4.18
C ASP A 35 -10.21 5.58 4.40
N TYR A 36 -10.09 6.77 3.84
CA TYR A 36 -8.87 7.55 3.97
C TYR A 36 -8.44 7.65 5.44
N ASP A 37 -9.36 8.14 6.25
CA ASP A 37 -9.10 8.31 7.67
C ASP A 37 -8.67 6.97 8.26
N SER A 38 -9.45 5.94 7.95
CA SER A 38 -9.17 4.60 8.44
C SER A 38 -7.72 4.23 8.13
N ILE A 39 -7.35 4.41 6.88
CA ILE A 39 -6.00 4.11 6.44
C ILE A 39 -5.01 5.05 7.13
N LYS A 40 -5.42 6.31 7.24
CA LYS A 40 -4.59 7.32 7.87
C LYS A 40 -4.16 6.84 9.25
N ARG A 41 -5.11 6.21 9.94
CA ARG A 41 -4.85 5.69 11.27
C ARG A 41 -4.01 4.42 11.19
N LYS A 42 -4.23 3.67 10.12
CA LYS A 42 -3.51 2.43 9.90
C LYS A 42 -2.04 2.74 9.66
N ILE A 43 -1.80 3.81 8.92
CA ILE A 43 -0.44 4.22 8.62
C ILE A 43 0.27 4.63 9.90
N SER A 44 -0.38 5.52 10.64
CA SER A 44 0.18 6.01 11.89
C SER A 44 0.19 4.89 12.93
N GLU A 45 -0.80 4.01 12.81
CA GLU A 45 -0.92 2.89 13.73
C GLU A 45 0.31 1.98 13.62
N LEU A 46 0.94 2.04 12.46
CA LEU A 46 2.12 1.23 12.20
C LEU A 46 3.37 2.02 12.59
N GLY A 47 3.22 3.35 12.56
CA GLY A 47 4.33 4.22 12.90
C GLY A 47 4.78 5.02 11.68
N PHE A 48 3.82 5.32 10.81
CA PHE A 48 4.11 6.08 9.60
C PHE A 48 3.31 7.38 9.58
N ASP A 49 3.59 8.19 8.56
CA ASP A 49 2.90 9.45 8.41
C ASP A 49 2.05 9.42 7.14
N VAL A 50 1.09 10.34 7.08
CA VAL A 50 0.22 10.43 5.92
C VAL A 50 0.07 11.89 5.51
N LYS A 51 0.32 12.13 4.23
CA LYS A 51 0.22 13.48 3.70
C LYS A 51 -0.97 13.56 2.72
N SER A 52 -1.62 14.70 2.73
CA SER A 52 -2.76 14.91 1.86
C SER A 52 -2.43 15.95 0.78
N GLU A 53 -2.44 15.49 -0.45
CA GLU A 53 -2.14 16.35 -1.58
C GLU A 53 -3.33 16.42 -2.54
N GLY A 54 -4.15 17.45 -2.32
CA GLY A 54 -5.32 17.64 -3.16
C GLY A 54 -6.48 16.76 -2.68
N ASP A 55 -6.77 15.74 -3.47
CA ASP A 55 -7.85 14.81 -3.15
C ASP A 55 -7.27 13.39 -3.03
N LEU A 56 -5.98 13.30 -3.24
CA LEU A 56 -5.30 12.01 -3.15
C LEU A 56 -4.66 11.86 -1.78
N ILE A 57 -4.41 10.61 -1.41
CA ILE A 57 -3.80 10.32 -0.12
C ILE A 57 -2.34 9.91 -0.34
N ILE A 58 -1.48 10.41 0.55
CA ILE A 58 -0.07 10.10 0.48
C ILE A 58 0.36 9.36 1.74
N ALA A 59 1.26 8.40 1.54
CA ALA A 59 1.76 7.61 2.65
C ALA A 59 3.25 7.87 2.84
N SER A 60 3.67 7.90 4.10
CA SER A 60 5.06 8.14 4.41
C SER A 60 5.69 6.87 4.98
N ILE A 61 6.56 6.26 4.17
CA ILE A 61 7.24 5.05 4.57
C ILE A 61 8.73 5.18 4.28
N PRO A 62 9.54 4.44 5.08
CA PRO A 62 10.99 4.47 4.92
C PRO A 62 11.42 3.66 3.69
N GLY A 63 12.33 4.23 2.93
CA GLY A 63 12.83 3.58 1.73
C GLY A 63 12.12 4.11 0.48
N ILE A 64 10.91 4.60 0.69
CA ILE A 64 10.12 5.15 -0.40
C ILE A 64 10.07 6.66 -0.29
N SER A 65 10.13 7.32 -1.44
CA SER A 65 10.09 8.76 -1.48
C SER A 65 8.66 9.26 -1.27
N ARG A 66 7.79 8.88 -2.20
CA ARG A 66 6.40 9.27 -2.13
C ARG A 66 5.52 8.28 -2.89
N ILE A 67 4.37 7.97 -2.31
CA ILE A 67 3.44 7.04 -2.91
C ILE A 67 2.03 7.59 -2.81
N GLU A 68 1.20 7.21 -3.78
CA GLU A 68 -0.19 7.66 -3.80
C GLU A 68 -1.14 6.48 -3.63
N ILE A 69 -2.14 6.68 -2.79
CA ILE A 69 -3.12 5.64 -2.54
C ILE A 69 -4.51 6.15 -2.90
N LYS A 70 -5.34 5.26 -3.41
CA LYS A 70 -6.69 5.61 -3.80
C LYS A 70 -7.65 4.49 -3.37
N PRO A 71 -8.23 4.66 -2.16
CA PRO A 71 -9.15 3.69 -1.62
C PRO A 71 -10.51 3.77 -2.32
N ASP A 72 -10.97 2.64 -2.82
CA ASP A 72 -12.24 2.57 -3.51
C ASP A 72 -13.04 1.39 -3.00
N LYS A 73 -14.36 1.52 -3.05
CA LYS A 73 -15.25 0.47 -2.59
C LYS A 73 -14.91 -0.83 -3.34
N ARG A 74 -14.64 -0.68 -4.62
CA ARG A 74 -14.31 -1.82 -5.45
C ARG A 74 -12.95 -2.40 -5.05
N LYS A 75 -11.90 -1.64 -5.32
CA LYS A 75 -10.56 -2.06 -4.99
C LYS A 75 -9.69 -0.84 -4.72
N ILE A 76 -8.40 -1.08 -4.53
CA ILE A 76 -7.46 -0.01 -4.27
C ILE A 76 -6.26 -0.16 -5.21
N LEU A 77 -5.50 0.93 -5.31
CA LEU A 77 -4.32 0.94 -6.17
C LEU A 77 -3.28 1.89 -5.58
N VAL A 78 -2.02 1.60 -5.89
CA VAL A 78 -0.92 2.41 -5.40
C VAL A 78 0.02 2.73 -6.55
N ASN A 79 0.62 3.92 -6.47
CA ASN A 79 1.56 4.35 -7.50
C ASN A 79 2.87 4.76 -6.84
N THR A 80 3.93 4.04 -7.22
CA THR A 80 5.25 4.31 -6.68
C THR A 80 6.09 5.09 -7.71
N GLY A 81 6.85 6.05 -7.19
CA GLY A 81 7.70 6.86 -8.05
C GLY A 81 9.06 6.18 -8.27
N ASP A 82 10.03 6.64 -7.50
CA ASP A 82 11.38 6.10 -7.59
C ASP A 82 11.87 5.72 -6.20
N TYR A 83 12.66 4.66 -6.16
CA TYR A 83 13.21 4.19 -4.90
C TYR A 83 14.69 4.56 -4.77
N ASP A 84 15.15 4.62 -3.53
CA ASP A 84 16.53 4.96 -3.25
C ASP A 84 17.43 3.78 -3.63
N SER A 85 18.24 4.00 -4.65
CA SER A 85 19.15 2.98 -5.12
C SER A 85 20.03 2.49 -3.97
N ASP A 86 20.28 3.40 -3.04
CA ASP A 86 21.11 3.07 -1.89
C ASP A 86 20.40 2.01 -1.04
N ALA A 87 19.14 2.28 -0.74
CA ALA A 87 18.34 1.36 0.05
C ALA A 87 18.03 0.12 -0.78
N ASP A 88 17.95 -1.02 -0.09
CA ASP A 88 17.65 -2.27 -0.75
C ASP A 88 16.20 -2.27 -1.24
N LYS A 89 16.04 -2.02 -2.53
CA LYS A 89 14.73 -1.98 -3.13
C LYS A 89 13.95 -3.24 -2.74
N LEU A 90 14.70 -4.31 -2.51
CA LEU A 90 14.11 -5.58 -2.14
C LEU A 90 13.66 -5.52 -0.68
N ALA A 91 14.45 -4.82 0.12
CA ALA A 91 14.15 -4.67 1.54
C ALA A 91 13.00 -3.68 1.69
N VAL A 92 13.17 -2.52 1.08
CA VAL A 92 12.16 -1.47 1.16
C VAL A 92 10.82 -2.03 0.66
N VAL A 93 10.92 -3.01 -0.23
CA VAL A 93 9.74 -3.63 -0.79
C VAL A 93 9.07 -4.49 0.28
N ARG A 94 9.89 -5.12 1.10
CA ARG A 94 9.40 -5.99 2.16
C ARG A 94 8.62 -5.16 3.18
N THR A 95 8.99 -3.89 3.28
CA THR A 95 8.32 -2.99 4.21
C THR A 95 7.08 -2.37 3.56
N TYR A 96 7.19 -2.13 2.27
CA TYR A 96 6.10 -1.54 1.52
C TYR A 96 4.97 -2.56 1.29
N ASN A 97 5.38 -3.81 1.11
CA ASN A 97 4.42 -4.87 0.89
C ASN A 97 3.67 -5.16 2.19
N ASP A 98 4.43 -5.16 3.28
CA ASP A 98 3.85 -5.43 4.59
C ASP A 98 2.84 -4.33 4.93
N PHE A 99 3.14 -3.13 4.43
CA PHE A 99 2.27 -1.99 4.68
C PHE A 99 0.92 -2.17 3.97
N ILE A 100 1.00 -2.59 2.71
CA ILE A 100 -0.19 -2.79 1.91
C ILE A 100 -0.83 -4.12 2.30
N GLU A 101 0.03 -5.08 2.60
CA GLU A 101 -0.44 -6.41 2.99
C GLU A 101 -1.39 -6.31 4.19
N LYS A 102 -1.10 -5.33 5.05
CA LYS A 102 -1.91 -5.12 6.23
C LYS A 102 -3.03 -4.13 5.91
N LEU A 103 -2.86 -3.44 4.78
CA LEU A 103 -3.83 -2.46 4.35
C LEU A 103 -4.89 -3.15 3.49
N THR A 104 -4.48 -4.24 2.86
CA THR A 104 -5.38 -4.99 2.01
C THR A 104 -5.60 -6.40 2.57
N GLY A 105 -4.57 -6.91 3.22
CA GLY A 105 -4.63 -8.23 3.82
C GLY A 105 -4.01 -9.28 2.89
N TYR A 106 -4.23 -9.09 1.60
CA TYR A 106 -3.69 -10.00 0.61
C TYR A 106 -2.16 -10.00 0.63
N SER A 107 -1.59 -11.18 0.37
CA SER A 107 -0.15 -11.32 0.36
C SER A 107 0.34 -11.55 -1.07
N ALA A 108 1.65 -11.45 -1.24
CA ALA A 108 2.26 -11.65 -2.55
C ALA A 108 2.00 -13.09 -3.00
N LYS A 109 2.02 -14.00 -2.04
CA LYS A 109 1.79 -15.40 -2.33
C LYS A 109 0.41 -15.57 -2.96
N GLU A 110 -0.48 -14.64 -2.62
CA GLU A 110 -1.84 -14.68 -3.13
C GLU A 110 -1.85 -14.36 -4.64
N ARG A 111 -0.89 -13.53 -5.03
CA ARG A 111 -0.78 -13.14 -6.43
C ARG A 111 -0.80 -14.38 -7.33
N LYS A 112 -0.23 -15.45 -6.81
CA LYS A 112 -0.16 -16.70 -7.54
C LYS A 112 -1.58 -17.25 -7.74
N LYS A 113 -2.35 -17.21 -6.66
CA LYS A 113 -3.72 -17.70 -6.70
C LYS A 113 -4.43 -17.09 -7.91
N MET A 114 -4.31 -15.78 -8.03
CA MET A 114 -4.95 -15.06 -9.13
C MET A 114 -4.20 -15.32 -10.45
N MET A 115 -2.97 -15.83 -10.30
CA MET A 115 -2.16 -16.12 -11.46
C MET A 115 -2.46 -17.51 -12.02
N THR A 116 -2.34 -18.50 -11.13
CA THR A 116 -2.60 -19.89 -11.52
C THR A 116 -3.25 -20.64 -10.36
N LYS A 117 -4.53 -20.91 -10.52
CA LYS A 117 -5.27 -21.63 -9.50
C LYS A 117 -5.03 -23.14 -9.66
N ASP A 118 -5.37 -23.64 -10.84
CA ASP A 118 -5.19 -25.05 -11.12
C ASP A 118 -5.58 -25.88 -9.90
N MET A 23 2.31 1.79 -12.18
CA MET A 23 1.31 1.68 -11.13
C MET A 23 0.99 0.21 -10.84
N ARG A 24 0.72 -0.06 -9.57
CA ARG A 24 0.40 -1.41 -9.14
C ARG A 24 -1.00 -1.45 -8.53
N GLU A 25 -1.81 -2.34 -9.08
CA GLU A 25 -3.18 -2.50 -8.59
C GLU A 25 -3.27 -3.68 -7.63
N TYR A 26 -3.76 -3.39 -6.42
CA TYR A 26 -3.90 -4.42 -5.40
C TYR A 26 -5.37 -4.64 -5.06
N PRO A 27 -5.70 -5.92 -4.74
CA PRO A 27 -7.07 -6.28 -4.38
C PRO A 27 -7.41 -5.79 -2.98
N VAL A 28 -8.67 -5.96 -2.62
CA VAL A 28 -9.14 -5.55 -1.30
C VAL A 28 -9.83 -6.73 -0.62
N LYS A 29 -9.50 -6.90 0.65
CA LYS A 29 -10.07 -7.99 1.42
C LYS A 29 -11.46 -7.58 1.93
N LYS A 30 -12.34 -8.57 2.02
CA LYS A 30 -13.69 -8.32 2.49
C LYS A 30 -13.66 -8.00 3.98
N GLY A 31 -13.87 -6.72 4.28
CA GLY A 31 -13.87 -6.26 5.66
C GLY A 31 -12.79 -5.21 5.90
N PHE A 32 -11.60 -5.52 5.41
CA PHE A 32 -10.48 -4.61 5.56
C PHE A 32 -10.90 -3.16 5.33
N PRO A 33 -10.07 -2.22 5.85
CA PRO A 33 -10.36 -0.81 5.71
C PRO A 33 -10.07 -0.32 4.29
N THR A 34 -10.99 0.49 3.77
CA THR A 34 -10.85 1.02 2.43
C THR A 34 -11.22 2.50 2.41
N ASP A 35 -10.95 3.18 3.52
CA ASP A 35 -11.25 4.59 3.64
C ASP A 35 -9.97 5.36 3.95
N TYR A 36 -9.92 6.59 3.47
CA TYR A 36 -8.76 7.44 3.69
C TYR A 36 -8.45 7.56 5.20
N ASP A 37 -9.47 7.98 5.94
CA ASP A 37 -9.31 8.14 7.38
C ASP A 37 -8.86 6.81 7.99
N SER A 38 -9.60 5.77 7.66
CA SER A 38 -9.29 4.45 8.18
C SER A 38 -7.81 4.13 7.95
N ILE A 39 -7.39 4.29 6.70
CA ILE A 39 -6.00 4.02 6.34
C ILE A 39 -5.09 5.02 7.06
N LYS A 40 -5.57 6.25 7.16
CA LYS A 40 -4.82 7.30 7.82
C LYS A 40 -4.48 6.86 9.25
N ARG A 41 -5.46 6.23 9.88
CA ARG A 41 -5.28 5.75 11.24
C ARG A 41 -4.40 4.50 11.26
N LYS A 42 -4.62 3.65 10.26
CA LYS A 42 -3.86 2.42 10.14
C LYS A 42 -2.39 2.76 9.88
N ILE A 43 -2.19 3.81 9.09
CA ILE A 43 -0.84 4.24 8.75
C ILE A 43 -0.15 4.75 10.02
N SER A 44 -0.83 5.64 10.71
CA SER A 44 -0.29 6.22 11.93
C SER A 44 -0.28 5.17 13.04
N GLU A 45 -1.17 4.20 12.90
CA GLU A 45 -1.28 3.13 13.88
C GLU A 45 -0.15 2.12 13.69
N LEU A 46 0.37 2.08 12.47
CA LEU A 46 1.44 1.16 12.13
C LEU A 46 2.79 1.83 12.43
N GLY A 47 2.76 3.16 12.44
CA GLY A 47 3.97 3.93 12.71
C GLY A 47 4.41 4.71 11.46
N PHE A 48 3.45 4.96 10.59
CA PHE A 48 3.71 5.70 9.37
C PHE A 48 3.03 7.07 9.38
N ASP A 49 3.36 7.87 8.39
CA ASP A 49 2.78 9.20 8.27
C ASP A 49 1.91 9.27 7.02
N VAL A 50 1.04 10.27 7.00
CA VAL A 50 0.15 10.46 5.88
C VAL A 50 -0.01 11.96 5.60
N LYS A 51 0.17 12.31 4.33
CA LYS A 51 0.06 13.70 3.92
C LYS A 51 -1.15 13.86 3.00
N SER A 52 -1.80 15.01 3.12
CA SER A 52 -2.96 15.30 2.31
C SER A 52 -2.60 16.25 1.17
N GLU A 53 -2.40 15.67 -0.01
CA GLU A 53 -2.04 16.45 -1.17
C GLU A 53 -3.24 16.59 -2.11
N GLY A 54 -3.99 17.66 -1.88
CA GLY A 54 -5.17 17.94 -2.70
C GLY A 54 -6.32 17.02 -2.30
N ASP A 55 -6.65 16.10 -3.20
CA ASP A 55 -7.73 15.17 -2.96
C ASP A 55 -7.16 13.75 -2.88
N LEU A 56 -5.86 13.65 -3.12
CA LEU A 56 -5.19 12.37 -3.08
C LEU A 56 -4.56 12.18 -1.70
N ILE A 57 -4.27 10.92 -1.39
CA ILE A 57 -3.67 10.59 -0.10
C ILE A 57 -2.21 10.18 -0.32
N ILE A 58 -1.36 10.63 0.59
CA ILE A 58 0.05 10.32 0.51
C ILE A 58 0.47 9.50 1.74
N ALA A 59 1.16 8.41 1.46
CA ALA A 59 1.62 7.52 2.53
C ALA A 59 3.12 7.75 2.77
N SER A 60 3.49 7.72 4.04
CA SER A 60 4.88 7.92 4.41
C SER A 60 5.45 6.63 4.98
N ILE A 61 6.25 5.97 4.16
CA ILE A 61 6.88 4.72 4.57
C ILE A 61 8.40 4.86 4.47
N PRO A 62 9.11 4.04 5.29
CA PRO A 62 10.56 4.06 5.31
C PRO A 62 11.14 3.38 4.06
N GLY A 63 12.15 4.01 3.50
CA GLY A 63 12.80 3.48 2.31
C GLY A 63 12.23 4.12 1.04
N ILE A 64 10.99 4.58 1.16
CA ILE A 64 10.34 5.23 0.03
C ILE A 64 10.25 6.73 0.28
N SER A 65 10.26 7.49 -0.81
CA SER A 65 10.18 8.93 -0.72
C SER A 65 8.73 9.38 -0.55
N ARG A 66 7.93 9.06 -1.55
CA ARG A 66 6.51 9.42 -1.52
C ARG A 66 5.71 8.48 -2.41
N ILE A 67 4.52 8.14 -1.94
CA ILE A 67 3.65 7.25 -2.69
C ILE A 67 2.20 7.74 -2.56
N GLU A 68 1.42 7.45 -3.60
CA GLU A 68 0.03 7.85 -3.60
C GLU A 68 -0.88 6.64 -3.43
N ILE A 69 -1.90 6.81 -2.60
CA ILE A 69 -2.84 5.74 -2.33
C ILE A 69 -4.24 6.16 -2.78
N LYS A 70 -4.95 5.22 -3.36
CA LYS A 70 -6.31 5.48 -3.84
C LYS A 70 -7.22 4.33 -3.42
N PRO A 71 -7.81 4.48 -2.20
CA PRO A 71 -8.70 3.47 -1.66
C PRO A 71 -10.06 3.53 -2.36
N ASP A 72 -10.50 2.38 -2.85
CA ASP A 72 -11.78 2.30 -3.54
C ASP A 72 -12.56 1.10 -2.99
N LYS A 73 -13.88 1.25 -3.00
CA LYS A 73 -14.76 0.20 -2.50
C LYS A 73 -14.47 -1.10 -3.27
N ARG A 74 -14.15 -0.93 -4.54
CA ARG A 74 -13.85 -2.08 -5.39
C ARG A 74 -12.46 -2.62 -5.08
N LYS A 75 -11.46 -1.78 -5.33
CA LYS A 75 -10.08 -2.17 -5.07
C LYS A 75 -9.25 -0.91 -4.81
N ILE A 76 -7.97 -1.13 -4.53
CA ILE A 76 -7.06 -0.03 -4.26
C ILE A 76 -5.85 -0.14 -5.19
N LEU A 77 -5.19 1.00 -5.37
CA LEU A 77 -4.01 1.04 -6.23
C LEU A 77 -3.00 2.03 -5.64
N VAL A 78 -1.74 1.79 -5.97
CA VAL A 78 -0.67 2.65 -5.49
C VAL A 78 0.25 3.02 -6.65
N ASN A 79 0.83 4.21 -6.55
CA ASN A 79 1.74 4.69 -7.58
C ASN A 79 3.00 5.25 -6.93
N THR A 80 4.14 4.81 -7.43
CA THR A 80 5.42 5.26 -6.92
C THR A 80 6.13 6.14 -7.95
N GLY A 81 7.13 6.86 -7.46
CA GLY A 81 7.89 7.75 -8.33
C GLY A 81 9.32 7.23 -8.51
N ASP A 82 10.12 7.42 -7.48
CA ASP A 82 11.51 6.98 -7.52
C ASP A 82 11.94 6.52 -6.12
N TYR A 83 12.68 5.43 -6.09
CA TYR A 83 13.16 4.89 -4.82
C TYR A 83 14.61 5.31 -4.56
N ASP A 84 14.98 5.24 -3.29
CA ASP A 84 16.33 5.62 -2.89
C ASP A 84 17.32 4.56 -3.38
N SER A 85 18.08 4.92 -4.41
CA SER A 85 19.05 4.00 -4.97
C SER A 85 20.00 3.50 -3.87
N ASP A 86 20.40 4.42 -3.02
CA ASP A 86 21.30 4.08 -1.93
C ASP A 86 20.67 2.96 -1.08
N ALA A 87 19.41 3.17 -0.75
CA ALA A 87 18.68 2.18 0.05
C ALA A 87 18.29 1.00 -0.84
N ASP A 88 18.59 -0.19 -0.34
CA ASP A 88 18.28 -1.41 -1.07
C ASP A 88 16.78 -1.44 -1.39
N LYS A 89 16.46 -1.11 -2.63
CA LYS A 89 15.09 -1.09 -3.07
C LYS A 89 14.43 -2.44 -2.75
N LEU A 90 15.26 -3.47 -2.73
CA LEU A 90 14.78 -4.81 -2.43
C LEU A 90 14.39 -4.89 -0.94
N ALA A 91 15.12 -4.13 -0.14
CA ALA A 91 14.87 -4.11 1.29
C ALA A 91 13.59 -3.30 1.56
N VAL A 92 13.55 -2.11 0.99
CA VAL A 92 12.41 -1.22 1.17
C VAL A 92 11.17 -1.89 0.56
N VAL A 93 11.42 -2.75 -0.42
CA VAL A 93 10.34 -3.45 -1.10
C VAL A 93 9.61 -4.34 -0.09
N ARG A 94 10.39 -4.92 0.81
CA ARG A 94 9.84 -5.80 1.83
C ARG A 94 9.00 -4.99 2.81
N THR A 95 9.34 -3.72 2.92
CA THR A 95 8.63 -2.83 3.83
C THR A 95 7.39 -2.25 3.16
N TYR A 96 7.50 -2.06 1.86
CA TYR A 96 6.40 -1.52 1.07
C TYR A 96 5.29 -2.56 0.89
N ASN A 97 5.72 -3.78 0.58
CA ASN A 97 4.78 -4.87 0.38
C ASN A 97 4.08 -5.20 1.69
N ASP A 98 4.86 -5.15 2.76
CA ASP A 98 4.33 -5.45 4.09
C ASP A 98 3.27 -4.40 4.44
N PHE A 99 3.53 -3.18 4.03
CA PHE A 99 2.61 -2.08 4.30
C PHE A 99 1.28 -2.29 3.58
N ILE A 100 1.38 -2.55 2.28
CA ILE A 100 0.19 -2.77 1.47
C ILE A 100 -0.43 -4.12 1.85
N GLU A 101 0.44 -5.09 2.08
CA GLU A 101 -0.02 -6.42 2.45
C GLU A 101 -0.93 -6.35 3.68
N LYS A 102 -0.61 -5.43 4.57
CA LYS A 102 -1.39 -5.24 5.77
C LYS A 102 -2.53 -4.27 5.50
N LEU A 103 -2.33 -3.42 4.50
CA LEU A 103 -3.33 -2.45 4.12
C LEU A 103 -4.39 -3.13 3.25
N THR A 104 -4.02 -4.26 2.69
CA THR A 104 -4.92 -5.02 1.84
C THR A 104 -5.26 -6.36 2.48
N GLY A 105 -4.23 -7.04 2.95
CA GLY A 105 -4.41 -8.33 3.59
C GLY A 105 -3.90 -9.46 2.69
N TYR A 106 -4.12 -9.27 1.39
CA TYR A 106 -3.68 -10.27 0.42
C TYR A 106 -2.16 -10.44 0.45
N SER A 107 -1.74 -11.69 0.25
CA SER A 107 -0.33 -12.00 0.25
C SER A 107 0.13 -12.39 -1.16
N ALA A 108 1.44 -12.46 -1.34
CA ALA A 108 2.01 -12.81 -2.62
C ALA A 108 1.51 -14.20 -3.03
N LYS A 109 1.35 -15.05 -2.02
CA LYS A 109 0.87 -16.41 -2.25
C LYS A 109 -0.54 -16.36 -2.87
N GLU A 110 -1.27 -15.33 -2.47
CA GLU A 110 -2.64 -15.16 -2.97
C GLU A 110 -2.64 -15.12 -4.50
N ARG A 111 -1.55 -14.61 -5.05
CA ARG A 111 -1.41 -14.52 -6.50
C ARG A 111 -1.75 -15.86 -7.14
N LYS A 112 -1.56 -16.92 -6.37
CA LYS A 112 -1.85 -18.26 -6.87
C LYS A 112 -3.36 -18.46 -6.93
N LYS A 113 -3.99 -18.38 -5.77
CA LYS A 113 -5.43 -18.56 -5.67
C LYS A 113 -6.10 -17.81 -6.83
N MET A 114 -5.83 -16.50 -6.88
CA MET A 114 -6.40 -15.67 -7.92
C MET A 114 -5.99 -16.15 -9.31
N MET A 115 -4.76 -16.67 -9.38
CA MET A 115 -4.23 -17.17 -10.64
C MET A 115 -5.00 -18.41 -11.10
N THR A 116 -5.14 -19.36 -10.19
CA THR A 116 -5.84 -20.60 -10.49
C THR A 116 -6.81 -20.94 -9.35
N LYS A 117 -8.08 -20.95 -9.68
CA LYS A 117 -9.11 -21.26 -8.71
C LYS A 117 -8.92 -22.70 -8.21
N ASP A 118 -8.73 -23.59 -9.18
CA ASP A 118 -8.53 -24.99 -8.86
C ASP A 118 -7.23 -25.48 -9.51
N MET A 23 2.11 1.40 -11.76
CA MET A 23 1.16 1.26 -10.68
C MET A 23 0.58 -0.16 -10.63
N ARG A 24 0.55 -0.71 -9.43
CA ARG A 24 0.04 -2.05 -9.24
C ARG A 24 -1.32 -2.01 -8.53
N GLU A 25 -2.15 -2.98 -8.85
CA GLU A 25 -3.49 -3.06 -8.25
C GLU A 25 -3.55 -4.24 -7.29
N TYR A 26 -4.01 -3.94 -6.08
CA TYR A 26 -4.13 -4.97 -5.05
C TYR A 26 -5.58 -5.13 -4.60
N PRO A 27 -5.95 -6.40 -4.28
CA PRO A 27 -7.31 -6.70 -3.86
C PRO A 27 -7.53 -6.23 -2.41
N VAL A 28 -8.80 -6.23 -2.02
CA VAL A 28 -9.16 -5.81 -0.68
C VAL A 28 -9.82 -6.99 0.05
N LYS A 29 -9.54 -7.07 1.35
CA LYS A 29 -10.10 -8.13 2.16
C LYS A 29 -11.44 -7.67 2.75
N LYS A 30 -12.35 -8.62 2.88
CA LYS A 30 -13.66 -8.33 3.42
C LYS A 30 -13.53 -7.94 4.89
N GLY A 31 -13.57 -6.64 5.12
CA GLY A 31 -13.45 -6.12 6.48
C GLY A 31 -12.27 -5.15 6.60
N PHE A 32 -11.19 -5.51 5.93
CA PHE A 32 -9.99 -4.69 5.95
C PHE A 32 -10.32 -3.24 5.62
N PRO A 33 -9.37 -2.34 6.00
CA PRO A 33 -9.55 -0.91 5.75
C PRO A 33 -9.33 -0.58 4.27
N THR A 34 -10.30 0.12 3.70
CA THR A 34 -10.23 0.50 2.31
C THR A 34 -10.72 1.94 2.12
N ASP A 35 -10.49 2.74 3.15
CA ASP A 35 -10.90 4.13 3.12
C ASP A 35 -9.70 5.02 3.48
N TYR A 36 -9.68 6.20 2.90
CA TYR A 36 -8.60 7.14 3.14
C TYR A 36 -8.35 7.30 4.65
N ASP A 37 -9.42 7.61 5.37
CA ASP A 37 -9.34 7.78 6.80
C ASP A 37 -8.86 6.48 7.45
N SER A 38 -9.55 5.40 7.10
CA SER A 38 -9.22 4.09 7.62
C SER A 38 -7.73 3.82 7.45
N ILE A 39 -7.27 3.98 6.21
CA ILE A 39 -5.87 3.75 5.88
C ILE A 39 -5.02 4.78 6.62
N LYS A 40 -5.55 5.99 6.72
CA LYS A 40 -4.85 7.07 7.38
C LYS A 40 -4.49 6.64 8.81
N ARG A 41 -5.45 5.96 9.44
CA ARG A 41 -5.25 5.49 10.80
C ARG A 41 -4.35 4.25 10.80
N LYS A 42 -4.51 3.43 9.77
CA LYS A 42 -3.72 2.22 9.65
C LYS A 42 -2.25 2.59 9.42
N ILE A 43 -2.06 3.68 8.69
CA ILE A 43 -0.72 4.14 8.40
C ILE A 43 -0.03 4.59 9.70
N SER A 44 -0.73 5.45 10.42
CA SER A 44 -0.20 5.96 11.68
C SER A 44 -0.22 4.85 12.73
N GLU A 45 -1.22 4.00 12.65
CA GLU A 45 -1.37 2.91 13.59
C GLU A 45 -0.19 1.93 13.43
N LEU A 46 0.40 1.94 12.25
CA LEU A 46 1.53 1.08 11.97
C LEU A 46 2.82 1.76 12.40
N GLY A 47 2.77 3.09 12.41
CA GLY A 47 3.92 3.88 12.81
C GLY A 47 4.47 4.68 11.63
N PHE A 48 3.56 5.02 10.73
CA PHE A 48 3.94 5.79 9.55
C PHE A 48 3.18 7.13 9.51
N ASP A 49 3.53 7.93 8.51
CA ASP A 49 2.89 9.23 8.34
C ASP A 49 2.13 9.25 7.02
N VAL A 50 1.23 10.20 6.90
CA VAL A 50 0.43 10.35 5.70
C VAL A 50 0.27 11.83 5.37
N LYS A 51 0.49 12.15 4.10
CA LYS A 51 0.38 13.52 3.64
C LYS A 51 -0.85 13.66 2.73
N SER A 52 -1.50 14.81 2.84
CA SER A 52 -2.69 15.07 2.05
C SER A 52 -2.34 16.04 0.91
N GLU A 53 -2.21 15.47 -0.28
CA GLU A 53 -1.89 16.27 -1.45
C GLU A 53 -3.10 16.36 -2.38
N GLY A 54 -3.84 17.46 -2.23
CA GLY A 54 -5.01 17.68 -3.04
C GLY A 54 -6.13 16.70 -2.67
N ASP A 55 -6.37 15.76 -3.58
CA ASP A 55 -7.39 14.75 -3.36
C ASP A 55 -6.74 13.37 -3.30
N LEU A 56 -5.44 13.36 -3.48
CA LEU A 56 -4.69 12.11 -3.46
C LEU A 56 -4.10 11.91 -2.06
N ILE A 57 -3.86 10.65 -1.73
CA ILE A 57 -3.29 10.32 -0.44
C ILE A 57 -1.83 9.90 -0.62
N ILE A 58 -0.99 10.38 0.29
CA ILE A 58 0.43 10.06 0.25
C ILE A 58 0.82 9.29 1.51
N ALA A 59 1.61 8.25 1.31
CA ALA A 59 2.06 7.43 2.42
C ALA A 59 3.52 7.76 2.74
N SER A 60 3.82 7.82 4.03
CA SER A 60 5.16 8.12 4.48
C SER A 60 5.80 6.89 5.11
N ILE A 61 6.57 6.18 4.30
CA ILE A 61 7.24 4.98 4.76
C ILE A 61 8.76 5.13 4.56
N PRO A 62 9.52 4.41 5.42
CA PRO A 62 10.97 4.46 5.36
C PRO A 62 11.49 3.66 4.16
N GLY A 63 12.45 4.26 3.47
CA GLY A 63 13.04 3.62 2.31
C GLY A 63 12.44 4.16 1.01
N ILE A 64 11.22 4.66 1.13
CA ILE A 64 10.52 5.22 -0.02
C ILE A 64 10.49 6.75 0.10
N SER A 65 10.22 7.39 -1.02
CA SER A 65 10.14 8.84 -1.06
C SER A 65 8.70 9.30 -0.94
N ARG A 66 7.90 8.91 -1.92
CA ARG A 66 6.49 9.27 -1.93
C ARG A 66 5.69 8.26 -2.75
N ILE A 67 4.55 7.86 -2.20
CA ILE A 67 3.69 6.91 -2.87
C ILE A 67 2.24 7.39 -2.80
N GLU A 68 1.48 7.05 -3.83
CA GLU A 68 0.09 7.44 -3.90
C GLU A 68 -0.82 6.24 -3.67
N ILE A 69 -1.85 6.45 -2.86
CA ILE A 69 -2.80 5.38 -2.57
C ILE A 69 -4.19 5.79 -3.03
N LYS A 70 -4.89 4.84 -3.62
CA LYS A 70 -6.23 5.09 -4.12
C LYS A 70 -7.16 3.96 -3.67
N PRO A 71 -7.75 4.14 -2.45
CA PRO A 71 -8.65 3.15 -1.91
C PRO A 71 -10.01 3.19 -2.60
N ASP A 72 -10.48 2.02 -2.98
CA ASP A 72 -11.76 1.90 -3.66
C ASP A 72 -12.54 0.72 -3.08
N LYS A 73 -13.86 0.86 -3.09
CA LYS A 73 -14.73 -0.19 -2.57
C LYS A 73 -14.42 -1.50 -3.28
N ARG A 74 -14.25 -1.40 -4.59
CA ARG A 74 -13.95 -2.57 -5.40
C ARG A 74 -12.58 -3.14 -5.03
N LYS A 75 -11.56 -2.34 -5.28
CA LYS A 75 -10.19 -2.75 -4.97
C LYS A 75 -9.36 -1.51 -4.66
N ILE A 76 -8.04 -1.72 -4.63
CA ILE A 76 -7.13 -0.63 -4.35
C ILE A 76 -5.89 -0.76 -5.24
N LEU A 77 -5.24 0.37 -5.47
CA LEU A 77 -4.06 0.40 -6.30
C LEU A 77 -3.02 1.35 -5.69
N VAL A 78 -1.77 1.08 -5.99
CA VAL A 78 -0.68 1.90 -5.47
C VAL A 78 0.29 2.23 -6.61
N ASN A 79 0.87 3.42 -6.51
CA ASN A 79 1.81 3.87 -7.52
C ASN A 79 3.04 4.47 -6.83
N THR A 80 4.20 3.99 -7.24
CA THR A 80 5.46 4.47 -6.67
C THR A 80 6.08 5.52 -7.58
N GLY A 81 6.74 6.48 -6.95
CA GLY A 81 7.37 7.56 -7.69
C GLY A 81 8.88 7.31 -7.82
N ASP A 82 9.64 7.98 -6.96
CA ASP A 82 11.09 7.84 -6.97
C ASP A 82 11.54 7.22 -5.65
N TYR A 83 12.06 6.01 -5.75
CA TYR A 83 12.54 5.30 -4.57
C TYR A 83 13.86 5.89 -4.07
N ASP A 84 14.17 5.59 -2.82
CA ASP A 84 15.39 6.09 -2.21
C ASP A 84 16.55 5.91 -3.19
N SER A 85 17.67 6.51 -2.83
CA SER A 85 18.86 6.43 -3.67
C SER A 85 19.81 5.37 -3.13
N ASP A 86 20.29 5.62 -1.92
CA ASP A 86 21.21 4.69 -1.27
C ASP A 86 20.45 3.85 -0.26
N ALA A 87 19.37 3.22 -0.74
CA ALA A 87 18.55 2.38 0.10
C ALA A 87 18.36 1.03 -0.58
N ASP A 88 18.48 -0.02 0.23
CA ASP A 88 18.32 -1.37 -0.29
C ASP A 88 16.95 -1.51 -0.95
N LYS A 89 16.97 -1.46 -2.28
CA LYS A 89 15.74 -1.57 -3.04
C LYS A 89 14.95 -2.79 -2.56
N LEU A 90 15.68 -3.78 -2.07
CA LEU A 90 15.06 -4.99 -1.56
C LEU A 90 14.44 -4.72 -0.20
N ALA A 91 15.11 -3.85 0.57
CA ALA A 91 14.64 -3.50 1.88
C ALA A 91 13.42 -2.60 1.77
N VAL A 92 13.57 -1.55 0.96
CA VAL A 92 12.49 -0.61 0.75
C VAL A 92 11.28 -1.35 0.18
N VAL A 93 11.56 -2.36 -0.63
CA VAL A 93 10.51 -3.15 -1.24
C VAL A 93 9.86 -4.04 -0.18
N ARG A 94 10.70 -4.66 0.64
CA ARG A 94 10.22 -5.53 1.69
C ARG A 94 9.38 -4.73 2.70
N THR A 95 9.69 -3.45 2.79
CA THR A 95 8.98 -2.57 3.71
C THR A 95 7.73 -2.00 3.04
N TYR A 96 7.79 -1.92 1.72
CA TYR A 96 6.66 -1.41 0.95
C TYR A 96 5.57 -2.46 0.79
N ASN A 97 6.01 -3.71 0.68
CA ASN A 97 5.07 -4.83 0.54
C ASN A 97 4.37 -5.08 1.88
N ASP A 98 5.15 -5.00 2.95
CA ASP A 98 4.61 -5.22 4.28
C ASP A 98 3.54 -4.17 4.57
N PHE A 99 3.78 -2.96 4.09
CA PHE A 99 2.85 -1.87 4.29
C PHE A 99 1.55 -2.12 3.51
N ILE A 100 1.72 -2.48 2.25
CA ILE A 100 0.56 -2.75 1.40
C ILE A 100 -0.11 -4.05 1.85
N GLU A 101 0.72 -5.00 2.23
CA GLU A 101 0.22 -6.29 2.70
C GLU A 101 -0.79 -6.09 3.83
N LYS A 102 -0.54 -5.06 4.62
CA LYS A 102 -1.41 -4.75 5.75
C LYS A 102 -2.58 -3.89 5.26
N LEU A 103 -2.36 -3.23 4.13
CA LEU A 103 -3.39 -2.38 3.56
C LEU A 103 -4.26 -3.21 2.61
N THR A 104 -3.77 -4.40 2.30
CA THR A 104 -4.50 -5.29 1.41
C THR A 104 -4.95 -6.54 2.17
N GLY A 105 -4.01 -7.13 2.89
CA GLY A 105 -4.30 -8.33 3.66
C GLY A 105 -4.25 -9.58 2.77
N TYR A 106 -3.90 -9.36 1.52
CA TYR A 106 -3.80 -10.45 0.56
C TYR A 106 -2.34 -10.85 0.33
N SER A 107 -2.08 -12.14 0.50
CA SER A 107 -0.74 -12.66 0.30
C SER A 107 -0.53 -13.03 -1.16
N ALA A 108 0.74 -13.14 -1.54
CA ALA A 108 1.08 -13.49 -2.90
C ALA A 108 0.53 -14.88 -3.24
N LYS A 109 0.31 -15.65 -2.19
CA LYS A 109 -0.22 -17.00 -2.36
C LYS A 109 -1.67 -16.92 -2.84
N GLU A 110 -2.43 -16.07 -2.18
CA GLU A 110 -3.83 -15.88 -2.53
C GLU A 110 -3.96 -14.94 -3.73
N ARG A 111 -3.01 -14.00 -3.80
CA ARG A 111 -3.01 -13.03 -4.88
C ARG A 111 -3.12 -13.75 -6.23
N LYS A 112 -2.37 -14.83 -6.35
CA LYS A 112 -2.36 -15.61 -7.58
C LYS A 112 -3.65 -16.41 -7.67
N LYS A 113 -4.13 -16.83 -6.51
CA LYS A 113 -5.35 -17.62 -6.44
C LYS A 113 -6.48 -16.86 -7.13
N MET A 114 -6.58 -15.58 -6.82
CA MET A 114 -7.60 -14.74 -7.41
C MET A 114 -7.31 -14.46 -8.89
N MET A 115 -6.16 -14.95 -9.32
CA MET A 115 -5.74 -14.76 -10.71
C MET A 115 -5.90 -16.06 -11.50
N THR A 116 -5.46 -17.14 -10.88
CA THR A 116 -5.53 -18.45 -11.52
C THR A 116 -6.68 -19.27 -10.91
N LYS A 117 -7.89 -18.85 -11.25
CA LYS A 117 -9.08 -19.53 -10.75
C LYS A 117 -9.21 -20.89 -11.44
N ASP A 118 -10.18 -21.67 -10.97
CA ASP A 118 -10.42 -22.99 -11.54
C ASP A 118 -11.71 -23.55 -10.95
N MET A 23 2.66 1.07 -11.71
CA MET A 23 1.51 1.09 -10.83
C MET A 23 0.78 -0.24 -10.83
N ARG A 24 0.64 -0.81 -9.64
CA ARG A 24 -0.02 -2.09 -9.49
C ARG A 24 -1.19 -1.96 -8.50
N GLU A 25 -2.33 -2.49 -8.91
CA GLU A 25 -3.52 -2.44 -8.08
C GLU A 25 -3.56 -3.64 -7.13
N TYR A 26 -3.97 -3.39 -5.90
CA TYR A 26 -4.06 -4.44 -4.91
C TYR A 26 -5.51 -4.66 -4.46
N PRO A 27 -5.86 -5.95 -4.23
CA PRO A 27 -7.20 -6.31 -3.80
C PRO A 27 -7.41 -5.95 -2.33
N VAL A 28 -8.66 -6.08 -1.89
CA VAL A 28 -9.01 -5.78 -0.51
C VAL A 28 -9.66 -7.00 0.13
N LYS A 29 -9.31 -7.22 1.39
CA LYS A 29 -9.84 -8.36 2.13
C LYS A 29 -11.00 -7.88 3.02
N LYS A 30 -11.97 -8.76 3.18
CA LYS A 30 -13.14 -8.45 3.99
C LYS A 30 -12.69 -8.27 5.45
N GLY A 31 -12.80 -7.04 5.91
CA GLY A 31 -12.43 -6.71 7.28
C GLY A 31 -11.23 -5.75 7.31
N PHE A 32 -11.13 -4.95 6.26
CA PHE A 32 -10.05 -3.99 6.16
C PHE A 32 -10.58 -2.59 5.80
N PRO A 33 -9.79 -1.56 6.18
CA PRO A 33 -10.18 -0.18 5.92
C PRO A 33 -9.97 0.17 4.44
N THR A 34 -10.95 0.88 3.90
CA THR A 34 -10.88 1.29 2.50
C THR A 34 -11.24 2.76 2.36
N ASP A 35 -10.90 3.53 3.39
CA ASP A 35 -11.18 4.96 3.39
C ASP A 35 -9.90 5.72 3.69
N TYR A 36 -9.82 6.92 3.13
CA TYR A 36 -8.65 7.77 3.33
C TYR A 36 -8.34 7.94 4.82
N ASP A 37 -9.35 8.41 5.54
CA ASP A 37 -9.21 8.62 6.97
C ASP A 37 -8.87 7.29 7.65
N SER A 38 -9.67 6.29 7.34
CA SER A 38 -9.47 4.97 7.91
C SER A 38 -8.02 4.54 7.75
N ILE A 39 -7.54 4.61 6.51
CA ILE A 39 -6.18 4.23 6.21
C ILE A 39 -5.22 5.20 6.92
N LYS A 40 -5.60 6.46 6.90
CA LYS A 40 -4.79 7.49 7.54
C LYS A 40 -4.43 7.06 8.96
N ARG A 41 -5.39 6.40 9.60
CA ARG A 41 -5.20 5.92 10.96
C ARG A 41 -4.34 4.65 10.96
N LYS A 42 -4.61 3.80 9.98
CA LYS A 42 -3.87 2.56 9.85
C LYS A 42 -2.39 2.87 9.59
N ILE A 43 -2.17 3.95 8.87
CA ILE A 43 -0.81 4.36 8.54
C ILE A 43 -0.12 4.85 9.81
N SER A 44 -0.74 5.81 10.46
CA SER A 44 -0.20 6.38 11.68
C SER A 44 -0.24 5.34 12.80
N GLU A 45 -1.15 4.38 12.65
CA GLU A 45 -1.30 3.33 13.63
C GLU A 45 -0.10 2.38 13.58
N LEU A 46 0.58 2.41 12.45
CA LEU A 46 1.75 1.56 12.25
C LEU A 46 3.01 2.36 12.55
N GLY A 47 2.88 3.68 12.46
CA GLY A 47 4.01 4.56 12.72
C GLY A 47 4.42 5.29 11.44
N PHE A 48 3.45 5.48 10.56
CA PHE A 48 3.71 6.16 9.30
C PHE A 48 2.96 7.49 9.24
N ASP A 49 3.27 8.26 8.19
CA ASP A 49 2.63 9.55 8.01
C ASP A 49 1.83 9.53 6.71
N VAL A 50 0.91 10.48 6.61
CA VAL A 50 0.07 10.60 5.43
C VAL A 50 -0.14 12.07 5.10
N LYS A 51 0.13 12.40 3.85
CA LYS A 51 -0.02 13.77 3.38
C LYS A 51 -1.29 13.89 2.54
N SER A 52 -1.97 15.01 2.69
CA SER A 52 -3.20 15.25 1.96
C SER A 52 -2.96 16.27 0.84
N GLU A 53 -2.56 15.75 -0.31
CA GLU A 53 -2.29 16.59 -1.46
C GLU A 53 -3.53 16.69 -2.35
N GLY A 54 -4.20 17.83 -2.26
CA GLY A 54 -5.40 18.06 -3.06
C GLY A 54 -6.47 17.02 -2.73
N ASP A 55 -6.64 16.08 -3.63
CA ASP A 55 -7.63 15.03 -3.46
C ASP A 55 -6.94 13.67 -3.42
N LEU A 56 -5.62 13.71 -3.55
CA LEU A 56 -4.82 12.50 -3.53
C LEU A 56 -4.19 12.32 -2.14
N ILE A 57 -3.90 11.08 -1.82
CA ILE A 57 -3.30 10.76 -0.52
C ILE A 57 -1.89 10.21 -0.74
N ILE A 58 -0.96 10.71 0.06
CA ILE A 58 0.42 10.27 -0.04
C ILE A 58 0.81 9.54 1.25
N ALA A 59 1.41 8.37 1.09
CA ALA A 59 1.83 7.57 2.22
C ALA A 59 3.32 7.79 2.46
N SER A 60 3.68 7.88 3.73
CA SER A 60 5.07 8.08 4.12
C SER A 60 5.64 6.81 4.72
N ILE A 61 6.46 6.13 3.94
CA ILE A 61 7.09 4.89 4.38
C ILE A 61 8.60 4.99 4.21
N PRO A 62 9.33 4.22 5.06
CA PRO A 62 10.79 4.22 5.00
C PRO A 62 11.29 3.42 3.79
N GLY A 63 12.23 4.01 3.09
CA GLY A 63 12.80 3.37 1.92
C GLY A 63 12.20 3.94 0.62
N ILE A 64 10.98 4.44 0.76
CA ILE A 64 10.29 5.01 -0.38
C ILE A 64 10.24 6.53 -0.23
N SER A 65 10.24 7.21 -1.37
CA SER A 65 10.20 8.66 -1.38
C SER A 65 8.76 9.15 -1.21
N ARG A 66 7.93 8.79 -2.17
CA ARG A 66 6.53 9.18 -2.13
C ARG A 66 5.68 8.20 -2.96
N ILE A 67 4.52 7.87 -2.40
CA ILE A 67 3.61 6.95 -3.07
C ILE A 67 2.18 7.49 -2.98
N GLU A 68 1.38 7.11 -3.96
CA GLU A 68 -0.01 7.55 -4.00
C GLU A 68 -0.94 6.39 -3.64
N ILE A 69 -1.92 6.71 -2.80
CA ILE A 69 -2.89 5.71 -2.37
C ILE A 69 -4.29 6.16 -2.77
N LYS A 70 -5.06 5.20 -3.28
CA LYS A 70 -6.42 5.48 -3.70
C LYS A 70 -7.35 4.35 -3.23
N PRO A 71 -7.87 4.52 -1.98
CA PRO A 71 -8.76 3.53 -1.41
C PRO A 71 -10.15 3.60 -2.05
N ASP A 72 -10.64 2.45 -2.46
CA ASP A 72 -11.95 2.36 -3.09
C ASP A 72 -12.72 1.17 -2.51
N LYS A 73 -14.04 1.33 -2.45
CA LYS A 73 -14.89 0.29 -1.92
C LYS A 73 -14.54 -1.05 -2.58
N ARG A 74 -14.27 -0.97 -3.88
CA ARG A 74 -13.93 -2.15 -4.65
C ARG A 74 -12.55 -2.68 -4.21
N LYS A 75 -11.53 -1.89 -4.50
CA LYS A 75 -10.18 -2.27 -4.14
C LYS A 75 -9.33 -1.01 -3.97
N ILE A 76 -8.03 -1.21 -3.87
CA ILE A 76 -7.10 -0.10 -3.70
C ILE A 76 -5.92 -0.28 -4.65
N LEU A 77 -5.24 0.83 -4.92
CA LEU A 77 -4.09 0.81 -5.81
C LEU A 77 -3.02 1.75 -5.26
N VAL A 78 -1.78 1.46 -5.63
CA VAL A 78 -0.66 2.27 -5.18
C VAL A 78 0.24 2.59 -6.38
N ASN A 79 0.84 3.76 -6.33
CA ASN A 79 1.72 4.20 -7.40
C ASN A 79 3.05 4.67 -6.80
N THR A 80 4.12 4.06 -7.28
CA THR A 80 5.46 4.40 -6.81
C THR A 80 6.13 5.37 -7.76
N GLY A 81 7.03 6.19 -7.21
CA GLY A 81 7.75 7.17 -8.00
C GLY A 81 9.24 6.87 -8.00
N ASP A 82 9.92 7.41 -7.01
CA ASP A 82 11.36 7.21 -6.89
C ASP A 82 11.67 6.53 -5.56
N TYR A 83 12.26 5.35 -5.66
CA TYR A 83 12.61 4.58 -4.48
C TYR A 83 13.95 5.04 -3.90
N ASP A 84 14.16 4.70 -2.63
CA ASP A 84 15.40 5.07 -1.96
C ASP A 84 16.58 4.78 -2.87
N SER A 85 17.74 5.24 -2.44
CA SER A 85 18.96 5.03 -3.21
C SER A 85 19.91 4.11 -2.45
N ASP A 86 20.21 4.49 -1.22
CA ASP A 86 21.10 3.71 -0.38
C ASP A 86 20.32 2.54 0.22
N ALA A 87 19.05 2.47 -0.14
CA ALA A 87 18.19 1.40 0.36
C ALA A 87 17.83 0.46 -0.79
N ASP A 88 18.02 -0.82 -0.54
CA ASP A 88 17.72 -1.84 -1.54
C ASP A 88 16.21 -1.86 -1.80
N LYS A 89 15.84 -1.33 -2.95
CA LYS A 89 14.43 -1.28 -3.34
C LYS A 89 13.80 -2.66 -3.15
N LEU A 90 14.66 -3.67 -3.21
CA LEU A 90 14.21 -5.05 -3.04
C LEU A 90 13.92 -5.31 -1.56
N ALA A 91 14.76 -4.72 -0.72
CA ALA A 91 14.63 -4.89 0.72
C ALA A 91 13.42 -4.08 1.20
N VAL A 92 13.41 -2.81 0.81
CA VAL A 92 12.34 -1.91 1.20
C VAL A 92 11.01 -2.48 0.71
N VAL A 93 11.07 -3.17 -0.43
CA VAL A 93 9.88 -3.77 -1.00
C VAL A 93 9.18 -4.62 0.05
N ARG A 94 9.99 -5.21 0.92
CA ARG A 94 9.46 -6.06 1.97
C ARG A 94 8.67 -5.23 2.97
N THR A 95 9.06 -3.97 3.10
CA THR A 95 8.39 -3.06 4.01
C THR A 95 7.17 -2.43 3.34
N TYR A 96 7.27 -2.25 2.04
CA TYR A 96 6.19 -1.66 1.27
C TYR A 96 5.06 -2.67 1.07
N ASN A 97 5.44 -3.93 0.89
CA ASN A 97 4.47 -4.98 0.69
C ASN A 97 3.79 -5.30 2.02
N ASP A 98 4.59 -5.31 3.08
CA ASP A 98 4.08 -5.60 4.40
C ASP A 98 3.02 -4.55 4.76
N PHE A 99 3.28 -3.32 4.37
CA PHE A 99 2.36 -2.23 4.64
C PHE A 99 1.03 -2.44 3.93
N ILE A 100 1.12 -2.86 2.68
CA ILE A 100 -0.08 -3.11 1.88
C ILE A 100 -0.72 -4.42 2.33
N GLU A 101 0.14 -5.38 2.64
CA GLU A 101 -0.32 -6.69 3.08
C GLU A 101 -1.26 -6.54 4.27
N LYS A 102 -0.97 -5.55 5.10
CA LYS A 102 -1.78 -5.30 6.27
C LYS A 102 -2.90 -4.33 5.93
N LEU A 103 -2.72 -3.65 4.80
CA LEU A 103 -3.70 -2.69 4.33
C LEU A 103 -4.72 -3.39 3.44
N THR A 104 -4.34 -4.59 2.99
CA THR A 104 -5.20 -5.37 2.12
C THR A 104 -5.48 -6.74 2.75
N GLY A 105 -4.42 -7.33 3.29
CA GLY A 105 -4.52 -8.64 3.92
C GLY A 105 -3.99 -9.73 3.00
N TYR A 106 -4.18 -9.53 1.70
CA TYR A 106 -3.72 -10.49 0.71
C TYR A 106 -2.19 -10.61 0.74
N SER A 107 -1.73 -11.82 0.44
CA SER A 107 -0.29 -12.07 0.42
C SER A 107 0.18 -12.30 -1.02
N ALA A 108 1.49 -12.23 -1.19
CA ALA A 108 2.09 -12.42 -2.49
C ALA A 108 1.75 -13.82 -3.00
N LYS A 109 1.66 -14.75 -2.06
CA LYS A 109 1.34 -16.13 -2.40
C LYS A 109 -0.04 -16.19 -3.04
N GLU A 110 -0.89 -15.27 -2.63
CA GLU A 110 -2.25 -15.21 -3.16
C GLU A 110 -2.21 -14.94 -4.66
N ARG A 111 -1.20 -14.21 -5.08
CA ARG A 111 -1.04 -13.86 -6.49
C ARG A 111 -1.17 -15.12 -7.35
N LYS A 112 -0.71 -16.24 -6.79
CA LYS A 112 -0.77 -17.51 -7.49
C LYS A 112 -2.21 -17.77 -7.94
N LYS A 113 -3.14 -17.47 -7.04
CA LYS A 113 -4.55 -17.67 -7.32
C LYS A 113 -4.90 -16.97 -8.64
N MET A 114 -4.32 -15.79 -8.82
CA MET A 114 -4.56 -15.01 -10.02
C MET A 114 -4.19 -15.81 -11.28
N MET A 115 -3.43 -16.87 -11.06
CA MET A 115 -2.99 -17.71 -12.17
C MET A 115 -4.19 -18.44 -12.80
N THR A 116 -5.28 -18.48 -12.06
CA THR A 116 -6.48 -19.13 -12.53
C THR A 116 -7.30 -18.18 -13.39
N LYS A 117 -6.63 -17.57 -14.35
CA LYS A 117 -7.27 -16.62 -15.25
C LYS A 117 -7.92 -17.40 -16.39
N ASP A 118 -9.15 -17.83 -16.15
CA ASP A 118 -9.90 -18.59 -17.16
C ASP A 118 -10.14 -17.68 -18.37
N MET A 23 2.70 1.25 -11.77
CA MET A 23 1.52 1.22 -10.92
C MET A 23 0.95 -0.19 -10.82
N ARG A 24 0.91 -0.69 -9.59
CA ARG A 24 0.39 -2.03 -9.35
C ARG A 24 -0.92 -1.95 -8.55
N GLU A 25 -1.87 -2.78 -8.95
CA GLU A 25 -3.15 -2.82 -8.28
C GLU A 25 -3.22 -4.00 -7.31
N TYR A 26 -3.72 -3.71 -6.12
CA TYR A 26 -3.84 -4.74 -5.09
C TYR A 26 -5.29 -4.89 -4.63
N PRO A 27 -5.67 -6.16 -4.35
CA PRO A 27 -7.02 -6.46 -3.90
C PRO A 27 -7.21 -6.04 -2.45
N VAL A 28 -8.45 -6.17 -1.98
CA VAL A 28 -8.79 -5.81 -0.61
C VAL A 28 -9.55 -6.96 0.03
N LYS A 29 -9.22 -7.20 1.30
CA LYS A 29 -9.88 -8.27 2.05
C LYS A 29 -11.17 -7.74 2.67
N LYS A 30 -12.14 -8.63 2.75
CA LYS A 30 -13.44 -8.27 3.32
C LYS A 30 -13.29 -8.02 4.81
N GLY A 31 -13.55 -6.79 5.21
CA GLY A 31 -13.44 -6.40 6.60
C GLY A 31 -12.35 -5.36 6.80
N PHE A 32 -11.37 -5.39 5.91
CA PHE A 32 -10.26 -4.45 5.98
C PHE A 32 -10.73 -3.02 5.72
N PRO A 33 -9.89 -2.05 6.17
CA PRO A 33 -10.21 -0.64 5.98
C PRO A 33 -10.01 -0.21 4.53
N THR A 34 -11.02 0.46 4.00
CA THR A 34 -10.96 0.94 2.63
C THR A 34 -11.24 2.43 2.57
N ASP A 35 -11.36 3.03 3.75
CA ASP A 35 -11.61 4.46 3.85
C ASP A 35 -10.29 5.20 4.07
N TYR A 36 -10.17 6.34 3.39
CA TYR A 36 -8.97 7.14 3.51
C TYR A 36 -8.58 7.35 4.97
N ASP A 37 -9.52 7.86 5.74
CA ASP A 37 -9.30 8.10 7.16
C ASP A 37 -8.91 6.79 7.84
N SER A 38 -9.67 5.75 7.52
CA SER A 38 -9.42 4.43 8.09
C SER A 38 -7.95 4.05 7.89
N ILE A 39 -7.48 4.26 6.66
CA ILE A 39 -6.11 3.93 6.32
C ILE A 39 -5.17 4.90 7.04
N LYS A 40 -5.60 6.15 7.13
CA LYS A 40 -4.81 7.17 7.79
C LYS A 40 -4.43 6.69 9.20
N ARG A 41 -5.36 5.99 9.82
CA ARG A 41 -5.15 5.47 11.15
C ARG A 41 -4.24 4.24 11.10
N LYS A 42 -4.39 3.48 10.03
CA LYS A 42 -3.59 2.27 9.84
C LYS A 42 -2.12 2.65 9.68
N ILE A 43 -1.90 3.69 8.89
CA ILE A 43 -0.55 4.17 8.64
C ILE A 43 0.08 4.62 9.96
N SER A 44 -0.63 5.51 10.64
CA SER A 44 -0.14 6.03 11.91
C SER A 44 -0.12 4.90 12.95
N GLU A 45 -1.08 4.00 12.83
CA GLU A 45 -1.17 2.89 13.75
C GLU A 45 0.12 2.06 13.72
N LEU A 46 0.70 1.96 12.52
CA LEU A 46 1.92 1.22 12.35
C LEU A 46 3.11 2.08 12.78
N GLY A 47 2.91 3.39 12.70
CA GLY A 47 3.95 4.33 13.08
C GLY A 47 4.45 5.12 11.87
N PHE A 48 3.52 5.40 10.96
CA PHE A 48 3.85 6.13 9.75
C PHE A 48 3.03 7.43 9.67
N ASP A 49 3.38 8.25 8.68
CA ASP A 49 2.69 9.51 8.48
C ASP A 49 1.87 9.43 7.19
N VAL A 50 0.91 10.34 7.09
CA VAL A 50 0.05 10.39 5.92
C VAL A 50 -0.20 11.85 5.54
N LYS A 51 0.03 12.14 4.26
CA LYS A 51 -0.17 13.49 3.76
C LYS A 51 -1.34 13.49 2.77
N SER A 52 -2.06 14.61 2.77
CA SER A 52 -3.21 14.75 1.88
C SER A 52 -2.84 15.66 0.70
N GLU A 53 -2.84 15.06 -0.48
CA GLU A 53 -2.50 15.80 -1.69
C GLU A 53 -3.74 15.95 -2.58
N GLY A 54 -4.42 17.08 -2.43
CA GLY A 54 -5.61 17.33 -3.22
C GLY A 54 -6.73 16.36 -2.85
N ASP A 55 -6.91 15.37 -3.72
CA ASP A 55 -7.94 14.37 -3.51
C ASP A 55 -7.29 12.99 -3.39
N LEU A 56 -5.97 12.99 -3.53
CA LEU A 56 -5.22 11.75 -3.44
C LEU A 56 -4.64 11.61 -2.03
N ILE A 57 -4.31 10.38 -1.67
CA ILE A 57 -3.75 10.10 -0.36
C ILE A 57 -2.26 9.78 -0.51
N ILE A 58 -1.47 10.29 0.42
CA ILE A 58 -0.04 10.07 0.41
C ILE A 58 0.36 9.34 1.69
N ALA A 59 1.25 8.37 1.54
CA ALA A 59 1.73 7.60 2.67
C ALA A 59 3.18 7.97 2.95
N SER A 60 3.52 7.98 4.24
CA SER A 60 4.86 8.33 4.66
C SER A 60 5.56 7.09 5.24
N ILE A 61 6.46 6.53 4.44
CA ILE A 61 7.19 5.35 4.86
C ILE A 61 8.69 5.59 4.64
N PRO A 62 9.51 4.98 5.54
CA PRO A 62 10.96 5.12 5.45
C PRO A 62 11.52 4.26 4.32
N GLY A 63 12.45 4.84 3.58
CA GLY A 63 13.06 4.14 2.47
C GLY A 63 12.45 4.56 1.14
N ILE A 64 11.22 5.04 1.22
CA ILE A 64 10.51 5.48 0.03
C ILE A 64 10.44 7.01 0.02
N SER A 65 10.20 7.55 -1.16
CA SER A 65 10.11 9.00 -1.32
C SER A 65 8.65 9.44 -1.18
N ARG A 66 7.84 8.96 -2.10
CA ARG A 66 6.42 9.30 -2.09
C ARG A 66 5.61 8.21 -2.79
N ILE A 67 4.45 7.92 -2.21
CA ILE A 67 3.57 6.90 -2.77
C ILE A 67 2.13 7.39 -2.70
N GLU A 68 1.37 7.01 -3.73
CA GLU A 68 -0.03 7.41 -3.80
C GLU A 68 -0.93 6.19 -3.70
N ILE A 69 -2.00 6.35 -2.94
CA ILE A 69 -2.95 5.26 -2.74
C ILE A 69 -4.35 5.73 -3.16
N LYS A 70 -5.10 4.80 -3.75
CA LYS A 70 -6.45 5.11 -4.19
C LYS A 70 -7.38 3.96 -3.81
N PRO A 71 -8.00 4.10 -2.61
CA PRO A 71 -8.92 3.08 -2.12
C PRO A 71 -10.26 3.15 -2.86
N ASP A 72 -10.66 2.00 -3.39
CA ASP A 72 -11.91 1.92 -4.11
C ASP A 72 -12.75 0.76 -3.56
N LYS A 73 -14.06 0.92 -3.64
CA LYS A 73 -14.97 -0.10 -3.16
C LYS A 73 -14.60 -1.44 -3.76
N ARG A 74 -14.04 -1.38 -4.96
CA ARG A 74 -13.63 -2.59 -5.66
C ARG A 74 -12.30 -3.11 -5.12
N LYS A 75 -11.26 -2.32 -5.33
CA LYS A 75 -9.93 -2.67 -4.85
C LYS A 75 -9.12 -1.41 -4.62
N ILE A 76 -7.81 -1.60 -4.45
CA ILE A 76 -6.92 -0.48 -4.21
C ILE A 76 -5.68 -0.64 -5.09
N LEU A 77 -5.02 0.48 -5.34
CA LEU A 77 -3.82 0.49 -6.17
C LEU A 77 -2.82 1.49 -5.59
N VAL A 78 -1.56 1.23 -5.88
CA VAL A 78 -0.49 2.09 -5.39
C VAL A 78 0.47 2.40 -6.54
N ASN A 79 1.05 3.58 -6.49
CA ASN A 79 1.99 4.02 -7.51
C ASN A 79 3.25 4.58 -6.84
N THR A 80 4.38 3.97 -7.20
CA THR A 80 5.65 4.40 -6.64
C THR A 80 6.41 5.27 -7.66
N GLY A 81 7.13 6.25 -7.12
CA GLY A 81 7.89 7.15 -7.96
C GLY A 81 9.24 6.53 -8.34
N ASP A 82 10.26 6.87 -7.57
CA ASP A 82 11.60 6.35 -7.81
C ASP A 82 12.29 6.09 -6.47
N TYR A 83 12.41 4.82 -6.15
CA TYR A 83 13.04 4.42 -4.91
C TYR A 83 14.48 4.94 -4.84
N ASP A 84 14.98 5.07 -3.62
CA ASP A 84 16.33 5.54 -3.41
C ASP A 84 17.32 4.40 -3.65
N SER A 85 18.19 4.61 -4.63
CA SER A 85 19.19 3.61 -4.97
C SER A 85 20.03 3.28 -3.75
N ASP A 86 20.56 4.32 -3.12
CA ASP A 86 21.38 4.15 -1.94
C ASP A 86 20.73 3.14 -1.00
N ALA A 87 19.41 3.25 -0.89
CA ALA A 87 18.65 2.35 -0.03
C ALA A 87 18.48 1.00 -0.73
N ASP A 88 18.36 -0.04 0.08
CA ASP A 88 18.20 -1.38 -0.44
C ASP A 88 16.78 -1.54 -0.98
N LYS A 89 16.67 -1.49 -2.30
CA LYS A 89 15.37 -1.63 -2.95
C LYS A 89 14.66 -2.86 -2.39
N LEU A 90 15.45 -3.82 -1.96
CA LEU A 90 14.91 -5.05 -1.40
C LEU A 90 14.41 -4.78 0.02
N ALA A 91 15.14 -3.93 0.72
CA ALA A 91 14.79 -3.57 2.09
C ALA A 91 13.51 -2.74 2.08
N VAL A 92 13.53 -1.69 1.26
CA VAL A 92 12.38 -0.81 1.15
C VAL A 92 11.16 -1.63 0.74
N VAL A 93 11.32 -2.37 -0.34
CA VAL A 93 10.23 -3.20 -0.84
C VAL A 93 9.74 -4.13 0.27
N ARG A 94 10.70 -4.65 1.03
CA ARG A 94 10.38 -5.55 2.12
C ARG A 94 9.53 -4.83 3.17
N THR A 95 9.79 -3.54 3.31
CA THR A 95 9.07 -2.73 4.27
C THR A 95 7.76 -2.22 3.66
N TYR A 96 7.85 -1.83 2.39
CA TYR A 96 6.69 -1.33 1.68
C TYR A 96 5.63 -2.42 1.51
N ASN A 97 6.11 -3.61 1.19
CA ASN A 97 5.21 -4.74 0.99
C ASN A 97 4.50 -5.06 2.31
N ASP A 98 5.27 -4.98 3.39
CA ASP A 98 4.73 -5.26 4.71
C ASP A 98 3.59 -4.28 5.00
N PHE A 99 3.76 -3.05 4.52
CA PHE A 99 2.75 -2.03 4.72
C PHE A 99 1.55 -2.25 3.82
N ILE A 100 1.84 -2.51 2.55
CA ILE A 100 0.79 -2.75 1.57
C ILE A 100 0.06 -4.04 1.92
N GLU A 101 0.84 -5.09 2.16
CA GLU A 101 0.27 -6.38 2.49
C GLU A 101 -0.73 -6.24 3.64
N LYS A 102 -0.46 -5.27 4.50
CA LYS A 102 -1.32 -5.01 5.64
C LYS A 102 -2.50 -4.14 5.19
N LEU A 103 -2.27 -3.40 4.12
CA LEU A 103 -3.30 -2.51 3.60
C LEU A 103 -4.12 -3.28 2.56
N THR A 104 -3.60 -4.42 2.15
CA THR A 104 -4.27 -5.26 1.17
C THR A 104 -4.77 -6.55 1.81
N GLY A 105 -3.99 -7.03 2.77
CA GLY A 105 -4.33 -8.25 3.48
C GLY A 105 -4.28 -9.46 2.53
N TYR A 106 -3.78 -9.21 1.33
CA TYR A 106 -3.67 -10.25 0.33
C TYR A 106 -2.20 -10.62 0.07
N SER A 107 -1.92 -11.92 0.17
CA SER A 107 -0.58 -12.40 -0.06
C SER A 107 -0.38 -12.73 -1.53
N ALA A 108 0.89 -12.89 -1.91
CA ALA A 108 1.22 -13.20 -3.29
C ALA A 108 0.67 -14.59 -3.64
N LYS A 109 0.46 -15.38 -2.61
CA LYS A 109 -0.06 -16.73 -2.79
C LYS A 109 -1.53 -16.65 -3.23
N GLU A 110 -2.29 -15.87 -2.48
CA GLU A 110 -3.70 -15.70 -2.78
C GLU A 110 -3.89 -14.70 -3.92
N ARG A 111 -3.07 -13.66 -3.89
CA ARG A 111 -3.13 -12.63 -4.91
C ARG A 111 -3.08 -13.26 -6.31
N LYS A 112 -2.22 -14.26 -6.43
CA LYS A 112 -2.06 -14.96 -7.70
C LYS A 112 -3.25 -15.90 -7.91
N LYS A 113 -3.80 -16.36 -6.81
CA LYS A 113 -4.94 -17.26 -6.86
C LYS A 113 -6.10 -16.57 -7.58
N MET A 114 -6.30 -15.30 -7.24
CA MET A 114 -7.36 -14.52 -7.85
C MET A 114 -7.10 -14.31 -9.34
N MET A 115 -5.91 -14.69 -9.76
CA MET A 115 -5.52 -14.56 -11.16
C MET A 115 -5.62 -15.91 -11.89
N THR A 116 -5.23 -16.96 -11.18
CA THR A 116 -5.27 -18.29 -11.75
C THR A 116 -6.54 -19.02 -11.31
N LYS A 117 -7.50 -19.07 -12.23
CA LYS A 117 -8.76 -19.73 -11.95
C LYS A 117 -8.49 -21.05 -11.23
N ASP A 118 -9.51 -21.51 -10.51
CA ASP A 118 -9.40 -22.76 -9.76
C ASP A 118 -9.92 -23.91 -10.62
N MET A 23 2.33 1.91 -11.77
CA MET A 23 1.26 1.71 -10.79
C MET A 23 0.98 0.23 -10.56
N ARG A 24 1.13 -0.17 -9.31
CA ARG A 24 0.91 -1.56 -8.93
C ARG A 24 -0.50 -1.73 -8.38
N GLU A 25 -1.12 -2.84 -8.76
CA GLU A 25 -2.47 -3.15 -8.31
C GLU A 25 -2.43 -4.02 -7.06
N TYR A 26 -3.57 -4.07 -6.37
CA TYR A 26 -3.67 -4.86 -5.17
C TYR A 26 -5.14 -5.11 -4.79
N PRO A 27 -5.42 -6.37 -4.37
CA PRO A 27 -6.77 -6.75 -3.99
C PRO A 27 -7.13 -6.17 -2.63
N VAL A 28 -8.41 -6.26 -2.29
CA VAL A 28 -8.90 -5.76 -1.02
C VAL A 28 -9.64 -6.88 -0.28
N LYS A 29 -9.51 -6.86 1.04
CA LYS A 29 -10.16 -7.86 1.87
C LYS A 29 -11.56 -7.37 2.24
N LYS A 30 -12.47 -8.33 2.37
CA LYS A 30 -13.84 -8.02 2.72
C LYS A 30 -13.91 -7.64 4.21
N GLY A 31 -13.96 -6.34 4.45
CA GLY A 31 -14.03 -5.83 5.81
C GLY A 31 -12.91 -4.82 6.07
N PHE A 32 -11.73 -5.13 5.54
CA PHE A 32 -10.59 -4.26 5.71
C PHE A 32 -10.96 -2.80 5.45
N PRO A 33 -10.03 -1.89 5.85
CA PRO A 33 -10.26 -0.46 5.67
C PRO A 33 -10.06 -0.06 4.21
N THR A 34 -11.05 0.66 3.70
CA THR A 34 -11.00 1.12 2.31
C THR A 34 -11.29 2.62 2.24
N ASP A 35 -11.08 3.29 3.36
CA ASP A 35 -11.31 4.72 3.43
C ASP A 35 -10.00 5.43 3.79
N TYR A 36 -9.81 6.59 3.17
CA TYR A 36 -8.61 7.37 3.41
C TYR A 36 -8.32 7.49 4.91
N ASP A 37 -9.30 8.01 5.62
CA ASP A 37 -9.18 8.19 7.05
C ASP A 37 -8.85 6.85 7.71
N SER A 38 -9.59 5.83 7.29
CA SER A 38 -9.39 4.49 7.82
C SER A 38 -7.93 4.06 7.63
N ILE A 39 -7.47 4.22 6.39
CA ILE A 39 -6.11 3.85 6.05
C ILE A 39 -5.14 4.80 6.76
N LYS A 40 -5.58 6.05 6.89
CA LYS A 40 -4.76 7.06 7.54
C LYS A 40 -4.40 6.59 8.94
N ARG A 41 -5.38 6.03 9.62
CA ARG A 41 -5.18 5.54 10.97
C ARG A 41 -4.30 4.28 10.95
N LYS A 42 -4.45 3.52 9.88
CA LYS A 42 -3.69 2.29 9.73
C LYS A 42 -2.20 2.64 9.62
N ILE A 43 -1.92 3.70 8.89
CA ILE A 43 -0.55 4.14 8.70
C ILE A 43 0.06 4.51 10.05
N SER A 44 -0.63 5.41 10.73
CA SER A 44 -0.16 5.86 12.04
C SER A 44 -0.24 4.71 13.04
N GLU A 45 -1.26 3.88 12.86
CA GLU A 45 -1.46 2.74 13.74
C GLU A 45 -0.28 1.76 13.62
N LEU A 46 0.35 1.79 12.46
CA LEU A 46 1.49 0.93 12.20
C LEU A 46 2.78 1.63 12.63
N GLY A 47 2.70 2.95 12.70
CA GLY A 47 3.84 3.75 13.09
C GLY A 47 4.38 4.56 11.91
N PHE A 48 3.48 4.83 10.96
CA PHE A 48 3.86 5.59 9.78
C PHE A 48 3.14 6.93 9.74
N ASP A 49 3.45 7.71 8.72
CA ASP A 49 2.84 9.02 8.56
C ASP A 49 2.09 9.07 7.23
N VAL A 50 1.18 10.02 7.15
CA VAL A 50 0.38 10.19 5.93
C VAL A 50 0.25 11.68 5.62
N LYS A 51 0.41 12.00 4.34
CA LYS A 51 0.31 13.38 3.89
C LYS A 51 -0.92 13.53 2.99
N SER A 52 -1.56 14.68 3.11
CA SER A 52 -2.74 14.97 2.31
C SER A 52 -2.37 15.85 1.11
N GLU A 53 -2.22 15.20 -0.03
CA GLU A 53 -1.87 15.91 -1.25
C GLU A 53 -3.06 15.96 -2.20
N GLY A 54 -3.52 17.18 -2.44
CA GLY A 54 -4.66 17.38 -3.33
C GLY A 54 -5.85 16.50 -2.91
N ASP A 55 -6.12 15.49 -3.73
CA ASP A 55 -7.21 14.58 -3.46
C ASP A 55 -6.67 13.16 -3.35
N LEU A 56 -5.35 13.05 -3.44
CA LEU A 56 -4.69 11.76 -3.35
C LEU A 56 -4.15 11.56 -1.94
N ILE A 57 -3.96 10.30 -1.59
CA ILE A 57 -3.43 9.96 -0.27
C ILE A 57 -1.95 9.59 -0.39
N ILE A 58 -1.16 10.14 0.52
CA ILE A 58 0.27 9.89 0.52
C ILE A 58 0.63 9.12 1.80
N ALA A 59 1.32 8.01 1.60
CA ALA A 59 1.74 7.17 2.72
C ALA A 59 3.23 7.36 2.95
N SER A 60 3.58 7.55 4.22
CA SER A 60 4.97 7.74 4.59
C SER A 60 5.53 6.45 5.19
N ILE A 61 6.47 5.84 4.46
CA ILE A 61 7.09 4.61 4.90
C ILE A 61 8.61 4.72 4.73
N PRO A 62 9.34 3.94 5.57
CA PRO A 62 10.79 3.94 5.52
C PRO A 62 11.29 3.17 4.29
N GLY A 63 12.30 3.73 3.65
CA GLY A 63 12.89 3.11 2.47
C GLY A 63 12.32 3.73 1.19
N ILE A 64 11.11 4.24 1.31
CA ILE A 64 10.45 4.86 0.17
C ILE A 64 10.40 6.38 0.37
N SER A 65 10.29 7.10 -0.74
CA SER A 65 10.23 8.55 -0.70
C SER A 65 8.78 9.01 -0.56
N ARG A 66 7.99 8.66 -1.56
CA ARG A 66 6.59 9.03 -1.57
C ARG A 66 5.78 8.05 -2.43
N ILE A 67 4.64 7.64 -1.89
CA ILE A 67 3.77 6.71 -2.59
C ILE A 67 2.33 7.22 -2.54
N GLU A 68 1.56 6.82 -3.53
CA GLU A 68 0.16 7.22 -3.61
C GLU A 68 -0.76 6.01 -3.47
N ILE A 69 -1.81 6.20 -2.70
CA ILE A 69 -2.78 5.13 -2.48
C ILE A 69 -4.16 5.59 -2.95
N LYS A 70 -4.90 4.65 -3.51
CA LYS A 70 -6.24 4.94 -4.01
C LYS A 70 -7.18 3.79 -3.63
N PRO A 71 -7.84 3.95 -2.44
CA PRO A 71 -8.76 2.95 -1.96
C PRO A 71 -10.07 2.99 -2.73
N ASP A 72 -10.58 1.80 -3.05
CA ASP A 72 -11.82 1.69 -3.78
C ASP A 72 -12.62 0.49 -3.26
N LYS A 73 -13.94 0.62 -3.32
CA LYS A 73 -14.82 -0.43 -2.86
C LYS A 73 -14.60 -1.68 -3.72
N ARG A 74 -14.01 -1.47 -4.88
CA ARG A 74 -13.74 -2.56 -5.80
C ARG A 74 -12.35 -3.16 -5.52
N LYS A 75 -11.34 -2.34 -5.76
CA LYS A 75 -9.97 -2.78 -5.54
C LYS A 75 -9.11 -1.57 -5.14
N ILE A 76 -7.81 -1.82 -5.02
CA ILE A 76 -6.89 -0.77 -4.65
C ILE A 76 -5.67 -0.81 -5.58
N LEU A 77 -5.08 0.35 -5.79
CA LEU A 77 -3.92 0.46 -6.65
C LEU A 77 -2.87 1.35 -5.99
N VAL A 78 -1.62 1.15 -6.39
CA VAL A 78 -0.52 1.92 -5.84
C VAL A 78 0.26 2.58 -6.98
N ASN A 79 0.73 3.79 -6.72
CA ASN A 79 1.49 4.52 -7.72
C ASN A 79 2.69 5.18 -7.05
N THR A 80 3.88 4.68 -7.39
CA THR A 80 5.10 5.22 -6.83
C THR A 80 5.70 6.28 -7.77
N GLY A 81 6.68 7.00 -7.23
CA GLY A 81 7.33 8.05 -8.00
C GLY A 81 8.84 7.82 -8.06
N ASP A 82 9.49 8.05 -6.94
CA ASP A 82 10.93 7.86 -6.86
C ASP A 82 11.28 7.11 -5.57
N TYR A 83 12.14 6.11 -5.72
CA TYR A 83 12.56 5.31 -4.58
C TYR A 83 13.90 5.79 -4.03
N ASP A 84 14.18 5.40 -2.79
CA ASP A 84 15.42 5.79 -2.15
C ASP A 84 16.58 5.62 -3.14
N SER A 85 17.71 6.16 -2.76
CA SER A 85 18.90 6.07 -3.59
C SER A 85 19.95 5.18 -2.94
N ASP A 86 20.14 5.40 -1.65
CA ASP A 86 21.10 4.61 -0.88
C ASP A 86 20.41 3.37 -0.32
N ALA A 87 19.09 3.44 -0.26
CA ALA A 87 18.30 2.33 0.25
C ALA A 87 18.02 1.34 -0.88
N ASP A 88 18.44 0.10 -0.66
CA ASP A 88 18.24 -0.93 -1.65
C ASP A 88 16.75 -1.01 -2.02
N LYS A 89 16.45 -0.55 -3.23
CA LYS A 89 15.07 -0.56 -3.70
C LYS A 89 14.46 -1.93 -3.45
N LEU A 90 15.22 -2.96 -3.78
CA LEU A 90 14.76 -4.33 -3.60
C LEU A 90 14.60 -4.62 -2.10
N ALA A 91 15.39 -3.89 -1.31
CA ALA A 91 15.35 -4.06 0.13
C ALA A 91 14.10 -3.37 0.67
N VAL A 92 13.92 -2.12 0.29
CA VAL A 92 12.78 -1.35 0.74
C VAL A 92 11.51 -1.91 0.10
N VAL A 93 11.71 -2.62 -1.01
CA VAL A 93 10.59 -3.21 -1.73
C VAL A 93 9.82 -4.14 -0.78
N ARG A 94 10.57 -4.88 0.02
CA ARG A 94 9.98 -5.80 0.96
C ARG A 94 9.18 -5.04 2.02
N THR A 95 9.58 -3.80 2.24
CA THR A 95 8.91 -2.96 3.22
C THR A 95 7.72 -2.24 2.57
N TYR A 96 7.86 -1.96 1.28
CA TYR A 96 6.82 -1.29 0.54
C TYR A 96 5.57 -2.15 0.44
N ASN A 97 5.77 -3.40 0.04
CA ASN A 97 4.67 -4.34 -0.10
C ASN A 97 4.11 -4.67 1.29
N ASP A 98 5.03 -4.78 2.25
CA ASP A 98 4.65 -5.10 3.61
C ASP A 98 3.57 -4.12 4.08
N PHE A 99 3.77 -2.86 3.71
CA PHE A 99 2.83 -1.81 4.08
C PHE A 99 1.49 -2.00 3.36
N ILE A 100 1.58 -2.41 2.10
CA ILE A 100 0.39 -2.63 1.30
C ILE A 100 -0.29 -3.93 1.74
N GLU A 101 0.53 -4.87 2.20
CA GLU A 101 0.04 -6.15 2.66
C GLU A 101 -0.92 -5.96 3.83
N LYS A 102 -0.62 -4.97 4.65
CA LYS A 102 -1.45 -4.67 5.80
C LYS A 102 -2.61 -3.78 5.38
N LEU A 103 -2.43 -3.13 4.24
CA LEU A 103 -3.45 -2.24 3.71
C LEU A 103 -4.38 -3.04 2.79
N THR A 104 -3.95 -4.25 2.46
CA THR A 104 -4.72 -5.11 1.58
C THR A 104 -5.16 -6.37 2.33
N GLY A 105 -4.23 -6.92 3.10
CA GLY A 105 -4.51 -8.12 3.87
C GLY A 105 -4.36 -9.37 3.00
N TYR A 106 -3.90 -9.16 1.78
CA TYR A 106 -3.70 -10.26 0.85
C TYR A 106 -2.22 -10.63 0.75
N SER A 107 -1.95 -11.92 0.96
CA SER A 107 -0.60 -12.42 0.90
C SER A 107 -0.29 -12.94 -0.51
N ALA A 108 0.98 -13.20 -0.75
CA ALA A 108 1.41 -13.71 -2.04
C ALA A 108 0.79 -15.09 -2.29
N LYS A 109 0.41 -15.73 -1.19
CA LYS A 109 -0.20 -17.04 -1.27
C LYS A 109 -1.59 -16.92 -1.89
N GLU A 110 -2.39 -16.02 -1.32
CA GLU A 110 -3.73 -15.81 -1.81
C GLU A 110 -3.71 -14.89 -3.04
N ARG A 111 -2.75 -13.99 -3.04
CA ARG A 111 -2.60 -13.05 -4.14
C ARG A 111 -2.59 -13.80 -5.48
N LYS A 112 -1.88 -14.92 -5.50
CA LYS A 112 -1.78 -15.73 -6.69
C LYS A 112 -3.10 -16.50 -6.89
N LYS A 113 -3.69 -16.89 -5.77
CA LYS A 113 -4.94 -17.63 -5.80
C LYS A 113 -5.96 -16.86 -6.65
N MET A 114 -6.05 -15.57 -6.39
CA MET A 114 -6.97 -14.71 -7.12
C MET A 114 -6.56 -14.60 -8.59
N MET A 115 -5.37 -15.12 -8.88
CA MET A 115 -4.86 -15.08 -10.24
C MET A 115 -5.06 -16.43 -10.95
N THR A 116 -5.91 -17.25 -10.36
CA THR A 116 -6.20 -18.55 -10.92
C THR A 116 -7.46 -18.49 -11.79
N LYS A 117 -8.43 -17.72 -11.33
CA LYS A 117 -9.68 -17.57 -12.06
C LYS A 117 -9.38 -17.15 -13.50
N ASP A 118 -8.58 -16.10 -13.62
CA ASP A 118 -8.21 -15.59 -14.93
C ASP A 118 -6.74 -15.91 -15.21
N MET A 23 1.75 1.62 -11.87
CA MET A 23 0.66 1.53 -10.91
C MET A 23 0.22 0.08 -10.71
N ARG A 24 0.33 -0.37 -9.47
CA ARG A 24 -0.05 -1.74 -9.14
C ARG A 24 -1.37 -1.74 -8.38
N GLU A 25 -2.30 -2.55 -8.86
CA GLU A 25 -3.61 -2.65 -8.22
C GLU A 25 -3.65 -3.88 -7.29
N TYR A 26 -4.07 -3.62 -6.06
CA TYR A 26 -4.16 -4.68 -5.07
C TYR A 26 -5.61 -4.88 -4.62
N PRO A 27 -5.93 -6.15 -4.25
CA PRO A 27 -7.27 -6.48 -3.80
C PRO A 27 -7.51 -5.98 -2.37
N VAL A 28 -8.76 -6.05 -1.97
CA VAL A 28 -9.14 -5.61 -0.63
C VAL A 28 -9.95 -6.71 0.05
N LYS A 29 -9.53 -7.05 1.26
CA LYS A 29 -10.22 -8.08 2.03
C LYS A 29 -11.57 -7.54 2.48
N LYS A 30 -12.55 -8.45 2.51
CA LYS A 30 -13.90 -8.09 2.92
C LYS A 30 -13.89 -7.73 4.41
N GLY A 31 -13.99 -6.44 4.67
CA GLY A 31 -14.00 -5.95 6.04
C GLY A 31 -12.86 -4.95 6.29
N PHE A 32 -11.70 -5.31 5.77
CA PHE A 32 -10.53 -4.46 5.92
C PHE A 32 -10.88 -2.99 5.68
N PRO A 33 -9.94 -2.10 6.10
CA PRO A 33 -10.14 -0.67 5.94
C PRO A 33 -9.96 -0.24 4.48
N THR A 34 -10.92 0.53 4.00
CA THR A 34 -10.89 1.01 2.63
C THR A 34 -11.24 2.50 2.57
N ASP A 35 -10.96 3.18 3.67
CA ASP A 35 -11.25 4.60 3.76
C ASP A 35 -9.95 5.35 4.05
N TYR A 36 -9.89 6.57 3.53
CA TYR A 36 -8.71 7.41 3.73
C TYR A 36 -8.40 7.59 5.21
N ASP A 37 -9.42 8.00 5.96
CA ASP A 37 -9.28 8.20 7.39
C ASP A 37 -8.81 6.90 8.05
N SER A 38 -9.50 5.82 7.68
CA SER A 38 -9.16 4.51 8.23
C SER A 38 -7.69 4.18 7.94
N ILE A 39 -7.33 4.28 6.68
CA ILE A 39 -5.97 4.00 6.26
C ILE A 39 -5.02 5.02 6.91
N LYS A 40 -5.48 6.27 6.97
CA LYS A 40 -4.70 7.33 7.56
C LYS A 40 -4.21 6.89 8.94
N ARG A 41 -5.13 6.37 9.72
CA ARG A 41 -4.82 5.91 11.07
C ARG A 41 -4.11 4.56 11.01
N LYS A 42 -4.44 3.79 9.97
CA LYS A 42 -3.85 2.48 9.79
C LYS A 42 -2.36 2.64 9.51
N ILE A 43 -2.04 3.66 8.73
CA ILE A 43 -0.66 3.93 8.37
C ILE A 43 0.12 4.35 9.62
N SER A 44 -0.43 5.36 10.30
CA SER A 44 0.20 5.87 11.51
C SER A 44 0.12 4.82 12.61
N GLU A 45 -0.89 3.96 12.51
CA GLU A 45 -1.08 2.91 13.50
C GLU A 45 0.09 1.92 13.46
N LEU A 46 0.81 1.95 12.34
CA LEU A 46 1.94 1.06 12.17
C LEU A 46 3.22 1.81 12.53
N GLY A 47 3.14 3.14 12.50
CA GLY A 47 4.28 3.97 12.83
C GLY A 47 4.76 4.74 11.59
N PHE A 48 3.82 5.07 10.73
CA PHE A 48 4.14 5.80 9.52
C PHE A 48 3.43 7.16 9.49
N ASP A 49 3.70 7.92 8.43
CA ASP A 49 3.10 9.23 8.28
C ASP A 49 2.22 9.23 7.03
N VAL A 50 1.33 10.23 6.98
CA VAL A 50 0.42 10.35 5.84
C VAL A 50 0.31 11.83 5.45
N LYS A 51 0.51 12.08 4.16
CA LYS A 51 0.43 13.44 3.65
C LYS A 51 -0.76 13.55 2.70
N SER A 52 -1.39 14.71 2.73
CA SER A 52 -2.55 14.96 1.87
C SER A 52 -2.13 15.83 0.68
N GLU A 53 -2.25 15.24 -0.50
CA GLU A 53 -1.90 15.94 -1.73
C GLU A 53 -3.12 16.10 -2.62
N GLY A 54 -3.82 17.22 -2.44
CA GLY A 54 -5.01 17.50 -3.22
C GLY A 54 -6.17 16.61 -2.78
N ASP A 55 -6.49 15.63 -3.62
CA ASP A 55 -7.57 14.71 -3.33
C ASP A 55 -7.01 13.29 -3.23
N LEU A 56 -5.71 13.19 -3.42
CA LEU A 56 -5.05 11.90 -3.35
C LEU A 56 -4.43 11.71 -1.96
N ILE A 57 -4.17 10.46 -1.63
CA ILE A 57 -3.59 10.14 -0.33
C ILE A 57 -2.12 9.77 -0.52
N ILE A 58 -1.30 10.24 0.40
CA ILE A 58 0.13 9.98 0.36
C ILE A 58 0.54 9.22 1.63
N ALA A 59 1.31 8.16 1.43
CA ALA A 59 1.78 7.36 2.53
C ALA A 59 3.29 7.59 2.72
N SER A 60 3.68 7.67 3.99
CA SER A 60 5.08 7.88 4.31
C SER A 60 5.67 6.62 4.94
N ILE A 61 6.41 5.88 4.12
CA ILE A 61 7.03 4.65 4.58
C ILE A 61 8.54 4.74 4.35
N PRO A 62 9.29 3.98 5.20
CA PRO A 62 10.74 3.96 5.11
C PRO A 62 11.20 3.13 3.90
N GLY A 63 12.15 3.71 3.17
CA GLY A 63 12.68 3.03 1.99
C GLY A 63 12.04 3.58 0.71
N ILE A 64 10.84 4.12 0.87
CA ILE A 64 10.12 4.68 -0.26
C ILE A 64 10.13 6.21 -0.16
N SER A 65 10.07 6.85 -1.31
CA SER A 65 10.06 8.31 -1.36
C SER A 65 8.62 8.82 -1.22
N ARG A 66 7.80 8.46 -2.20
CA ARG A 66 6.41 8.88 -2.20
C ARG A 66 5.56 7.91 -3.01
N ILE A 67 4.39 7.60 -2.47
CA ILE A 67 3.47 6.68 -3.13
C ILE A 67 2.04 7.20 -2.97
N GLU A 68 1.25 6.98 -4.02
CA GLU A 68 -0.13 7.41 -4.01
C GLU A 68 -1.06 6.21 -3.84
N ILE A 69 -2.07 6.38 -2.99
CA ILE A 69 -3.03 5.31 -2.75
C ILE A 69 -4.44 5.84 -2.99
N LYS A 70 -5.26 4.98 -3.58
CA LYS A 70 -6.64 5.35 -3.89
C LYS A 70 -7.56 4.19 -3.51
N PRO A 71 -8.08 4.26 -2.26
CA PRO A 71 -8.98 3.23 -1.76
C PRO A 71 -10.37 3.36 -2.39
N ASP A 72 -10.86 2.25 -2.92
CA ASP A 72 -12.17 2.23 -3.56
C ASP A 72 -12.95 1.04 -3.03
N LYS A 73 -14.27 1.21 -2.99
CA LYS A 73 -15.15 0.16 -2.52
C LYS A 73 -14.85 -1.14 -3.29
N ARG A 74 -14.37 -0.97 -4.51
CA ARG A 74 -14.04 -2.11 -5.34
C ARG A 74 -12.70 -2.71 -4.92
N LYS A 75 -11.65 -1.95 -5.15
CA LYS A 75 -10.31 -2.39 -4.79
C LYS A 75 -9.43 -1.16 -4.53
N ILE A 76 -8.15 -1.42 -4.36
CA ILE A 76 -7.19 -0.36 -4.10
C ILE A 76 -6.02 -0.48 -5.08
N LEU A 77 -5.28 0.62 -5.20
CA LEU A 77 -4.14 0.65 -6.09
C LEU A 77 -3.09 1.60 -5.53
N VAL A 78 -1.83 1.32 -5.86
CA VAL A 78 -0.73 2.14 -5.40
C VAL A 78 0.21 2.43 -6.57
N ASN A 79 0.80 3.61 -6.55
CA ASN A 79 1.72 4.02 -7.59
C ASN A 79 2.94 4.69 -6.96
N THR A 80 4.11 4.27 -7.43
CA THR A 80 5.36 4.82 -6.92
C THR A 80 5.99 5.75 -7.96
N GLY A 81 6.96 6.51 -7.49
CA GLY A 81 7.67 7.45 -8.36
C GLY A 81 9.15 7.09 -8.49
N ASP A 82 9.91 7.52 -7.49
CA ASP A 82 11.33 7.25 -7.47
C ASP A 82 11.73 6.69 -6.11
N TYR A 83 11.99 5.39 -6.08
CA TYR A 83 12.36 4.73 -4.85
C TYR A 83 13.66 5.32 -4.29
N ASP A 84 13.88 5.06 -3.00
CA ASP A 84 15.08 5.55 -2.34
C ASP A 84 16.30 5.31 -3.24
N SER A 85 17.42 5.85 -2.81
CA SER A 85 18.66 5.70 -3.56
C SER A 85 19.60 4.76 -2.81
N ASP A 86 20.01 5.19 -1.63
CA ASP A 86 20.91 4.40 -0.81
C ASP A 86 20.15 3.21 -0.22
N ALA A 87 18.85 3.41 -0.05
CA ALA A 87 18.00 2.36 0.50
C ALA A 87 17.88 1.22 -0.51
N ASP A 88 18.20 0.03 -0.05
CA ASP A 88 18.13 -1.15 -0.89
C ASP A 88 16.69 -1.36 -1.36
N LYS A 89 16.46 -1.07 -2.64
CA LYS A 89 15.13 -1.22 -3.22
C LYS A 89 14.58 -2.60 -2.86
N LEU A 90 15.49 -3.52 -2.61
CA LEU A 90 15.11 -4.88 -2.26
C LEU A 90 14.64 -4.92 -0.81
N ALA A 91 15.30 -4.10 0.01
CA ALA A 91 14.96 -4.03 1.42
C ALA A 91 13.64 -3.25 1.58
N VAL A 92 13.62 -2.07 0.98
CA VAL A 92 12.44 -1.22 1.06
C VAL A 92 11.22 -2.00 0.57
N VAL A 93 11.46 -2.86 -0.41
CA VAL A 93 10.40 -3.67 -0.97
C VAL A 93 9.76 -4.51 0.13
N ARG A 94 10.61 -5.09 0.97
CA ARG A 94 10.15 -5.92 2.06
C ARG A 94 9.34 -5.08 3.05
N THR A 95 9.72 -3.81 3.15
CA THR A 95 9.03 -2.89 4.05
C THR A 95 7.80 -2.30 3.36
N TYR A 96 7.86 -2.24 2.04
CA TYR A 96 6.76 -1.69 1.26
C TYR A 96 5.58 -2.68 1.21
N ASN A 97 5.89 -3.89 0.75
CA ASN A 97 4.87 -4.92 0.65
C ASN A 97 4.25 -5.17 2.03
N ASP A 98 5.11 -5.13 3.04
CA ASP A 98 4.67 -5.35 4.40
C ASP A 98 3.55 -4.36 4.74
N PHE A 99 3.71 -3.14 4.24
CA PHE A 99 2.73 -2.10 4.48
C PHE A 99 1.49 -2.31 3.61
N ILE A 100 1.74 -2.74 2.38
CA ILE A 100 0.65 -2.97 1.43
C ILE A 100 -0.15 -4.19 1.90
N GLU A 101 0.56 -5.28 2.14
CA GLU A 101 -0.07 -6.51 2.58
C GLU A 101 -1.00 -6.24 3.77
N LYS A 102 -0.67 -5.18 4.51
CA LYS A 102 -1.46 -4.80 5.66
C LYS A 102 -2.59 -3.89 5.21
N LEU A 103 -2.35 -3.18 4.11
CA LEU A 103 -3.34 -2.27 3.57
C LEU A 103 -4.24 -3.03 2.59
N THR A 104 -3.78 -4.20 2.20
CA THR A 104 -4.53 -5.04 1.28
C THR A 104 -5.03 -6.31 1.98
N GLY A 105 -4.20 -6.79 2.90
CA GLY A 105 -4.53 -7.99 3.64
C GLY A 105 -4.36 -9.24 2.76
N TYR A 106 -3.93 -9.01 1.54
CA TYR A 106 -3.71 -10.10 0.60
C TYR A 106 -2.22 -10.37 0.40
N SER A 107 -1.86 -11.64 0.55
CA SER A 107 -0.47 -12.04 0.40
C SER A 107 -0.22 -12.49 -1.05
N ALA A 108 1.05 -12.69 -1.35
CA ALA A 108 1.43 -13.12 -2.69
C ALA A 108 0.97 -14.56 -2.92
N LYS A 109 0.78 -15.26 -1.81
CA LYS A 109 0.34 -16.65 -1.86
C LYS A 109 -1.10 -16.71 -2.35
N GLU A 110 -1.95 -15.92 -1.70
CA GLU A 110 -3.36 -15.87 -2.06
C GLU A 110 -3.55 -15.06 -3.34
N ARG A 111 -2.80 -13.96 -3.44
CA ARG A 111 -2.88 -13.10 -4.60
C ARG A 111 -2.74 -13.92 -5.89
N LYS A 112 -1.88 -14.91 -5.81
CA LYS A 112 -1.63 -15.78 -6.96
C LYS A 112 -2.96 -16.41 -7.40
N LYS A 113 -3.93 -16.36 -6.50
CA LYS A 113 -5.25 -16.92 -6.78
C LYS A 113 -5.79 -16.29 -8.06
N MET A 114 -5.54 -15.00 -8.20
CA MET A 114 -6.01 -14.27 -9.37
C MET A 114 -5.05 -14.45 -10.55
N MET A 115 -3.99 -15.20 -10.30
CA MET A 115 -3.00 -15.46 -11.33
C MET A 115 -3.14 -16.89 -11.86
N THR A 116 -3.75 -17.74 -11.05
CA THR A 116 -3.95 -19.13 -11.43
C THR A 116 -5.18 -19.70 -10.73
N LYS A 117 -6.27 -19.75 -11.47
CA LYS A 117 -7.53 -20.27 -10.93
C LYS A 117 -7.61 -21.77 -11.21
N ASP A 118 -6.47 -22.43 -11.04
CA ASP A 118 -6.40 -23.86 -11.27
C ASP A 118 -5.04 -24.39 -10.81
N MET A 23 3.28 1.28 -11.23
CA MET A 23 2.03 1.23 -10.50
C MET A 23 1.53 -0.21 -10.37
N ARG A 24 1.14 -0.56 -9.16
CA ARG A 24 0.64 -1.90 -8.88
C ARG A 24 -0.79 -1.83 -8.32
N GLU A 25 -1.59 -2.79 -8.72
CA GLU A 25 -2.97 -2.85 -8.27
C GLU A 25 -3.14 -3.98 -7.24
N TYR A 26 -3.70 -3.61 -6.09
CA TYR A 26 -3.93 -4.57 -5.04
C TYR A 26 -5.43 -4.76 -4.77
N PRO A 27 -5.79 -6.03 -4.45
CA PRO A 27 -7.18 -6.34 -4.17
C PRO A 27 -7.61 -5.83 -2.79
N VAL A 28 -8.82 -6.18 -2.41
CA VAL A 28 -9.35 -5.76 -1.12
C VAL A 28 -9.96 -6.97 -0.40
N LYS A 29 -9.78 -7.00 0.91
CA LYS A 29 -10.29 -8.09 1.71
C LYS A 29 -11.66 -7.70 2.28
N LYS A 30 -12.54 -8.68 2.35
CA LYS A 30 -13.88 -8.46 2.86
C LYS A 30 -13.80 -8.13 4.35
N GLY A 31 -13.86 -6.84 4.64
CA GLY A 31 -13.81 -6.37 6.02
C GLY A 31 -12.75 -5.28 6.19
N PHE A 32 -11.60 -5.51 5.57
CA PHE A 32 -10.51 -4.56 5.63
C PHE A 32 -11.00 -3.14 5.33
N PRO A 33 -10.20 -2.14 5.82
CA PRO A 33 -10.54 -0.74 5.63
C PRO A 33 -10.26 -0.32 4.18
N THR A 34 -11.21 0.43 3.63
CA THR A 34 -11.07 0.92 2.26
C THR A 34 -11.30 2.43 2.22
N ASP A 35 -10.91 3.09 3.28
CA ASP A 35 -11.07 4.54 3.37
C ASP A 35 -9.72 5.18 3.65
N TYR A 36 -9.64 6.48 3.39
CA TYR A 36 -8.41 7.22 3.62
C TYR A 36 -8.09 7.34 5.10
N ASP A 37 -9.11 7.72 5.86
CA ASP A 37 -8.95 7.87 7.30
C ASP A 37 -8.52 6.54 7.90
N SER A 38 -9.27 5.50 7.57
CA SER A 38 -8.97 4.17 8.08
C SER A 38 -7.50 3.83 7.82
N ILE A 39 -7.09 3.99 6.57
CA ILE A 39 -5.73 3.71 6.19
C ILE A 39 -4.79 4.71 6.89
N LYS A 40 -5.24 5.95 6.93
CA LYS A 40 -4.46 7.00 7.56
C LYS A 40 -4.08 6.58 8.98
N ARG A 41 -5.08 6.05 9.69
CA ARG A 41 -4.86 5.60 11.04
C ARG A 41 -3.96 4.36 11.07
N LYS A 42 -4.12 3.53 10.04
CA LYS A 42 -3.33 2.32 9.93
C LYS A 42 -1.85 2.70 9.74
N ILE A 43 -1.64 3.74 8.96
CA ILE A 43 -0.29 4.21 8.70
C ILE A 43 0.33 4.72 9.99
N SER A 44 -0.41 5.58 10.67
CA SER A 44 0.06 6.15 11.93
C SER A 44 0.05 5.08 13.03
N GLU A 45 -0.81 4.09 12.83
CA GLU A 45 -0.93 3.01 13.79
C GLU A 45 0.22 2.01 13.61
N LEU A 46 0.82 2.05 12.43
CA LEU A 46 1.94 1.16 12.13
C LEU A 46 3.25 1.87 12.47
N GLY A 47 3.18 3.19 12.56
CA GLY A 47 4.34 3.99 12.88
C GLY A 47 4.80 4.81 11.66
N PHE A 48 3.87 5.00 10.74
CA PHE A 48 4.15 5.76 9.53
C PHE A 48 3.39 7.09 9.52
N ASP A 49 3.63 7.86 8.47
CA ASP A 49 2.97 9.15 8.33
C ASP A 49 2.15 9.16 7.03
N VAL A 50 1.22 10.08 6.96
CA VAL A 50 0.37 10.21 5.80
C VAL A 50 0.14 11.69 5.49
N LYS A 51 0.36 12.05 4.23
CA LYS A 51 0.18 13.42 3.80
C LYS A 51 -1.02 13.52 2.87
N SER A 52 -1.73 14.62 2.97
CA SER A 52 -2.91 14.85 2.15
C SER A 52 -2.61 15.91 1.09
N GLU A 53 -2.31 15.44 -0.11
CA GLU A 53 -2.00 16.32 -1.21
C GLU A 53 -3.22 16.45 -2.14
N GLY A 54 -4.06 17.42 -1.83
CA GLY A 54 -5.25 17.66 -2.64
C GLY A 54 -6.36 16.68 -2.25
N ASP A 55 -6.66 15.78 -3.18
CA ASP A 55 -7.69 14.78 -2.96
C ASP A 55 -7.07 13.40 -2.95
N LEU A 56 -5.76 13.37 -3.16
CA LEU A 56 -5.04 12.11 -3.18
C LEU A 56 -4.40 11.87 -1.80
N ILE A 57 -4.08 10.62 -1.54
CA ILE A 57 -3.48 10.24 -0.28
C ILE A 57 -2.02 9.84 -0.52
N ILE A 58 -1.18 10.24 0.42
CA ILE A 58 0.24 9.93 0.33
C ILE A 58 0.69 9.20 1.60
N ALA A 59 1.35 8.07 1.40
CA ALA A 59 1.82 7.27 2.51
C ALA A 59 3.30 7.57 2.76
N SER A 60 3.64 7.74 4.03
CA SER A 60 5.00 8.03 4.41
C SER A 60 5.66 6.79 5.02
N ILE A 61 6.39 6.07 4.18
CA ILE A 61 7.07 4.87 4.62
C ILE A 61 8.58 5.04 4.42
N PRO A 62 9.36 4.31 5.27
CA PRO A 62 10.81 4.38 5.20
C PRO A 62 11.33 3.59 3.99
N GLY A 63 12.23 4.23 3.27
CA GLY A 63 12.82 3.60 2.09
C GLY A 63 12.17 4.13 0.80
N ILE A 64 10.94 4.61 0.95
CA ILE A 64 10.21 5.15 -0.18
C ILE A 64 10.14 6.67 -0.05
N SER A 65 10.12 7.32 -1.21
CA SER A 65 10.06 8.77 -1.25
C SER A 65 8.61 9.24 -1.11
N ARG A 66 7.80 8.84 -2.07
CA ARG A 66 6.39 9.21 -2.07
C ARG A 66 5.57 8.18 -2.87
N ILE A 67 4.39 7.90 -2.35
CA ILE A 67 3.50 6.94 -3.00
C ILE A 67 2.06 7.43 -2.89
N GLU A 68 1.26 7.04 -3.87
CA GLU A 68 -0.14 7.44 -3.89
C GLU A 68 -1.04 6.22 -3.62
N ILE A 69 -2.11 6.47 -2.88
CA ILE A 69 -3.04 5.41 -2.54
C ILE A 69 -4.46 5.85 -2.92
N LYS A 70 -5.20 4.93 -3.53
CA LYS A 70 -6.56 5.21 -3.94
C LYS A 70 -7.44 4.00 -3.63
N PRO A 71 -8.04 4.03 -2.41
CA PRO A 71 -8.90 2.95 -1.97
C PRO A 71 -10.26 3.01 -2.66
N ASP A 72 -10.72 1.85 -3.12
CA ASP A 72 -11.99 1.77 -3.80
C ASP A 72 -12.79 0.58 -3.24
N LYS A 73 -14.11 0.75 -3.24
CA LYS A 73 -14.98 -0.30 -2.75
C LYS A 73 -14.69 -1.60 -3.49
N ARG A 74 -14.29 -1.45 -4.75
CA ARG A 74 -13.97 -2.60 -5.58
C ARG A 74 -12.58 -3.14 -5.24
N LYS A 75 -11.58 -2.35 -5.61
CA LYS A 75 -10.20 -2.72 -5.35
C LYS A 75 -9.37 -1.47 -5.06
N ILE A 76 -8.09 -1.68 -4.80
CA ILE A 76 -7.19 -0.58 -4.50
C ILE A 76 -6.00 -0.65 -5.46
N LEU A 77 -5.36 0.51 -5.63
CA LEU A 77 -4.21 0.60 -6.52
C LEU A 77 -3.14 1.48 -5.86
N VAL A 78 -1.89 1.21 -6.23
CA VAL A 78 -0.78 1.98 -5.69
C VAL A 78 0.02 2.59 -6.84
N ASN A 79 0.43 3.84 -6.64
CA ASN A 79 1.19 4.55 -7.65
C ASN A 79 2.44 5.14 -7.00
N THR A 80 3.59 4.65 -7.45
CA THR A 80 4.86 5.12 -6.92
C THR A 80 5.47 6.15 -7.87
N GLY A 81 6.57 6.75 -7.42
CA GLY A 81 7.27 7.74 -8.22
C GLY A 81 8.75 7.40 -8.38
N ASP A 82 9.49 7.60 -7.30
CA ASP A 82 10.90 7.31 -7.30
C ASP A 82 11.29 6.66 -5.97
N TYR A 83 12.09 5.61 -6.06
CA TYR A 83 12.55 4.91 -4.88
C TYR A 83 13.87 5.48 -4.36
N ASP A 84 14.16 5.17 -3.11
CA ASP A 84 15.39 5.64 -2.49
C ASP A 84 16.57 5.36 -3.43
N SER A 85 17.75 5.75 -2.98
CA SER A 85 18.96 5.54 -3.75
C SER A 85 19.88 4.55 -3.05
N ASP A 86 20.20 4.87 -1.80
CA ASP A 86 21.07 4.02 -1.01
C ASP A 86 20.23 3.18 -0.04
N ALA A 87 19.18 2.58 -0.61
CA ALA A 87 18.29 1.75 0.19
C ALA A 87 18.13 0.39 -0.48
N ASP A 88 18.31 -0.66 0.31
CA ASP A 88 18.18 -2.01 -0.19
C ASP A 88 16.86 -2.16 -0.94
N LYS A 89 16.95 -2.23 -2.26
CA LYS A 89 15.77 -2.37 -3.09
C LYS A 89 14.89 -3.48 -2.53
N LEU A 90 15.53 -4.42 -1.85
CA LEU A 90 14.82 -5.53 -1.25
C LEU A 90 14.11 -5.08 0.02
N ALA A 91 14.86 -4.36 0.85
CA ALA A 91 14.31 -3.85 2.10
C ALA A 91 13.16 -2.90 1.80
N VAL A 92 13.44 -1.92 0.94
CA VAL A 92 12.44 -0.95 0.56
C VAL A 92 11.19 -1.68 0.05
N VAL A 93 11.43 -2.68 -0.77
CA VAL A 93 10.33 -3.46 -1.32
C VAL A 93 9.68 -4.29 -0.22
N ARG A 94 10.53 -4.79 0.67
CA ARG A 94 10.06 -5.60 1.78
C ARG A 94 9.19 -4.76 2.72
N THR A 95 9.56 -3.50 2.84
CA THR A 95 8.84 -2.58 3.71
C THR A 95 7.67 -1.96 2.95
N TYR A 96 7.80 -1.91 1.63
CA TYR A 96 6.77 -1.35 0.79
C TYR A 96 5.65 -2.36 0.55
N ASN A 97 6.05 -3.54 0.10
CA ASN A 97 5.10 -4.60 -0.17
C ASN A 97 4.43 -5.04 1.14
N ASP A 98 5.23 -5.05 2.19
CA ASP A 98 4.73 -5.44 3.50
C ASP A 98 3.67 -4.44 3.96
N PHE A 99 3.93 -3.18 3.67
CA PHE A 99 3.01 -2.11 4.04
C PHE A 99 1.67 -2.26 3.30
N ILE A 100 1.79 -2.44 1.99
CA ILE A 100 0.60 -2.59 1.16
C ILE A 100 -0.12 -3.88 1.54
N GLU A 101 0.67 -4.93 1.73
CA GLU A 101 0.13 -6.22 2.10
C GLU A 101 -0.80 -6.09 3.30
N LYS A 102 -0.44 -5.18 4.19
CA LYS A 102 -1.24 -4.95 5.38
C LYS A 102 -2.39 -4.00 5.04
N LEU A 103 -2.15 -3.16 4.05
CA LEU A 103 -3.16 -2.20 3.62
C LEU A 103 -4.15 -2.90 2.70
N THR A 104 -3.74 -4.06 2.19
CA THR A 104 -4.59 -4.84 1.31
C THR A 104 -5.10 -6.09 2.02
N GLY A 105 -4.24 -6.67 2.83
CA GLY A 105 -4.59 -7.86 3.57
C GLY A 105 -4.26 -9.13 2.78
N TYR A 106 -4.34 -8.99 1.45
CA TYR A 106 -4.05 -10.10 0.56
C TYR A 106 -2.54 -10.39 0.52
N SER A 107 -2.23 -11.66 0.78
CA SER A 107 -0.84 -12.09 0.78
C SER A 107 -0.43 -12.54 -0.62
N ALA A 108 0.86 -12.76 -0.80
CA ALA A 108 1.40 -13.20 -2.07
C ALA A 108 0.89 -14.61 -2.37
N LYS A 109 0.52 -15.31 -1.31
CA LYS A 109 0.03 -16.67 -1.44
C LYS A 109 -1.35 -16.64 -2.10
N GLU A 110 -2.22 -15.80 -1.56
CA GLU A 110 -3.56 -15.66 -2.09
C GLU A 110 -3.57 -14.75 -3.32
N ARG A 111 -2.65 -13.79 -3.31
CA ARG A 111 -2.53 -12.85 -4.41
C ARG A 111 -2.46 -13.60 -5.74
N LYS A 112 -1.60 -14.62 -5.77
CA LYS A 112 -1.42 -15.41 -6.96
C LYS A 112 -2.69 -16.24 -7.22
N LYS A 113 -3.27 -16.71 -6.11
CA LYS A 113 -4.48 -17.51 -6.20
C LYS A 113 -5.52 -16.79 -7.06
N MET A 114 -5.49 -15.46 -6.97
CA MET A 114 -6.41 -14.64 -7.74
C MET A 114 -6.11 -14.74 -9.24
N MET A 115 -4.85 -14.59 -9.57
CA MET A 115 -4.43 -14.66 -10.96
C MET A 115 -4.81 -16.00 -11.59
N THR A 116 -4.70 -17.04 -10.78
CA THR A 116 -5.04 -18.38 -11.23
C THR A 116 -6.31 -18.88 -10.55
N LYS A 117 -7.43 -18.37 -11.02
CA LYS A 117 -8.72 -18.75 -10.47
C LYS A 117 -9.18 -20.05 -11.11
N ASP A 118 -8.47 -20.45 -12.15
CA ASP A 118 -8.79 -21.68 -12.86
C ASP A 118 -7.51 -22.51 -13.03
N MET A 23 2.01 1.18 -11.70
CA MET A 23 1.01 1.06 -10.64
C MET A 23 0.49 -0.36 -10.53
N ARG A 24 0.62 -0.92 -9.35
CA ARG A 24 0.17 -2.28 -9.09
C ARG A 24 -1.23 -2.26 -8.47
N GLU A 25 -2.04 -3.23 -8.87
CA GLU A 25 -3.39 -3.34 -8.36
C GLU A 25 -3.48 -4.46 -7.33
N TYR A 26 -3.94 -4.10 -6.14
CA TYR A 26 -4.08 -5.06 -5.06
C TYR A 26 -5.55 -5.16 -4.61
N PRO A 27 -5.92 -6.40 -4.18
CA PRO A 27 -7.28 -6.65 -3.72
C PRO A 27 -7.50 -6.06 -2.33
N VAL A 28 -8.77 -6.06 -1.93
CA VAL A 28 -9.13 -5.54 -0.62
C VAL A 28 -9.98 -6.56 0.12
N LYS A 29 -9.48 -6.99 1.26
CA LYS A 29 -10.19 -7.97 2.07
C LYS A 29 -11.55 -7.39 2.49
N LYS A 30 -12.52 -8.28 2.58
CA LYS A 30 -13.87 -7.88 2.98
C LYS A 30 -13.87 -7.50 4.46
N GLY A 31 -13.97 -6.20 4.70
CA GLY A 31 -13.99 -5.70 6.07
C GLY A 31 -12.88 -4.66 6.29
N PHE A 32 -11.70 -5.00 5.79
CA PHE A 32 -10.55 -4.11 5.93
C PHE A 32 -10.95 -2.66 5.64
N PRO A 33 -10.04 -1.73 6.05
CA PRO A 33 -10.29 -0.32 5.84
C PRO A 33 -10.08 0.07 4.37
N THR A 34 -11.07 0.77 3.84
CA THR A 34 -11.03 1.21 2.46
C THR A 34 -11.34 2.71 2.36
N ASP A 35 -11.05 3.42 3.44
CA ASP A 35 -11.29 4.85 3.49
C ASP A 35 -9.97 5.58 3.74
N TYR A 36 -9.85 6.75 3.14
CA TYR A 36 -8.66 7.56 3.30
C TYR A 36 -8.29 7.71 4.77
N ASP A 37 -9.25 8.19 5.55
CA ASP A 37 -9.03 8.38 6.97
C ASP A 37 -8.69 7.04 7.61
N SER A 38 -9.50 6.03 7.30
CA SER A 38 -9.29 4.70 7.84
C SER A 38 -7.84 4.27 7.63
N ILE A 39 -7.41 4.37 6.38
CA ILE A 39 -6.04 3.99 6.03
C ILE A 39 -5.07 4.94 6.72
N LYS A 40 -5.46 6.21 6.78
CA LYS A 40 -4.63 7.22 7.41
C LYS A 40 -4.29 6.78 8.84
N ARG A 41 -5.28 6.19 9.50
CA ARG A 41 -5.10 5.72 10.86
C ARG A 41 -4.30 4.42 10.87
N LYS A 42 -4.55 3.60 9.86
CA LYS A 42 -3.87 2.32 9.73
C LYS A 42 -2.38 2.56 9.47
N ILE A 43 -2.11 3.63 8.74
CA ILE A 43 -0.74 3.98 8.41
C ILE A 43 -0.01 4.42 9.69
N SER A 44 -0.64 5.34 10.40
CA SER A 44 -0.06 5.85 11.63
C SER A 44 -0.13 4.77 12.72
N GLU A 45 -1.17 3.96 12.64
CA GLU A 45 -1.36 2.89 13.61
C GLU A 45 -0.26 1.85 13.47
N LEU A 46 0.36 1.83 12.30
CA LEU A 46 1.44 0.89 12.04
C LEU A 46 2.77 1.52 12.43
N GLY A 47 2.79 2.85 12.43
CA GLY A 47 3.99 3.58 12.79
C GLY A 47 4.54 4.35 11.59
N PHE A 48 3.64 4.69 10.68
CA PHE A 48 4.03 5.43 9.49
C PHE A 48 3.33 6.79 9.43
N ASP A 49 3.66 7.54 8.40
CA ASP A 49 3.09 8.86 8.22
C ASP A 49 2.26 8.88 6.94
N VAL A 50 1.38 9.88 6.85
CA VAL A 50 0.53 10.02 5.68
C VAL A 50 0.38 11.51 5.35
N LYS A 51 0.62 11.83 4.08
CA LYS A 51 0.51 13.20 3.62
C LYS A 51 -0.71 13.34 2.72
N SER A 52 -1.37 14.48 2.84
CA SER A 52 -2.56 14.75 2.03
C SER A 52 -2.22 15.73 0.91
N GLU A 53 -2.08 15.17 -0.29
CA GLU A 53 -1.76 15.98 -1.45
C GLU A 53 -2.99 16.16 -2.33
N GLY A 54 -3.44 17.40 -2.42
CA GLY A 54 -4.61 17.72 -3.23
C GLY A 54 -5.81 16.87 -2.82
N ASP A 55 -6.14 15.92 -3.70
CA ASP A 55 -7.26 15.03 -3.45
C ASP A 55 -6.74 13.60 -3.34
N LEU A 56 -5.44 13.44 -3.55
CA LEU A 56 -4.82 12.14 -3.49
C LEU A 56 -4.23 11.93 -2.09
N ILE A 57 -3.97 10.66 -1.78
CA ILE A 57 -3.41 10.31 -0.49
C ILE A 57 -1.98 9.82 -0.68
N ILE A 58 -1.13 10.17 0.28
CA ILE A 58 0.27 9.78 0.23
C ILE A 58 0.62 9.02 1.51
N ALA A 59 1.37 7.94 1.33
CA ALA A 59 1.79 7.13 2.46
C ALA A 59 3.28 7.33 2.71
N SER A 60 3.64 7.36 3.99
CA SER A 60 5.03 7.55 4.38
C SER A 60 5.57 6.28 5.01
N ILE A 61 6.32 5.52 4.22
CA ILE A 61 6.90 4.28 4.68
C ILE A 61 8.42 4.35 4.54
N PRO A 62 9.12 3.53 5.37
CA PRO A 62 10.57 3.50 5.35
C PRO A 62 11.08 2.75 4.12
N GLY A 63 12.03 3.37 3.43
CA GLY A 63 12.61 2.79 2.23
C GLY A 63 12.00 3.40 0.97
N ILE A 64 10.77 3.88 1.12
CA ILE A 64 10.07 4.48 0.00
C ILE A 64 9.99 6.00 0.22
N SER A 65 10.15 6.73 -0.86
CA SER A 65 10.10 8.18 -0.81
C SER A 65 8.65 8.65 -0.63
N ARG A 66 7.84 8.32 -1.64
CA ARG A 66 6.44 8.70 -1.61
C ARG A 66 5.62 7.76 -2.50
N ILE A 67 4.43 7.42 -2.02
CA ILE A 67 3.56 6.53 -2.75
C ILE A 67 2.12 7.06 -2.68
N GLU A 68 1.35 6.76 -3.72
CA GLU A 68 -0.02 7.20 -3.78
C GLU A 68 -0.97 6.03 -3.54
N ILE A 69 -2.00 6.29 -2.75
CA ILE A 69 -2.98 5.27 -2.43
C ILE A 69 -4.36 5.72 -2.92
N LYS A 70 -5.09 4.76 -3.49
CA LYS A 70 -6.41 5.06 -4.00
C LYS A 70 -7.37 3.94 -3.57
N PRO A 71 -7.97 4.13 -2.36
CA PRO A 71 -8.90 3.15 -1.82
C PRO A 71 -10.25 3.23 -2.54
N ASP A 72 -10.77 2.07 -2.89
CA ASP A 72 -12.05 1.98 -3.58
C ASP A 72 -12.86 0.83 -3.00
N LYS A 73 -14.18 1.00 -3.01
CA LYS A 73 -15.07 0.00 -2.49
C LYS A 73 -14.83 -1.33 -3.23
N ARG A 74 -14.40 -1.20 -4.48
CA ARG A 74 -14.13 -2.36 -5.29
C ARG A 74 -12.74 -2.93 -4.97
N LYS A 75 -11.73 -2.13 -5.25
CA LYS A 75 -10.36 -2.54 -4.99
C LYS A 75 -9.50 -1.30 -4.71
N ILE A 76 -8.21 -1.54 -4.57
CA ILE A 76 -7.28 -0.46 -4.29
C ILE A 76 -6.05 -0.60 -5.20
N LEU A 77 -5.38 0.53 -5.41
CA LEU A 77 -4.20 0.53 -6.25
C LEU A 77 -3.16 1.49 -5.65
N VAL A 78 -1.91 1.23 -5.98
CA VAL A 78 -0.82 2.06 -5.49
C VAL A 78 0.12 2.40 -6.64
N ASN A 79 0.73 3.57 -6.54
CA ASN A 79 1.65 4.03 -7.57
C ASN A 79 2.93 4.55 -6.91
N THR A 80 4.05 4.12 -7.47
CA THR A 80 5.35 4.52 -6.95
C THR A 80 6.05 5.47 -7.92
N GLY A 81 6.67 6.49 -7.35
CA GLY A 81 7.37 7.48 -8.15
C GLY A 81 8.87 7.15 -8.24
N ASP A 82 9.62 7.76 -7.33
CA ASP A 82 11.06 7.54 -7.29
C ASP A 82 11.43 6.92 -5.94
N TYR A 83 11.84 5.65 -6.00
CA TYR A 83 12.23 4.94 -4.80
C TYR A 83 13.51 5.52 -4.20
N ASP A 84 13.73 5.23 -2.93
CA ASP A 84 14.90 5.71 -2.24
C ASP A 84 16.13 5.55 -3.14
N SER A 85 17.22 6.17 -2.73
CA SER A 85 18.46 6.10 -3.48
C SER A 85 19.47 5.20 -2.77
N ASP A 86 19.70 5.53 -1.49
CA ASP A 86 20.63 4.76 -0.69
C ASP A 86 19.94 3.50 -0.18
N ALA A 87 18.62 3.57 -0.13
CA ALA A 87 17.83 2.43 0.34
C ALA A 87 17.71 1.40 -0.78
N ASP A 88 18.06 0.17 -0.45
CA ASP A 88 18.00 -0.92 -1.41
C ASP A 88 16.55 -1.08 -1.89
N LYS A 89 16.32 -0.65 -3.12
CA LYS A 89 15.00 -0.75 -3.70
C LYS A 89 14.46 -2.18 -3.50
N LEU A 90 15.38 -3.12 -3.47
CA LEU A 90 15.02 -4.51 -3.29
C LEU A 90 14.67 -4.76 -1.82
N ALA A 91 15.37 -4.05 -0.94
CA ALA A 91 15.14 -4.17 0.48
C ALA A 91 13.84 -3.45 0.85
N VAL A 92 13.75 -2.20 0.43
CA VAL A 92 12.58 -1.40 0.72
C VAL A 92 11.33 -2.14 0.24
N VAL A 93 11.51 -2.92 -0.81
CA VAL A 93 10.42 -3.68 -1.38
C VAL A 93 9.81 -4.57 -0.28
N ARG A 94 10.68 -5.15 0.53
CA ARG A 94 10.24 -6.00 1.61
C ARG A 94 9.40 -5.21 2.61
N THR A 95 9.71 -3.93 2.73
CA THR A 95 8.99 -3.07 3.63
C THR A 95 7.73 -2.50 2.96
N TYR A 96 7.84 -2.34 1.64
CA TYR A 96 6.74 -1.81 0.87
C TYR A 96 5.57 -2.80 0.82
N ASN A 97 5.93 -4.06 0.57
CA ASN A 97 4.92 -5.12 0.48
C ASN A 97 4.36 -5.37 1.89
N ASP A 98 5.25 -5.31 2.88
CA ASP A 98 4.86 -5.54 4.25
C ASP A 98 3.73 -4.58 4.62
N PHE A 99 3.83 -3.36 4.10
CA PHE A 99 2.83 -2.35 4.37
C PHE A 99 1.53 -2.64 3.62
N ILE A 100 1.67 -2.85 2.31
CA ILE A 100 0.53 -3.14 1.48
C ILE A 100 -0.17 -4.41 1.99
N GLU A 101 0.65 -5.32 2.50
CA GLU A 101 0.12 -6.57 3.03
C GLU A 101 -0.93 -6.29 4.11
N LYS A 102 -0.61 -5.34 4.96
CA LYS A 102 -1.51 -4.98 6.04
C LYS A 102 -2.48 -3.91 5.55
N LEU A 103 -2.11 -3.28 4.44
CA LEU A 103 -2.94 -2.23 3.85
C LEU A 103 -4.06 -2.88 3.05
N THR A 104 -3.77 -4.06 2.54
CA THR A 104 -4.75 -4.79 1.74
C THR A 104 -5.21 -6.05 2.48
N GLY A 105 -4.27 -6.64 3.21
CA GLY A 105 -4.56 -7.84 3.97
C GLY A 105 -4.24 -9.10 3.16
N TYR A 106 -4.27 -8.93 1.85
CA TYR A 106 -3.98 -10.04 0.94
C TYR A 106 -2.47 -10.26 0.82
N SER A 107 -2.06 -11.49 1.09
CA SER A 107 -0.65 -11.84 1.01
C SER A 107 -0.29 -12.19 -0.43
N ALA A 108 1.01 -12.13 -0.71
CA ALA A 108 1.51 -12.42 -2.03
C ALA A 108 1.22 -13.89 -2.37
N LYS A 109 1.02 -14.67 -1.32
CA LYS A 109 0.73 -16.10 -1.49
C LYS A 109 -0.69 -16.26 -2.01
N GLU A 110 -1.61 -15.52 -1.41
CA GLU A 110 -3.00 -15.58 -1.81
C GLU A 110 -3.24 -14.73 -3.05
N ARG A 111 -2.47 -13.64 -3.13
CA ARG A 111 -2.59 -12.74 -4.26
C ARG A 111 -2.50 -13.51 -5.58
N LYS A 112 -1.67 -14.54 -5.57
CA LYS A 112 -1.49 -15.37 -6.75
C LYS A 112 -2.86 -15.82 -7.26
N LYS A 113 -3.84 -15.82 -6.36
CA LYS A 113 -5.18 -16.22 -6.70
C LYS A 113 -5.60 -15.55 -8.02
N MET A 114 -5.12 -14.32 -8.19
CA MET A 114 -5.42 -13.56 -9.39
C MET A 114 -4.83 -14.23 -10.63
N MET A 115 -3.65 -14.81 -10.45
CA MET A 115 -2.96 -15.47 -11.54
C MET A 115 -3.56 -16.86 -11.79
N THR A 116 -3.75 -17.60 -10.70
CA THR A 116 -4.30 -18.94 -10.79
C THR A 116 -5.71 -18.96 -10.19
N LYS A 117 -6.68 -18.64 -11.03
CA LYS A 117 -8.07 -18.64 -10.60
C LYS A 117 -8.68 -20.01 -10.84
N ASP A 118 -9.85 -20.22 -10.25
CA ASP A 118 -10.55 -21.48 -10.40
C ASP A 118 -11.21 -21.54 -11.78
N MET A 23 2.76 1.11 -11.41
CA MET A 23 1.57 1.03 -10.57
C MET A 23 1.08 -0.43 -10.47
N ARG A 24 0.96 -0.89 -9.23
CA ARG A 24 0.50 -2.24 -8.99
C ARG A 24 -0.91 -2.23 -8.38
N GLU A 25 -1.70 -3.21 -8.79
CA GLU A 25 -3.07 -3.32 -8.30
C GLU A 25 -3.16 -4.41 -7.23
N TYR A 26 -3.65 -4.01 -6.06
CA TYR A 26 -3.80 -4.94 -4.95
C TYR A 26 -5.27 -5.13 -4.58
N PRO A 27 -5.63 -6.41 -4.28
CA PRO A 27 -7.00 -6.74 -3.93
C PRO A 27 -7.31 -6.28 -2.49
N VAL A 28 -8.60 -6.24 -2.19
CA VAL A 28 -9.04 -5.83 -0.87
C VAL A 28 -9.84 -6.96 -0.22
N LYS A 29 -9.54 -7.21 1.05
CA LYS A 29 -10.22 -8.26 1.78
C LYS A 29 -11.57 -7.74 2.26
N LYS A 30 -12.55 -8.64 2.25
CA LYS A 30 -13.90 -8.28 2.67
C LYS A 30 -13.89 -7.95 4.17
N GLY A 31 -14.02 -6.67 4.47
CA GLY A 31 -14.03 -6.21 5.84
C GLY A 31 -12.91 -5.20 6.09
N PHE A 32 -11.75 -5.49 5.52
CA PHE A 32 -10.60 -4.62 5.67
C PHE A 32 -10.98 -3.16 5.40
N PRO A 33 -10.10 -2.24 5.87
CA PRO A 33 -10.33 -0.82 5.68
C PRO A 33 -10.04 -0.39 4.24
N THR A 34 -10.99 0.34 3.68
CA THR A 34 -10.87 0.81 2.31
C THR A 34 -11.23 2.30 2.22
N ASP A 35 -11.05 2.99 3.33
CA ASP A 35 -11.35 4.40 3.40
C ASP A 35 -10.07 5.18 3.72
N TYR A 36 -9.96 6.36 3.12
CA TYR A 36 -8.80 7.21 3.34
C TYR A 36 -8.48 7.34 4.83
N ASP A 37 -9.49 7.77 5.58
CA ASP A 37 -9.34 7.94 7.01
C ASP A 37 -8.91 6.61 7.64
N SER A 38 -9.60 5.56 7.24
CA SER A 38 -9.30 4.23 7.77
C SER A 38 -7.82 3.92 7.57
N ILE A 39 -7.37 4.07 6.34
CA ILE A 39 -5.98 3.82 6.01
C ILE A 39 -5.09 4.81 6.76
N LYS A 40 -5.57 6.04 6.85
CA LYS A 40 -4.83 7.09 7.54
C LYS A 40 -4.46 6.61 8.94
N ARG A 41 -5.42 5.95 9.58
CA ARG A 41 -5.21 5.44 10.93
C ARG A 41 -4.37 4.16 10.88
N LYS A 42 -4.55 3.41 9.80
CA LYS A 42 -3.81 2.17 9.62
C LYS A 42 -2.33 2.49 9.44
N ILE A 43 -2.06 3.55 8.71
CA ILE A 43 -0.70 3.97 8.45
C ILE A 43 -0.03 4.35 9.78
N SER A 44 -0.67 5.26 10.49
CA SER A 44 -0.15 5.71 11.77
C SER A 44 -0.17 4.57 12.78
N GLU A 45 -1.20 3.74 12.66
CA GLU A 45 -1.35 2.60 13.55
C GLU A 45 -0.11 1.70 13.49
N LEU A 46 0.50 1.67 12.31
CA LEU A 46 1.69 0.87 12.10
C LEU A 46 2.92 1.65 12.58
N GLY A 47 2.78 2.96 12.58
CA GLY A 47 3.87 3.83 13.01
C GLY A 47 4.42 4.65 11.83
N PHE A 48 3.50 5.01 10.93
CA PHE A 48 3.87 5.79 9.77
C PHE A 48 3.11 7.12 9.75
N ASP A 49 3.42 7.92 8.74
CA ASP A 49 2.78 9.22 8.59
C ASP A 49 1.96 9.24 7.30
N VAL A 50 1.05 10.20 7.22
CA VAL A 50 0.21 10.33 6.05
C VAL A 50 0.05 11.82 5.71
N LYS A 51 0.31 12.14 4.44
CA LYS A 51 0.20 13.51 3.98
C LYS A 51 -0.99 13.62 3.02
N SER A 52 -1.66 14.76 3.09
CA SER A 52 -2.80 15.01 2.23
C SER A 52 -2.41 15.94 1.08
N GLU A 53 -2.46 15.40 -0.13
CA GLU A 53 -2.11 16.17 -1.31
C GLU A 53 -3.34 16.36 -2.20
N GLY A 54 -4.04 17.46 -1.97
CA GLY A 54 -5.23 17.76 -2.74
C GLY A 54 -6.38 16.82 -2.38
N ASP A 55 -6.62 15.87 -3.29
CA ASP A 55 -7.68 14.90 -3.09
C ASP A 55 -7.07 13.49 -3.03
N LEU A 56 -5.76 13.44 -3.21
CA LEU A 56 -5.04 12.18 -3.19
C LEU A 56 -4.45 11.96 -1.79
N ILE A 57 -4.17 10.69 -1.49
CA ILE A 57 -3.61 10.34 -0.20
C ILE A 57 -2.14 9.96 -0.37
N ILE A 58 -1.33 10.43 0.57
CA ILE A 58 0.09 10.16 0.52
C ILE A 58 0.50 9.41 1.80
N ALA A 59 1.34 8.40 1.61
CA ALA A 59 1.81 7.60 2.72
C ALA A 59 3.26 7.96 3.02
N SER A 60 3.61 7.87 4.30
CA SER A 60 4.96 8.19 4.73
C SER A 60 5.63 6.93 5.30
N ILE A 61 6.55 6.38 4.53
CA ILE A 61 7.27 5.19 4.94
C ILE A 61 8.77 5.42 4.78
N PRO A 62 9.56 4.68 5.61
CA PRO A 62 11.00 4.80 5.57
C PRO A 62 11.58 4.08 4.35
N GLY A 63 12.52 4.74 3.69
CA GLY A 63 13.14 4.17 2.51
C GLY A 63 12.50 4.71 1.23
N ILE A 64 11.24 5.09 1.37
CA ILE A 64 10.50 5.63 0.23
C ILE A 64 10.31 7.13 0.41
N SER A 65 10.30 7.84 -0.71
CA SER A 65 10.12 9.27 -0.70
C SER A 65 8.65 9.62 -0.52
N ARG A 66 7.85 9.20 -1.50
CA ARG A 66 6.42 9.46 -1.47
C ARG A 66 5.68 8.42 -2.31
N ILE A 67 4.49 8.07 -1.83
CA ILE A 67 3.67 7.08 -2.52
C ILE A 67 2.22 7.57 -2.53
N GLU A 68 1.51 7.17 -3.58
CA GLU A 68 0.12 7.55 -3.72
C GLU A 68 -0.79 6.31 -3.65
N ILE A 69 -1.88 6.44 -2.92
CA ILE A 69 -2.82 5.34 -2.76
C ILE A 69 -4.23 5.83 -3.10
N LYS A 70 -5.00 4.95 -3.71
CA LYS A 70 -6.37 5.28 -4.08
C LYS A 70 -7.30 4.12 -3.69
N PRO A 71 -7.84 4.22 -2.46
CA PRO A 71 -8.75 3.19 -1.97
C PRO A 71 -10.12 3.30 -2.63
N ASP A 72 -10.56 2.18 -3.20
CA ASP A 72 -11.84 2.14 -3.86
C ASP A 72 -12.64 0.94 -3.35
N LYS A 73 -13.95 1.07 -3.41
CA LYS A 73 -14.83 0.01 -2.95
C LYS A 73 -14.47 -1.29 -3.67
N ARG A 74 -14.10 -1.15 -4.93
CA ARG A 74 -13.72 -2.30 -5.74
C ARG A 74 -12.38 -2.86 -5.26
N LYS A 75 -11.33 -2.07 -5.49
CA LYS A 75 -9.99 -2.48 -5.09
C LYS A 75 -9.15 -1.23 -4.82
N ILE A 76 -7.89 -1.47 -4.49
CA ILE A 76 -6.97 -0.37 -4.21
C ILE A 76 -5.74 -0.51 -5.11
N LEU A 77 -5.03 0.60 -5.26
CA LEU A 77 -3.83 0.63 -6.07
C LEU A 77 -2.83 1.62 -5.49
N VAL A 78 -1.56 1.34 -5.74
CA VAL A 78 -0.50 2.21 -5.24
C VAL A 78 0.49 2.50 -6.37
N ASN A 79 1.10 3.67 -6.29
CA ASN A 79 2.06 4.09 -7.30
C ASN A 79 3.29 4.69 -6.61
N THR A 80 4.44 4.11 -6.91
CA THR A 80 5.68 4.57 -6.32
C THR A 80 6.39 5.54 -7.27
N GLY A 81 6.84 6.65 -6.70
CA GLY A 81 7.54 7.67 -7.48
C GLY A 81 8.88 7.14 -8.00
N ASP A 82 9.90 7.34 -7.18
CA ASP A 82 11.24 6.90 -7.54
C ASP A 82 11.98 6.45 -6.27
N TYR A 83 12.16 5.14 -6.16
CA TYR A 83 12.84 4.57 -5.01
C TYR A 83 14.30 5.03 -4.96
N ASP A 84 14.85 5.02 -3.76
CA ASP A 84 16.23 5.43 -3.55
C ASP A 84 17.16 4.40 -4.19
N SER A 85 17.84 4.83 -5.24
CA SER A 85 18.76 3.96 -5.95
C SER A 85 19.86 3.48 -4.99
N ASP A 86 20.16 4.32 -4.02
CA ASP A 86 21.19 4.00 -3.04
C ASP A 86 20.54 3.30 -1.84
N ALA A 87 19.35 2.77 -2.08
CA ALA A 87 18.61 2.07 -1.04
C ALA A 87 18.18 0.71 -1.56
N ASP A 88 18.36 -0.30 -0.72
CA ASP A 88 17.98 -1.66 -1.09
C ASP A 88 16.55 -1.67 -1.59
N LYS A 89 16.40 -1.80 -2.91
CA LYS A 89 15.10 -1.82 -3.52
C LYS A 89 14.29 -2.98 -2.95
N LEU A 90 15.01 -3.96 -2.43
CA LEU A 90 14.37 -5.14 -1.84
C LEU A 90 13.85 -4.78 -0.45
N ALA A 91 14.73 -4.18 0.34
CA ALA A 91 14.38 -3.80 1.70
C ALA A 91 13.11 -2.92 1.65
N VAL A 92 13.20 -1.86 0.86
CA VAL A 92 12.09 -0.94 0.72
C VAL A 92 10.84 -1.72 0.30
N VAL A 93 11.04 -2.64 -0.62
CA VAL A 93 9.94 -3.45 -1.11
C VAL A 93 9.45 -4.37 0.00
N ARG A 94 10.41 -4.85 0.79
CA ARG A 94 10.08 -5.74 1.90
C ARG A 94 9.28 -4.99 2.97
N THR A 95 9.67 -3.74 3.18
CA THR A 95 8.99 -2.91 4.16
C THR A 95 7.74 -2.28 3.57
N TYR A 96 7.79 -2.06 2.26
CA TYR A 96 6.68 -1.47 1.54
C TYR A 96 5.57 -2.49 1.31
N ASN A 97 5.98 -3.73 1.10
CA ASN A 97 5.04 -4.80 0.87
C ASN A 97 4.21 -5.04 2.14
N ASP A 98 4.92 -5.07 3.26
CA ASP A 98 4.28 -5.29 4.54
C ASP A 98 3.19 -4.24 4.75
N PHE A 99 3.49 -3.03 4.30
CA PHE A 99 2.55 -1.92 4.42
C PHE A 99 1.34 -2.13 3.52
N ILE A 100 1.61 -2.61 2.32
CA ILE A 100 0.54 -2.86 1.35
C ILE A 100 -0.23 -4.11 1.77
N GLU A 101 0.52 -5.12 2.17
CA GLU A 101 -0.08 -6.37 2.60
C GLU A 101 -1.10 -6.12 3.73
N LYS A 102 -0.78 -5.11 4.54
CA LYS A 102 -1.65 -4.76 5.66
C LYS A 102 -2.75 -3.84 5.16
N LEU A 103 -2.44 -3.09 4.12
CA LEU A 103 -3.39 -2.15 3.54
C LEU A 103 -4.31 -2.90 2.58
N THR A 104 -3.87 -4.09 2.19
CA THR A 104 -4.64 -4.91 1.26
C THR A 104 -5.19 -6.14 1.99
N GLY A 105 -4.36 -6.71 2.84
CA GLY A 105 -4.75 -7.89 3.60
C GLY A 105 -4.47 -9.16 2.80
N TYR A 106 -4.29 -8.99 1.50
CA TYR A 106 -4.02 -10.12 0.62
C TYR A 106 -2.51 -10.39 0.53
N SER A 107 -2.15 -11.63 0.81
CA SER A 107 -0.75 -12.02 0.77
C SER A 107 -0.35 -12.37 -0.67
N ALA A 108 0.96 -12.37 -0.89
CA ALA A 108 1.48 -12.68 -2.21
C ALA A 108 1.16 -14.13 -2.57
N LYS A 109 0.92 -14.91 -1.53
CA LYS A 109 0.60 -16.32 -1.71
C LYS A 109 -0.82 -16.45 -2.26
N GLU A 110 -1.73 -15.71 -1.64
CA GLU A 110 -3.13 -15.73 -2.05
C GLU A 110 -3.32 -14.88 -3.31
N ARG A 111 -2.53 -13.82 -3.40
CA ARG A 111 -2.60 -12.93 -4.54
C ARG A 111 -2.54 -13.72 -5.84
N LYS A 112 -1.73 -14.78 -5.81
CA LYS A 112 -1.58 -15.63 -6.99
C LYS A 112 -2.91 -16.29 -7.31
N LYS A 113 -3.75 -16.42 -6.29
CA LYS A 113 -5.06 -17.03 -6.45
C LYS A 113 -5.80 -16.33 -7.59
N MET A 114 -5.73 -15.01 -7.57
CA MET A 114 -6.39 -14.21 -8.59
C MET A 114 -5.77 -14.45 -9.96
N MET A 115 -4.62 -15.10 -9.95
CA MET A 115 -3.92 -15.40 -11.19
C MET A 115 -4.18 -16.84 -11.63
N THR A 116 -4.41 -17.70 -10.65
CA THR A 116 -4.68 -19.10 -10.93
C THR A 116 -5.53 -19.71 -9.82
N LYS A 117 -6.84 -19.72 -10.07
CA LYS A 117 -7.78 -20.26 -9.10
C LYS A 117 -7.27 -21.63 -8.62
N ASP A 118 -6.89 -22.45 -9.58
CA ASP A 118 -6.38 -23.78 -9.27
C ASP A 118 -4.91 -23.69 -8.88
N MET A 23 1.74 1.69 -12.42
CA MET A 23 0.94 1.65 -11.20
C MET A 23 0.74 0.22 -10.73
N ARG A 24 0.27 0.10 -9.49
CA ARG A 24 0.03 -1.21 -8.91
C ARG A 24 -1.46 -1.38 -8.58
N GLU A 25 -1.87 -2.63 -8.47
CA GLU A 25 -3.25 -2.94 -8.15
C GLU A 25 -3.33 -4.09 -7.16
N TYR A 26 -3.92 -3.81 -6.00
CA TYR A 26 -4.07 -4.81 -4.96
C TYR A 26 -5.53 -4.97 -4.55
N PRO A 27 -5.91 -6.25 -4.26
CA PRO A 27 -7.27 -6.55 -3.86
C PRO A 27 -7.53 -6.10 -2.42
N VAL A 28 -8.80 -6.16 -2.03
CA VAL A 28 -9.18 -5.77 -0.69
C VAL A 28 -9.93 -6.93 -0.02
N LYS A 29 -9.47 -7.27 1.18
CA LYS A 29 -10.09 -8.35 1.93
C LYS A 29 -11.45 -7.91 2.43
N LYS A 30 -12.37 -8.87 2.51
CA LYS A 30 -13.71 -8.60 2.97
C LYS A 30 -13.66 -8.19 4.45
N GLY A 31 -13.81 -6.90 4.68
CA GLY A 31 -13.79 -6.37 6.04
C GLY A 31 -12.62 -5.42 6.23
N PHE A 32 -11.50 -5.76 5.61
CA PHE A 32 -10.30 -4.94 5.70
C PHE A 32 -10.61 -3.47 5.42
N PRO A 33 -9.70 -2.59 5.90
CA PRO A 33 -9.86 -1.16 5.71
C PRO A 33 -9.56 -0.76 4.26
N THR A 34 -10.50 -0.07 3.66
CA THR A 34 -10.35 0.38 2.28
C THR A 34 -10.83 1.82 2.13
N ASP A 35 -10.62 2.59 3.18
CA ASP A 35 -11.03 3.99 3.18
C ASP A 35 -9.83 4.86 3.59
N TYR A 36 -9.85 6.09 3.09
CA TYR A 36 -8.78 7.03 3.39
C TYR A 36 -8.52 7.12 4.90
N ASP A 37 -9.59 7.41 5.63
CA ASP A 37 -9.49 7.53 7.07
C ASP A 37 -9.00 6.20 7.65
N SER A 38 -9.68 5.13 7.27
CA SER A 38 -9.32 3.81 7.74
C SER A 38 -7.82 3.57 7.54
N ILE A 39 -7.38 3.79 6.32
CA ILE A 39 -5.97 3.60 5.98
C ILE A 39 -5.13 4.64 6.74
N LYS A 40 -5.64 5.86 6.77
CA LYS A 40 -4.95 6.94 7.46
C LYS A 40 -4.61 6.50 8.88
N ARG A 41 -5.63 5.99 9.56
CA ARG A 41 -5.45 5.53 10.93
C ARG A 41 -4.52 4.32 10.97
N LYS A 42 -4.61 3.51 9.92
CA LYS A 42 -3.78 2.31 9.82
C LYS A 42 -2.32 2.73 9.66
N ILE A 43 -2.12 3.75 8.84
CA ILE A 43 -0.78 4.25 8.59
C ILE A 43 -0.15 4.71 9.90
N SER A 44 -0.87 5.58 10.59
CA SER A 44 -0.40 6.11 11.86
C SER A 44 -0.37 4.99 12.90
N GLU A 45 -1.39 4.15 12.85
CA GLU A 45 -1.49 3.04 13.79
C GLU A 45 -0.24 2.15 13.71
N LEU A 46 0.37 2.17 12.54
CA LEU A 46 1.58 1.38 12.31
C LEU A 46 2.80 2.18 12.76
N GLY A 47 2.65 3.50 12.72
CA GLY A 47 3.74 4.38 13.12
C GLY A 47 4.25 5.18 11.93
N PHE A 48 3.34 5.45 10.99
CA PHE A 48 3.69 6.22 9.80
C PHE A 48 2.88 7.50 9.72
N ASP A 49 3.21 8.31 8.73
CA ASP A 49 2.52 9.57 8.52
C ASP A 49 1.73 9.51 7.21
N VAL A 50 0.78 10.43 7.08
CA VAL A 50 -0.05 10.48 5.90
C VAL A 50 -0.30 11.94 5.52
N LYS A 51 -0.03 12.26 4.27
CA LYS A 51 -0.21 13.61 3.77
C LYS A 51 -1.40 13.64 2.81
N SER A 52 -2.13 14.74 2.86
CA SER A 52 -3.30 14.91 2.01
C SER A 52 -2.97 15.85 0.85
N GLU A 53 -2.77 15.26 -0.32
CA GLU A 53 -2.45 16.03 -1.51
C GLU A 53 -3.69 16.18 -2.39
N GLY A 54 -4.39 17.28 -2.20
CA GLY A 54 -5.59 17.55 -2.97
C GLY A 54 -6.70 16.56 -2.62
N ASP A 55 -6.90 15.59 -3.50
CA ASP A 55 -7.92 14.59 -3.29
C ASP A 55 -7.26 13.21 -3.22
N LEU A 56 -5.96 13.19 -3.42
CA LEU A 56 -5.20 11.96 -3.37
C LEU A 56 -4.61 11.78 -1.97
N ILE A 57 -4.26 10.54 -1.66
CA ILE A 57 -3.69 10.23 -0.37
C ILE A 57 -2.22 9.84 -0.54
N ILE A 58 -1.41 10.29 0.41
CA ILE A 58 0.02 10.00 0.36
C ILE A 58 0.43 9.32 1.67
N ALA A 59 1.34 8.36 1.53
CA ALA A 59 1.82 7.62 2.69
C ALA A 59 3.28 8.00 2.96
N SER A 60 3.63 8.01 4.24
CA SER A 60 4.98 8.36 4.64
C SER A 60 5.66 7.14 5.27
N ILE A 61 6.52 6.51 4.49
CA ILE A 61 7.24 5.34 4.96
C ILE A 61 8.75 5.58 4.80
N PRO A 62 9.53 4.91 5.69
CA PRO A 62 10.98 5.03 5.65
C PRO A 62 11.57 4.25 4.48
N GLY A 63 12.47 4.90 3.77
CA GLY A 63 13.12 4.27 2.62
C GLY A 63 12.50 4.76 1.31
N ILE A 64 11.25 5.17 1.40
CA ILE A 64 10.53 5.66 0.24
C ILE A 64 10.36 7.18 0.34
N SER A 65 10.32 7.82 -0.82
CA SER A 65 10.17 9.27 -0.86
C SER A 65 8.69 9.63 -0.72
N ARG A 66 7.91 9.19 -1.68
CA ARG A 66 6.47 9.47 -1.67
C ARG A 66 5.72 8.40 -2.48
N ILE A 67 4.51 8.13 -2.03
CA ILE A 67 3.68 7.13 -2.70
C ILE A 67 2.23 7.63 -2.73
N GLU A 68 1.52 7.20 -3.76
CA GLU A 68 0.13 7.60 -3.93
C GLU A 68 -0.79 6.39 -3.73
N ILE A 69 -1.86 6.62 -2.99
CA ILE A 69 -2.82 5.56 -2.72
C ILE A 69 -4.24 6.07 -3.03
N LYS A 70 -5.05 5.17 -3.55
CA LYS A 70 -6.43 5.51 -3.88
C LYS A 70 -7.34 4.34 -3.53
N PRO A 71 -7.89 4.41 -2.28
CA PRO A 71 -8.78 3.36 -1.81
C PRO A 71 -10.16 3.49 -2.45
N ASP A 72 -10.65 2.35 -2.94
CA ASP A 72 -11.95 2.31 -3.58
C ASP A 72 -12.78 1.18 -2.99
N LYS A 73 -14.09 1.33 -3.08
CA LYS A 73 -15.01 0.33 -2.55
C LYS A 73 -14.63 -1.04 -3.12
N ARG A 74 -14.30 -1.04 -4.41
CA ARG A 74 -13.93 -2.27 -5.09
C ARG A 74 -12.59 -2.78 -4.56
N LYS A 75 -11.53 -2.10 -4.99
CA LYS A 75 -10.18 -2.47 -4.58
C LYS A 75 -9.36 -1.20 -4.36
N ILE A 76 -8.05 -1.40 -4.21
CA ILE A 76 -7.14 -0.29 -4.00
C ILE A 76 -5.96 -0.41 -4.96
N LEU A 77 -5.25 0.70 -5.12
CA LEU A 77 -4.11 0.74 -6.00
C LEU A 77 -3.04 1.68 -5.42
N VAL A 78 -1.80 1.41 -5.78
CA VAL A 78 -0.69 2.22 -5.31
C VAL A 78 0.22 2.58 -6.49
N ASN A 79 0.81 3.76 -6.39
CA ASN A 79 1.70 4.23 -7.44
C ASN A 79 2.96 4.83 -6.81
N THR A 80 4.11 4.31 -7.23
CA THR A 80 5.37 4.79 -6.71
C THR A 80 6.16 5.52 -7.81
N GLY A 81 7.35 5.95 -7.44
CA GLY A 81 8.21 6.66 -8.37
C GLY A 81 9.58 6.00 -8.47
N ASP A 82 10.60 6.76 -8.08
CA ASP A 82 11.96 6.26 -8.12
C ASP A 82 12.41 5.93 -6.70
N TYR A 83 12.84 4.69 -6.52
CA TYR A 83 13.29 4.23 -5.22
C TYR A 83 14.77 4.59 -5.01
N ASP A 84 15.14 4.71 -3.74
CA ASP A 84 16.51 5.05 -3.39
C ASP A 84 17.42 3.88 -3.75
N SER A 85 18.19 4.08 -4.81
CA SER A 85 19.12 3.05 -5.27
C SER A 85 20.02 2.61 -4.12
N ASP A 86 20.32 3.56 -3.25
CA ASP A 86 21.18 3.29 -2.11
C ASP A 86 20.47 2.30 -1.17
N ALA A 87 19.16 2.47 -1.06
CA ALA A 87 18.37 1.60 -0.21
C ALA A 87 18.09 0.29 -0.94
N ASP A 88 18.31 -0.80 -0.24
CA ASP A 88 18.10 -2.12 -0.82
C ASP A 88 16.66 -2.20 -1.37
N LYS A 89 16.57 -2.16 -2.69
CA LYS A 89 15.28 -2.22 -3.34
C LYS A 89 14.46 -3.38 -2.76
N LEU A 90 15.19 -4.38 -2.25
CA LEU A 90 14.55 -5.54 -1.66
C LEU A 90 14.03 -5.19 -0.27
N ALA A 91 14.83 -4.38 0.43
CA ALA A 91 14.46 -3.96 1.78
C ALA A 91 13.25 -3.03 1.70
N VAL A 92 13.39 -1.99 0.87
CA VAL A 92 12.32 -1.02 0.70
C VAL A 92 11.03 -1.75 0.34
N VAL A 93 11.14 -2.66 -0.62
CA VAL A 93 9.99 -3.43 -1.06
C VAL A 93 9.51 -4.32 0.08
N ARG A 94 10.46 -4.77 0.89
CA ARG A 94 10.16 -5.63 2.02
C ARG A 94 9.36 -4.85 3.07
N THR A 95 9.74 -3.60 3.24
CA THR A 95 9.08 -2.74 4.21
C THR A 95 7.85 -2.08 3.59
N TYR A 96 7.93 -1.86 2.28
CA TYR A 96 6.83 -1.24 1.55
C TYR A 96 5.69 -2.22 1.33
N ASN A 97 6.03 -3.35 0.73
CA ASN A 97 5.05 -4.39 0.46
C ASN A 97 4.37 -4.80 1.77
N ASP A 98 5.15 -4.72 2.84
CA ASP A 98 4.63 -5.08 4.16
C ASP A 98 3.54 -4.10 4.56
N PHE A 99 3.78 -2.83 4.25
CA PHE A 99 2.83 -1.79 4.58
C PHE A 99 1.53 -1.95 3.76
N ILE A 100 1.70 -2.46 2.55
CA ILE A 100 0.56 -2.67 1.67
C ILE A 100 -0.13 -3.98 2.04
N GLU A 101 0.68 -4.96 2.42
CA GLU A 101 0.16 -6.26 2.80
C GLU A 101 -0.89 -6.10 3.91
N LYS A 102 -0.65 -5.11 4.75
CA LYS A 102 -1.56 -4.85 5.86
C LYS A 102 -2.70 -3.93 5.38
N LEU A 103 -2.40 -3.18 4.34
CA LEU A 103 -3.38 -2.27 3.77
C LEU A 103 -4.31 -3.04 2.83
N THR A 104 -3.83 -4.20 2.40
CA THR A 104 -4.62 -5.04 1.51
C THR A 104 -5.03 -6.33 2.22
N GLY A 105 -4.05 -6.97 2.85
CA GLY A 105 -4.31 -8.20 3.57
C GLY A 105 -4.01 -9.42 2.68
N TYR A 106 -4.02 -9.18 1.38
CA TYR A 106 -3.76 -10.23 0.41
C TYR A 106 -2.26 -10.43 0.21
N SER A 107 -1.82 -11.67 0.41
CA SER A 107 -0.43 -12.01 0.26
C SER A 107 -0.11 -12.28 -1.21
N ALA A 108 1.17 -12.18 -1.54
CA ALA A 108 1.61 -12.41 -2.91
C ALA A 108 1.32 -13.86 -3.30
N LYS A 109 1.16 -14.70 -2.28
CA LYS A 109 0.88 -16.10 -2.51
C LYS A 109 -0.57 -16.25 -2.98
N GLU A 110 -1.46 -15.56 -2.29
CA GLU A 110 -2.88 -15.61 -2.63
C GLU A 110 -3.17 -14.68 -3.81
N ARG A 111 -2.41 -13.59 -3.86
CA ARG A 111 -2.59 -12.63 -4.93
C ARG A 111 -2.58 -13.31 -6.29
N LYS A 112 -1.75 -14.34 -6.39
CA LYS A 112 -1.64 -15.10 -7.62
C LYS A 112 -2.83 -16.06 -7.75
N LYS A 113 -3.22 -16.61 -6.61
CA LYS A 113 -4.34 -17.53 -6.58
C LYS A 113 -5.52 -16.92 -7.33
N MET A 114 -5.80 -15.67 -7.02
CA MET A 114 -6.90 -14.96 -7.66
C MET A 114 -6.58 -14.68 -9.13
N MET A 115 -5.30 -14.69 -9.44
CA MET A 115 -4.85 -14.44 -10.80
C MET A 115 -4.92 -15.72 -11.65
N THR A 116 -4.44 -16.80 -11.06
CA THR A 116 -4.44 -18.09 -11.74
C THR A 116 -5.72 -18.86 -11.41
N LYS A 117 -6.34 -19.36 -12.47
CA LYS A 117 -7.58 -20.12 -12.31
C LYS A 117 -7.32 -21.31 -11.38
N ASP A 118 -8.22 -21.48 -10.43
CA ASP A 118 -8.11 -22.56 -9.47
C ASP A 118 -9.47 -23.24 -9.29
N MET A 23 2.04 0.96 -12.04
CA MET A 23 1.02 0.90 -11.01
C MET A 23 0.62 -0.55 -10.70
N ARG A 24 0.70 -0.90 -9.43
CA ARG A 24 0.35 -2.25 -9.01
C ARG A 24 -1.05 -2.26 -8.40
N GLU A 25 -1.84 -3.26 -8.80
CA GLU A 25 -3.19 -3.39 -8.30
C GLU A 25 -3.26 -4.54 -7.28
N TYR A 26 -3.69 -4.19 -6.08
CA TYR A 26 -3.81 -5.17 -5.01
C TYR A 26 -5.28 -5.34 -4.58
N PRO A 27 -5.60 -6.58 -4.13
CA PRO A 27 -6.95 -6.89 -3.70
C PRO A 27 -7.25 -6.27 -2.33
N VAL A 28 -8.50 -6.36 -1.93
CA VAL A 28 -8.91 -5.81 -0.65
C VAL A 28 -9.53 -6.92 0.20
N LYS A 29 -9.38 -6.78 1.51
CA LYS A 29 -9.90 -7.77 2.43
C LYS A 29 -11.24 -7.27 3.00
N LYS A 30 -12.13 -8.21 3.24
CA LYS A 30 -13.44 -7.89 3.78
C LYS A 30 -13.30 -7.40 5.23
N GLY A 31 -13.69 -6.16 5.44
CA GLY A 31 -13.62 -5.55 6.76
C GLY A 31 -12.53 -4.48 6.81
N PHE A 32 -11.41 -4.79 6.18
CA PHE A 32 -10.29 -3.85 6.14
C PHE A 32 -10.76 -2.45 5.75
N PRO A 33 -9.91 -1.44 6.07
CA PRO A 33 -10.21 -0.06 5.76
C PRO A 33 -10.04 0.22 4.26
N THR A 34 -11.09 0.79 3.68
CA THR A 34 -11.07 1.11 2.26
C THR A 34 -11.36 2.60 2.06
N ASP A 35 -11.07 3.38 3.08
CA ASP A 35 -11.29 4.81 3.02
C ASP A 35 -9.99 5.53 3.39
N TYR A 36 -9.78 6.67 2.73
CA TYR A 36 -8.59 7.46 2.98
C TYR A 36 -8.35 7.65 4.48
N ASP A 37 -9.36 8.17 5.15
CA ASP A 37 -9.27 8.40 6.59
C ASP A 37 -9.02 7.06 7.29
N SER A 38 -9.89 6.10 6.98
CA SER A 38 -9.77 4.78 7.57
C SER A 38 -8.34 4.26 7.42
N ILE A 39 -7.87 4.28 6.18
CA ILE A 39 -6.53 3.81 5.88
C ILE A 39 -5.51 4.72 6.57
N LYS A 40 -5.83 6.00 6.59
CA LYS A 40 -4.94 6.98 7.22
C LYS A 40 -4.64 6.54 8.65
N ARG A 41 -5.64 5.97 9.29
CA ARG A 41 -5.49 5.49 10.66
C ARG A 41 -4.71 4.19 10.68
N LYS A 42 -4.96 3.36 9.68
CA LYS A 42 -4.29 2.08 9.56
C LYS A 42 -2.80 2.31 9.36
N ILE A 43 -2.48 3.39 8.65
CA ILE A 43 -1.09 3.73 8.38
C ILE A 43 -0.42 4.17 9.69
N SER A 44 -1.04 5.15 10.32
CA SER A 44 -0.52 5.67 11.57
C SER A 44 -0.64 4.63 12.69
N GLU A 45 -1.63 3.76 12.51
CA GLU A 45 -1.87 2.70 13.49
C GLU A 45 -0.72 1.70 13.49
N LEU A 46 -0.10 1.56 12.32
CA LEU A 46 1.01 0.64 12.17
C LEU A 46 2.29 1.31 12.67
N GLY A 47 2.28 2.64 12.65
CA GLY A 47 3.42 3.40 13.09
C GLY A 47 4.06 4.16 11.93
N PHE A 48 3.23 4.55 10.99
CA PHE A 48 3.70 5.28 9.82
C PHE A 48 3.05 6.66 9.73
N ASP A 49 3.44 7.41 8.71
CA ASP A 49 2.91 8.75 8.51
C ASP A 49 2.24 8.82 7.13
N VAL A 50 1.42 9.84 6.96
CA VAL A 50 0.72 10.04 5.71
C VAL A 50 0.71 11.53 5.36
N LYS A 51 0.93 11.82 4.10
CA LYS A 51 0.95 13.19 3.63
C LYS A 51 -0.23 13.42 2.67
N SER A 52 -0.78 14.63 2.74
CA SER A 52 -1.91 14.98 1.89
C SER A 52 -1.42 15.80 0.70
N GLU A 53 -1.59 15.23 -0.49
CA GLU A 53 -1.18 15.90 -1.71
C GLU A 53 -2.38 16.07 -2.64
N GLY A 54 -3.03 17.21 -2.52
CA GLY A 54 -4.18 17.52 -3.35
C GLY A 54 -5.38 16.63 -2.96
N ASP A 55 -5.65 15.66 -3.82
CA ASP A 55 -6.75 14.75 -3.58
C ASP A 55 -6.21 13.31 -3.48
N LEU A 56 -4.90 13.19 -3.64
CA LEU A 56 -4.24 11.90 -3.56
C LEU A 56 -3.71 11.69 -2.15
N ILE A 57 -3.56 10.42 -1.79
CA ILE A 57 -3.05 10.07 -0.48
C ILE A 57 -1.60 9.59 -0.60
N ILE A 58 -0.76 10.11 0.27
CA ILE A 58 0.64 9.74 0.28
C ILE A 58 0.99 9.06 1.61
N ALA A 59 1.60 7.88 1.49
CA ALA A 59 1.99 7.13 2.67
C ALA A 59 3.46 7.37 2.96
N SER A 60 3.79 7.38 4.25
CA SER A 60 5.16 7.59 4.66
C SER A 60 5.73 6.32 5.29
N ILE A 61 6.42 5.55 4.46
CA ILE A 61 7.02 4.31 4.92
C ILE A 61 8.54 4.37 4.75
N PRO A 62 9.24 3.54 5.54
CA PRO A 62 10.69 3.49 5.49
C PRO A 62 11.17 2.76 4.24
N GLY A 63 12.14 3.37 3.57
CA GLY A 63 12.69 2.78 2.36
C GLY A 63 12.09 3.44 1.10
N ILE A 64 10.89 3.96 1.27
CA ILE A 64 10.19 4.62 0.17
C ILE A 64 10.17 6.13 0.42
N SER A 65 10.16 6.88 -0.68
CA SER A 65 10.14 8.31 -0.60
C SER A 65 8.69 8.82 -0.59
N ARG A 66 7.96 8.43 -1.62
CA ARG A 66 6.57 8.82 -1.74
C ARG A 66 5.81 7.82 -2.62
N ILE A 67 4.57 7.57 -2.22
CA ILE A 67 3.73 6.64 -2.95
C ILE A 67 2.28 7.16 -2.96
N GLU A 68 1.54 6.75 -3.98
CA GLU A 68 0.16 7.16 -4.11
C GLU A 68 -0.77 5.96 -3.91
N ILE A 69 -1.82 6.20 -3.12
CA ILE A 69 -2.79 5.14 -2.85
C ILE A 69 -4.19 5.64 -3.22
N LYS A 70 -4.99 4.70 -3.72
CA LYS A 70 -6.35 5.04 -4.12
C LYS A 70 -7.28 3.88 -3.72
N PRO A 71 -7.91 4.04 -2.52
CA PRO A 71 -8.82 3.03 -2.02
C PRO A 71 -10.16 3.08 -2.76
N ASP A 72 -10.56 1.91 -3.26
CA ASP A 72 -11.81 1.81 -3.99
C ASP A 72 -12.64 0.65 -3.41
N LYS A 73 -13.94 0.75 -3.63
CA LYS A 73 -14.85 -0.29 -3.14
C LYS A 73 -14.43 -1.64 -3.70
N ARG A 74 -14.10 -1.64 -4.98
CA ARG A 74 -13.67 -2.86 -5.64
C ARG A 74 -12.33 -3.34 -5.07
N LYS A 75 -11.29 -2.59 -5.41
CA LYS A 75 -9.94 -2.92 -4.94
C LYS A 75 -9.15 -1.63 -4.74
N ILE A 76 -7.87 -1.81 -4.46
CA ILE A 76 -6.99 -0.67 -4.24
C ILE A 76 -5.77 -0.79 -5.16
N LEU A 77 -5.11 0.33 -5.37
CA LEU A 77 -3.93 0.36 -6.23
C LEU A 77 -2.90 1.31 -5.62
N VAL A 78 -1.64 1.06 -5.96
CA VAL A 78 -0.55 1.88 -5.46
C VAL A 78 0.38 2.25 -6.62
N ASN A 79 0.96 3.44 -6.52
CA ASN A 79 1.87 3.92 -7.55
C ASN A 79 3.12 4.49 -6.89
N THR A 80 4.26 3.91 -7.24
CA THR A 80 5.52 4.36 -6.68
C THR A 80 6.15 5.41 -7.60
N GLY A 81 6.45 6.56 -7.00
CA GLY A 81 7.05 7.66 -7.75
C GLY A 81 8.58 7.63 -7.62
N ASP A 82 9.04 7.86 -6.40
CA ASP A 82 10.47 7.86 -6.13
C ASP A 82 10.74 7.06 -4.85
N TYR A 83 11.91 6.45 -4.81
CA TYR A 83 12.31 5.66 -3.66
C TYR A 83 13.63 6.17 -3.07
N ASP A 84 13.87 5.79 -1.83
CA ASP A 84 15.09 6.19 -1.14
C ASP A 84 16.26 6.18 -2.14
N SER A 85 17.16 7.13 -1.94
CA SER A 85 18.32 7.24 -2.81
C SER A 85 19.45 6.35 -2.30
N ASP A 86 19.35 6.01 -1.02
CA ASP A 86 20.36 5.16 -0.40
C ASP A 86 19.85 3.72 -0.34
N ALA A 87 18.77 3.54 0.42
CA ALA A 87 18.17 2.22 0.56
C ALA A 87 17.97 1.61 -0.82
N ASP A 88 18.20 0.31 -0.90
CA ASP A 88 18.04 -0.42 -2.15
C ASP A 88 16.56 -0.51 -2.50
N LYS A 89 16.20 0.16 -3.60
CA LYS A 89 14.82 0.16 -4.05
C LYS A 89 14.28 -1.28 -4.05
N LEU A 90 15.19 -2.21 -4.30
CA LEU A 90 14.82 -3.62 -4.32
C LEU A 90 14.66 -4.13 -2.89
N ALA A 91 15.45 -3.56 -1.99
CA ALA A 91 15.39 -3.94 -0.60
C ALA A 91 14.15 -3.33 0.05
N VAL A 92 13.99 -2.04 -0.17
CA VAL A 92 12.85 -1.33 0.38
C VAL A 92 11.56 -1.95 -0.15
N VAL A 93 11.65 -2.49 -1.36
CA VAL A 93 10.50 -3.12 -1.98
C VAL A 93 9.88 -4.12 -1.02
N ARG A 94 10.75 -4.79 -0.26
CA ARG A 94 10.30 -5.77 0.70
C ARG A 94 9.46 -5.11 1.80
N THR A 95 9.76 -3.85 2.03
CA THR A 95 9.04 -3.09 3.04
C THR A 95 7.78 -2.46 2.45
N TYR A 96 7.89 -2.07 1.18
CA TYR A 96 6.77 -1.46 0.49
C TYR A 96 5.58 -2.42 0.43
N ASN A 97 5.88 -3.66 0.07
CA ASN A 97 4.84 -4.68 -0.03
C ASN A 97 4.33 -5.01 1.37
N ASP A 98 5.25 -5.00 2.33
CA ASP A 98 4.89 -5.29 3.70
C ASP A 98 3.77 -4.37 4.16
N PHE A 99 3.87 -3.12 3.73
CA PHE A 99 2.87 -2.11 4.09
C PHE A 99 1.52 -2.46 3.48
N ILE A 100 1.52 -2.69 2.18
CA ILE A 100 0.30 -3.04 1.47
C ILE A 100 -0.26 -4.35 2.02
N GLU A 101 0.67 -5.21 2.44
CA GLU A 101 0.29 -6.51 2.98
C GLU A 101 -0.67 -6.32 4.17
N LYS A 102 -0.30 -5.40 5.04
CA LYS A 102 -1.12 -5.12 6.21
C LYS A 102 -2.23 -4.14 5.83
N LEU A 103 -2.00 -3.41 4.75
CA LEU A 103 -2.96 -2.44 4.27
C LEU A 103 -4.15 -3.19 3.66
N THR A 104 -3.83 -4.19 2.85
CA THR A 104 -4.86 -4.98 2.20
C THR A 104 -5.13 -6.26 2.98
N GLY A 105 -4.05 -6.85 3.49
CA GLY A 105 -4.17 -8.07 4.27
C GLY A 105 -3.98 -9.30 3.37
N TYR A 106 -3.80 -9.04 2.09
CA TYR A 106 -3.60 -10.12 1.12
C TYR A 106 -2.11 -10.37 0.88
N SER A 107 -1.74 -11.64 0.99
CA SER A 107 -0.35 -12.03 0.79
C SER A 107 -0.13 -12.42 -0.68
N ALA A 108 1.13 -12.69 -1.00
CA ALA A 108 1.49 -13.07 -2.35
C ALA A 108 0.99 -14.50 -2.62
N LYS A 109 0.82 -15.24 -1.54
CA LYS A 109 0.35 -16.61 -1.65
C LYS A 109 -1.10 -16.63 -2.12
N GLU A 110 -1.91 -15.81 -1.47
CA GLU A 110 -3.31 -15.71 -1.81
C GLU A 110 -3.50 -14.83 -3.05
N ARG A 111 -2.61 -13.86 -3.17
CA ARG A 111 -2.66 -12.93 -4.30
C ARG A 111 -2.75 -13.71 -5.62
N LYS A 112 -2.13 -14.88 -5.61
CA LYS A 112 -2.12 -15.73 -6.80
C LYS A 112 -3.55 -16.23 -7.06
N LYS A 113 -4.31 -16.34 -5.98
CA LYS A 113 -5.68 -16.81 -6.08
C LYS A 113 -6.42 -15.98 -7.13
N MET A 114 -6.21 -14.67 -7.05
CA MET A 114 -6.85 -13.75 -7.98
C MET A 114 -6.37 -13.99 -9.41
N MET A 115 -5.29 -14.76 -9.52
CA MET A 115 -4.73 -15.07 -10.82
C MET A 115 -5.28 -16.39 -11.36
N THR A 116 -5.41 -17.35 -10.46
CA THR A 116 -5.93 -18.65 -10.83
C THR A 116 -7.43 -18.74 -10.52
N LYS A 117 -8.11 -19.58 -11.28
CA LYS A 117 -9.54 -19.77 -11.10
C LYS A 117 -9.78 -20.60 -9.84
N ASP A 118 -10.92 -20.33 -9.22
CA ASP A 118 -11.29 -21.05 -8.00
C ASP A 118 -11.72 -22.48 -8.36
N MET A 23 2.02 2.92 -12.13
CA MET A 23 0.99 2.71 -11.14
C MET A 23 0.55 1.25 -11.11
N ARG A 24 0.69 0.64 -9.94
CA ARG A 24 0.30 -0.75 -9.76
C ARG A 24 -1.01 -0.85 -8.99
N GLU A 25 -1.94 -1.59 -9.55
CA GLU A 25 -3.25 -1.77 -8.93
C GLU A 25 -3.24 -3.01 -8.04
N TYR A 26 -3.61 -2.80 -6.78
CA TYR A 26 -3.65 -3.88 -5.82
C TYR A 26 -5.09 -4.20 -5.41
N PRO A 27 -5.33 -5.50 -5.06
CA PRO A 27 -6.64 -5.93 -4.64
C PRO A 27 -6.96 -5.46 -3.23
N VAL A 28 -8.22 -5.61 -2.86
CA VAL A 28 -8.67 -5.20 -1.54
C VAL A 28 -9.55 -6.30 -0.93
N LYS A 29 -9.35 -6.54 0.34
CA LYS A 29 -10.11 -7.55 1.05
C LYS A 29 -11.47 -6.98 1.46
N LYS A 30 -12.47 -7.85 1.44
CA LYS A 30 -13.82 -7.44 1.80
C LYS A 30 -13.89 -7.20 3.31
N GLY A 31 -14.38 -6.02 3.67
CA GLY A 31 -14.50 -5.66 5.08
C GLY A 31 -13.37 -4.73 5.50
N PHE A 32 -12.18 -5.01 4.99
CA PHE A 32 -11.01 -4.21 5.31
C PHE A 32 -11.31 -2.72 5.16
N PRO A 33 -10.40 -1.88 5.72
CA PRO A 33 -10.56 -0.44 5.65
C PRO A 33 -10.22 0.08 4.25
N THR A 34 -11.11 0.91 3.74
CA THR A 34 -10.92 1.49 2.42
C THR A 34 -11.23 2.99 2.44
N ASP A 35 -10.97 3.60 3.59
CA ASP A 35 -11.21 5.03 3.75
C ASP A 35 -9.90 5.72 4.10
N TYR A 36 -9.79 6.97 3.66
CA TYR A 36 -8.60 7.76 3.93
C TYR A 36 -8.25 7.75 5.42
N ASP A 37 -9.24 8.11 6.22
CA ASP A 37 -9.06 8.15 7.66
C ASP A 37 -8.76 6.74 8.18
N SER A 38 -9.62 5.81 7.78
CA SER A 38 -9.45 4.42 8.18
C SER A 38 -8.02 3.97 7.94
N ILE A 39 -7.56 4.18 6.71
CA ILE A 39 -6.21 3.80 6.33
C ILE A 39 -5.21 4.72 7.04
N LYS A 40 -5.60 5.97 7.18
CA LYS A 40 -4.75 6.96 7.83
C LYS A 40 -4.34 6.43 9.20
N ARG A 41 -5.28 5.74 9.85
CA ARG A 41 -5.02 5.19 11.17
C ARG A 41 -4.17 3.92 11.06
N LYS A 42 -4.43 3.17 9.99
CA LYS A 42 -3.69 1.93 9.75
C LYS A 42 -2.22 2.26 9.48
N ILE A 43 -2.01 3.34 8.75
CA ILE A 43 -0.66 3.77 8.42
C ILE A 43 0.09 4.11 9.71
N SER A 44 -0.54 4.94 10.53
CA SER A 44 0.06 5.34 11.79
C SER A 44 0.07 4.16 12.76
N GLU A 45 -0.98 3.35 12.68
CA GLU A 45 -1.09 2.19 13.55
C GLU A 45 0.01 1.18 13.23
N LEU A 46 0.55 1.29 12.02
CA LEU A 46 1.62 0.40 11.58
C LEU A 46 2.97 0.98 12.01
N GLY A 47 2.99 2.29 12.18
CA GLY A 47 4.21 2.98 12.58
C GLY A 47 4.72 3.89 11.46
N PHE A 48 3.79 4.32 10.62
CA PHE A 48 4.14 5.19 9.51
C PHE A 48 3.43 6.55 9.64
N ASP A 49 3.69 7.41 8.67
CA ASP A 49 3.10 8.73 8.67
C ASP A 49 2.23 8.89 7.42
N VAL A 50 1.34 9.88 7.47
CA VAL A 50 0.45 10.14 6.35
C VAL A 50 0.30 11.65 6.17
N LYS A 51 0.55 12.10 4.96
CA LYS A 51 0.44 13.53 4.65
C LYS A 51 -0.73 13.74 3.68
N SER A 52 -1.41 14.86 3.86
CA SER A 52 -2.53 15.20 3.01
C SER A 52 -2.12 16.25 1.98
N GLU A 53 -2.05 15.82 0.73
CA GLU A 53 -1.68 16.72 -0.35
C GLU A 53 -2.86 16.97 -1.28
N GLY A 54 -3.62 18.01 -0.95
CA GLY A 54 -4.78 18.36 -1.74
C GLY A 54 -5.95 17.42 -1.45
N ASP A 55 -6.27 16.59 -2.43
CA ASP A 55 -7.36 15.64 -2.30
C ASP A 55 -6.79 14.21 -2.34
N LEU A 56 -5.48 14.14 -2.54
CA LEU A 56 -4.81 12.84 -2.60
C LEU A 56 -4.20 12.54 -1.23
N ILE A 57 -3.92 11.25 -1.03
CA ILE A 57 -3.32 10.82 0.23
C ILE A 57 -1.87 10.39 -0.02
N ILE A 58 -1.00 10.79 0.90
CA ILE A 58 0.41 10.46 0.79
C ILE A 58 0.81 9.58 1.97
N ALA A 59 1.50 8.49 1.66
CA ALA A 59 1.94 7.56 2.68
C ALA A 59 3.41 7.82 2.99
N SER A 60 3.76 7.65 4.25
CA SER A 60 5.14 7.87 4.69
C SER A 60 5.74 6.55 5.19
N ILE A 61 6.56 5.96 4.32
CA ILE A 61 7.20 4.70 4.65
C ILE A 61 8.72 4.85 4.46
N PRO A 62 9.48 4.02 5.24
CA PRO A 62 10.92 4.04 5.16
C PRO A 62 11.42 3.36 3.89
N GLY A 63 12.37 4.02 3.23
CA GLY A 63 12.95 3.49 2.02
C GLY A 63 12.33 4.17 0.79
N ILE A 64 11.12 4.68 0.97
CA ILE A 64 10.41 5.35 -0.10
C ILE A 64 10.40 6.86 0.17
N SER A 65 10.15 7.62 -0.89
CA SER A 65 10.12 9.06 -0.79
C SER A 65 8.67 9.54 -0.60
N ARG A 66 7.86 9.27 -1.61
CA ARG A 66 6.46 9.65 -1.56
C ARG A 66 5.62 8.75 -2.47
N ILE A 67 4.44 8.40 -1.98
CA ILE A 67 3.54 7.54 -2.74
C ILE A 67 2.10 8.01 -2.54
N GLU A 68 1.30 7.84 -3.58
CA GLU A 68 -0.10 8.24 -3.53
C GLU A 68 -1.00 7.01 -3.38
N ILE A 69 -1.97 7.14 -2.49
CA ILE A 69 -2.91 6.06 -2.24
C ILE A 69 -4.31 6.50 -2.63
N LYS A 70 -5.06 5.57 -3.19
CA LYS A 70 -6.42 5.85 -3.61
C LYS A 70 -7.31 4.65 -3.28
N PRO A 71 -7.88 4.68 -2.04
CA PRO A 71 -8.75 3.61 -1.59
C PRO A 71 -10.12 3.70 -2.25
N ASP A 72 -10.60 2.56 -2.71
CA ASP A 72 -11.90 2.49 -3.37
C ASP A 72 -12.60 1.20 -2.97
N LYS A 73 -13.92 1.27 -2.95
CA LYS A 73 -14.73 0.11 -2.59
C LYS A 73 -14.39 -1.05 -3.54
N ARG A 74 -14.17 -0.70 -4.79
CA ARG A 74 -13.85 -1.69 -5.80
C ARG A 74 -12.46 -2.29 -5.53
N LYS A 75 -11.46 -1.44 -5.63
CA LYS A 75 -10.09 -1.87 -5.41
C LYS A 75 -9.25 -0.66 -4.95
N ILE A 76 -7.94 -0.85 -4.99
CA ILE A 76 -7.03 0.20 -4.59
C ILE A 76 -5.84 0.24 -5.56
N LEU A 77 -5.17 1.38 -5.59
CA LEU A 77 -4.03 1.56 -6.46
C LEU A 77 -3.04 2.53 -5.80
N VAL A 78 -1.77 2.36 -6.15
CA VAL A 78 -0.73 3.20 -5.61
C VAL A 78 0.16 3.72 -6.76
N ASN A 79 0.70 4.91 -6.55
CA ASN A 79 1.56 5.51 -7.55
C ASN A 79 2.91 5.85 -6.92
N THR A 80 3.95 5.26 -7.49
CA THR A 80 5.30 5.50 -6.99
C THR A 80 6.10 6.33 -7.99
N GLY A 81 6.98 7.16 -7.44
CA GLY A 81 7.81 8.02 -8.28
C GLY A 81 9.16 7.36 -8.56
N ASP A 82 10.10 7.59 -7.66
CA ASP A 82 11.44 7.03 -7.81
C ASP A 82 11.99 6.66 -6.43
N TYR A 83 12.01 5.36 -6.16
CA TYR A 83 12.51 4.87 -4.89
C TYR A 83 13.95 5.32 -4.65
N ASP A 84 14.30 5.43 -3.37
CA ASP A 84 15.63 5.86 -2.99
C ASP A 84 16.66 4.89 -3.60
N SER A 85 17.31 5.35 -4.67
CA SER A 85 18.31 4.55 -5.33
C SER A 85 19.31 4.01 -4.31
N ASP A 86 19.59 4.82 -3.31
CA ASP A 86 20.53 4.44 -2.27
C ASP A 86 19.99 3.23 -1.53
N ALA A 87 18.74 3.33 -1.10
CA ALA A 87 18.10 2.25 -0.37
C ALA A 87 17.75 1.12 -1.35
N ASP A 88 17.93 -0.10 -0.88
CA ASP A 88 17.64 -1.27 -1.70
C ASP A 88 16.16 -1.25 -2.09
N LYS A 89 15.91 -0.88 -3.34
CA LYS A 89 14.56 -0.82 -3.85
C LYS A 89 13.94 -2.21 -3.79
N LEU A 90 14.80 -3.21 -3.90
CA LEU A 90 14.34 -4.60 -3.86
C LEU A 90 14.03 -4.99 -2.42
N ALA A 91 14.76 -4.37 -1.50
CA ALA A 91 14.57 -4.65 -0.09
C ALA A 91 13.32 -3.93 0.41
N VAL A 92 13.27 -2.63 0.13
CA VAL A 92 12.13 -1.82 0.53
C VAL A 92 10.84 -2.45 -0.01
N VAL A 93 10.97 -3.12 -1.13
CA VAL A 93 9.84 -3.77 -1.76
C VAL A 93 9.12 -4.64 -0.72
N ARG A 94 9.91 -5.21 0.17
CA ARG A 94 9.37 -6.05 1.22
C ARG A 94 8.66 -5.21 2.29
N THR A 95 9.14 -3.98 2.43
CA THR A 95 8.56 -3.06 3.39
C THR A 95 7.35 -2.35 2.80
N TYR A 96 7.42 -2.11 1.50
CA TYR A 96 6.34 -1.43 0.80
C TYR A 96 5.19 -2.39 0.50
N ASN A 97 5.55 -3.65 0.28
CA ASN A 97 4.56 -4.67 -0.01
C ASN A 97 3.78 -4.99 1.27
N ASP A 98 4.52 -5.17 2.35
CA ASP A 98 3.91 -5.48 3.63
C ASP A 98 2.84 -4.43 3.95
N PHE A 99 3.12 -3.20 3.55
CA PHE A 99 2.20 -2.10 3.78
C PHE A 99 0.91 -2.30 2.98
N ILE A 100 1.08 -2.61 1.71
CA ILE A 100 -0.06 -2.83 0.83
C ILE A 100 -0.77 -4.12 1.23
N GLU A 101 0.02 -5.18 1.36
CA GLU A 101 -0.51 -6.48 1.73
C GLU A 101 -1.43 -6.33 2.95
N LYS A 102 -1.09 -5.37 3.79
CA LYS A 102 -1.88 -5.12 4.99
C LYS A 102 -3.06 -4.20 4.65
N LEU A 103 -2.85 -3.40 3.63
CA LEU A 103 -3.89 -2.46 3.20
C LEU A 103 -4.82 -3.17 2.21
N THR A 104 -4.39 -4.35 1.78
CA THR A 104 -5.17 -5.14 0.84
C THR A 104 -5.87 -6.30 1.57
N GLY A 105 -5.22 -6.77 2.63
CA GLY A 105 -5.76 -7.86 3.41
C GLY A 105 -5.52 -9.20 2.71
N TYR A 106 -4.77 -9.14 1.62
CA TYR A 106 -4.46 -10.33 0.86
C TYR A 106 -3.11 -10.92 1.29
N SER A 107 -3.13 -12.19 1.64
CA SER A 107 -1.92 -12.88 2.06
C SER A 107 -1.41 -13.78 0.94
N ALA A 108 -0.20 -14.27 1.12
CA ALA A 108 0.42 -15.15 0.14
C ALA A 108 -0.60 -16.20 -0.30
N LYS A 109 -1.54 -16.49 0.59
CA LYS A 109 -2.57 -17.48 0.31
C LYS A 109 -3.27 -17.11 -1.00
N GLU A 110 -3.60 -15.83 -1.12
CA GLU A 110 -4.26 -15.34 -2.31
C GLU A 110 -3.25 -15.14 -3.45
N ARG A 111 -2.15 -14.48 -3.11
CA ARG A 111 -1.11 -14.22 -4.09
C ARG A 111 -0.76 -15.50 -4.85
N LYS A 112 -1.02 -16.63 -4.20
CA LYS A 112 -0.74 -17.92 -4.80
C LYS A 112 -1.93 -18.33 -5.68
N LYS A 113 -3.11 -17.93 -5.26
CA LYS A 113 -4.32 -18.26 -6.00
C LYS A 113 -4.13 -17.87 -7.46
N MET A 114 -3.24 -16.91 -7.68
CA MET A 114 -2.96 -16.44 -9.03
C MET A 114 -1.82 -17.24 -9.65
N MET A 115 -1.00 -17.84 -8.78
CA MET A 115 0.12 -18.64 -9.24
C MET A 115 -0.28 -20.10 -9.43
N THR A 116 -1.13 -20.56 -8.54
CA THR A 116 -1.61 -21.93 -8.59
C THR A 116 -3.09 -22.01 -8.22
N LYS A 117 -3.90 -22.36 -9.21
CA LYS A 117 -5.34 -22.46 -9.00
C LYS A 117 -5.60 -23.31 -7.75
N ASP A 118 -4.89 -24.43 -7.67
CA ASP A 118 -5.04 -25.33 -6.53
C ASP A 118 -4.06 -24.92 -5.44
N MET A 23 1.88 2.74 -12.09
CA MET A 23 0.92 2.59 -11.01
C MET A 23 0.73 1.11 -10.66
N ARG A 24 0.57 0.84 -9.37
CA ARG A 24 0.37 -0.51 -8.90
C ARG A 24 -1.05 -0.69 -8.37
N GLU A 25 -1.53 -1.92 -8.46
CA GLU A 25 -2.87 -2.23 -8.00
C GLU A 25 -2.82 -3.31 -6.92
N TYR A 26 -3.94 -3.46 -6.22
CA TYR A 26 -4.03 -4.44 -5.16
C TYR A 26 -5.49 -4.72 -4.80
N PRO A 27 -5.76 -6.02 -4.47
CA PRO A 27 -7.11 -6.44 -4.11
C PRO A 27 -7.47 -5.96 -2.71
N VAL A 28 -8.77 -5.97 -2.43
CA VAL A 28 -9.26 -5.54 -1.12
C VAL A 28 -9.95 -6.72 -0.44
N LYS A 29 -9.71 -6.83 0.86
CA LYS A 29 -10.30 -7.91 1.64
C LYS A 29 -11.70 -7.49 2.10
N LYS A 30 -12.59 -8.46 2.15
CA LYS A 30 -13.96 -8.20 2.57
C LYS A 30 -13.97 -7.84 4.06
N GLY A 31 -14.02 -6.54 4.32
CA GLY A 31 -14.04 -6.05 5.68
C GLY A 31 -12.97 -4.98 5.89
N PHE A 32 -11.80 -5.24 5.35
CA PHE A 32 -10.69 -4.30 5.46
C PHE A 32 -11.15 -2.87 5.20
N PRO A 33 -10.33 -1.90 5.69
CA PRO A 33 -10.64 -0.49 5.52
C PRO A 33 -10.38 -0.05 4.08
N THR A 34 -11.30 0.77 3.57
CA THR A 34 -11.18 1.27 2.21
C THR A 34 -11.51 2.76 2.16
N ASP A 35 -11.21 3.44 3.26
CA ASP A 35 -11.47 4.86 3.35
C ASP A 35 -10.19 5.60 3.74
N TYR A 36 -10.01 6.77 3.17
CA TYR A 36 -8.84 7.58 3.44
C TYR A 36 -8.58 7.66 4.95
N ASP A 37 -9.59 8.10 5.67
CA ASP A 37 -9.48 8.23 7.11
C ASP A 37 -9.15 6.87 7.72
N SER A 38 -9.91 5.87 7.31
CA SER A 38 -9.71 4.52 7.80
C SER A 38 -8.24 4.10 7.61
N ILE A 39 -7.78 4.24 6.38
CA ILE A 39 -6.41 3.89 6.05
C ILE A 39 -5.46 4.83 6.78
N LYS A 40 -5.82 6.11 6.80
CA LYS A 40 -5.02 7.11 7.47
C LYS A 40 -4.68 6.64 8.88
N ARG A 41 -5.70 6.15 9.57
CA ARG A 41 -5.53 5.66 10.92
C ARG A 41 -4.75 4.34 10.92
N LYS A 42 -5.02 3.54 9.90
CA LYS A 42 -4.36 2.26 9.77
C LYS A 42 -2.86 2.48 9.55
N ILE A 43 -2.55 3.56 8.85
CA ILE A 43 -1.17 3.90 8.56
C ILE A 43 -0.48 4.30 9.86
N SER A 44 -1.07 5.26 10.55
CA SER A 44 -0.52 5.74 11.80
C SER A 44 -0.64 4.67 12.88
N GLU A 45 -1.66 3.83 12.73
CA GLU A 45 -1.89 2.75 13.67
C GLU A 45 -0.72 1.76 13.65
N LEU A 46 0.02 1.79 12.56
CA LEU A 46 1.16 0.90 12.40
C LEU A 46 2.43 1.63 12.84
N GLY A 47 2.36 2.96 12.78
CA GLY A 47 3.49 3.78 13.18
C GLY A 47 4.08 4.52 11.98
N PHE A 48 3.19 4.89 11.05
CA PHE A 48 3.60 5.60 9.86
C PHE A 48 2.94 6.97 9.78
N ASP A 49 3.40 7.77 8.83
CA ASP A 49 2.86 9.10 8.63
C ASP A 49 2.10 9.15 7.30
N VAL A 50 1.26 10.17 7.18
CA VAL A 50 0.46 10.33 5.98
C VAL A 50 0.36 11.83 5.64
N LYS A 51 0.58 12.13 4.36
CA LYS A 51 0.52 13.51 3.91
C LYS A 51 -0.70 13.68 3.00
N SER A 52 -1.31 14.85 3.10
CA SER A 52 -2.48 15.16 2.29
C SER A 52 -2.14 16.24 1.26
N GLU A 53 -1.86 15.80 0.05
CA GLU A 53 -1.52 16.72 -1.02
C GLU A 53 -2.74 16.94 -1.93
N GLY A 54 -3.52 17.97 -1.57
CA GLY A 54 -4.70 18.30 -2.33
C GLY A 54 -5.86 17.37 -1.97
N ASP A 55 -6.13 16.44 -2.87
CA ASP A 55 -7.21 15.48 -2.66
C ASP A 55 -6.65 14.06 -2.69
N LEU A 56 -5.34 13.98 -2.87
CA LEU A 56 -4.66 12.69 -2.92
C LEU A 56 -4.06 12.39 -1.54
N ILE A 57 -3.90 11.09 -1.29
CA ILE A 57 -3.33 10.65 -0.02
C ILE A 57 -1.93 10.11 -0.25
N ILE A 58 -1.04 10.45 0.67
CA ILE A 58 0.35 9.99 0.58
C ILE A 58 0.70 9.22 1.84
N ALA A 59 1.41 8.12 1.65
CA ALA A 59 1.83 7.28 2.75
C ALA A 59 3.31 7.53 3.06
N SER A 60 3.62 7.58 4.34
CA SER A 60 4.99 7.82 4.78
C SER A 60 5.58 6.52 5.34
N ILE A 61 6.31 5.81 4.48
CA ILE A 61 6.94 4.57 4.89
C ILE A 61 8.45 4.68 4.69
N PRO A 62 9.20 3.88 5.51
CA PRO A 62 10.64 3.88 5.44
C PRO A 62 11.13 3.12 4.19
N GLY A 63 12.09 3.71 3.51
CA GLY A 63 12.65 3.11 2.32
C GLY A 63 12.04 3.72 1.05
N ILE A 64 10.83 4.24 1.21
CA ILE A 64 10.14 4.86 0.09
C ILE A 64 10.11 6.37 0.29
N SER A 65 10.13 7.09 -0.81
CA SER A 65 10.10 8.54 -0.77
C SER A 65 8.66 9.04 -0.62
N ARG A 66 7.86 8.72 -1.62
CA ARG A 66 6.46 9.12 -1.61
C ARG A 66 5.62 8.17 -2.47
N ILE A 67 4.44 7.86 -1.98
CA ILE A 67 3.53 6.97 -2.68
C ILE A 67 2.10 7.50 -2.57
N GLU A 68 1.32 7.24 -3.60
CA GLU A 68 -0.06 7.68 -3.63
C GLU A 68 -1.00 6.49 -3.38
N ILE A 69 -2.01 6.75 -2.56
CA ILE A 69 -2.97 5.71 -2.23
C ILE A 69 -4.37 6.17 -2.67
N LYS A 70 -5.13 5.22 -3.20
CA LYS A 70 -6.48 5.52 -3.65
C LYS A 70 -7.41 4.35 -3.28
N PRO A 71 -8.01 4.48 -2.07
CA PRO A 71 -8.92 3.45 -1.59
C PRO A 71 -10.27 3.51 -2.32
N ASP A 72 -10.70 2.35 -2.78
CA ASP A 72 -11.97 2.26 -3.49
C ASP A 72 -12.76 1.05 -2.98
N LYS A 73 -14.07 1.17 -3.06
CA LYS A 73 -14.94 0.09 -2.61
C LYS A 73 -14.60 -1.19 -3.38
N ARG A 74 -14.37 -1.03 -4.67
CA ARG A 74 -14.03 -2.17 -5.51
C ARG A 74 -12.65 -2.71 -5.14
N LYS A 75 -11.65 -1.87 -5.32
CA LYS A 75 -10.28 -2.25 -4.99
C LYS A 75 -9.47 -1.00 -4.65
N ILE A 76 -8.16 -1.18 -4.62
CA ILE A 76 -7.27 -0.07 -4.30
C ILE A 76 -6.03 -0.14 -5.20
N LEU A 77 -5.41 1.02 -5.39
CA LEU A 77 -4.23 1.10 -6.22
C LEU A 77 -3.22 2.06 -5.58
N VAL A 78 -1.96 1.86 -5.92
CA VAL A 78 -0.90 2.69 -5.39
C VAL A 78 0.02 3.13 -6.53
N ASN A 79 0.54 4.35 -6.40
CA ASN A 79 1.42 4.90 -7.41
C ASN A 79 2.76 5.28 -6.75
N THR A 80 3.84 4.79 -7.34
CA THR A 80 5.16 5.08 -6.83
C THR A 80 5.95 5.94 -7.82
N GLY A 81 6.74 6.84 -7.27
CA GLY A 81 7.55 7.72 -8.10
C GLY A 81 8.89 7.08 -8.44
N ASP A 82 9.87 7.33 -7.59
CA ASP A 82 11.20 6.79 -7.79
C ASP A 82 11.81 6.44 -6.44
N TYR A 83 12.01 5.14 -6.23
CA TYR A 83 12.58 4.66 -4.99
C TYR A 83 14.06 5.06 -4.87
N ASP A 84 14.56 5.04 -3.64
CA ASP A 84 15.94 5.40 -3.39
C ASP A 84 16.85 4.34 -4.00
N SER A 85 17.60 4.77 -5.01
CA SER A 85 18.52 3.87 -5.69
C SER A 85 19.56 3.33 -4.71
N ASP A 86 20.12 4.26 -3.92
CA ASP A 86 21.12 3.88 -2.94
C ASP A 86 20.56 2.78 -2.03
N ALA A 87 19.29 2.94 -1.68
CA ALA A 87 18.64 1.97 -0.82
C ALA A 87 18.16 0.79 -1.66
N ASP A 88 18.52 -0.40 -1.21
CA ASP A 88 18.13 -1.62 -1.92
C ASP A 88 16.62 -1.60 -2.17
N LYS A 89 16.26 -1.22 -3.39
CA LYS A 89 14.86 -1.15 -3.77
C LYS A 89 14.18 -2.47 -3.41
N LEU A 90 14.96 -3.54 -3.46
CA LEU A 90 14.44 -4.86 -3.14
C LEU A 90 14.27 -4.98 -1.62
N ALA A 91 15.16 -4.30 -0.90
CA ALA A 91 15.12 -4.34 0.55
C ALA A 91 13.87 -3.60 1.04
N VAL A 92 13.72 -2.38 0.54
CA VAL A 92 12.59 -1.54 0.91
C VAL A 92 11.29 -2.23 0.44
N VAL A 93 11.41 -2.94 -0.67
CA VAL A 93 10.26 -3.64 -1.23
C VAL A 93 9.64 -4.53 -0.16
N ARG A 94 10.50 -5.10 0.68
CA ARG A 94 10.05 -5.98 1.74
C ARG A 94 9.26 -5.17 2.78
N THR A 95 9.62 -3.90 2.90
CA THR A 95 8.96 -3.03 3.85
C THR A 95 7.70 -2.40 3.22
N TYR A 96 7.78 -2.18 1.92
CA TYR A 96 6.67 -1.60 1.20
C TYR A 96 5.49 -2.58 1.12
N ASN A 97 5.82 -3.83 0.83
CA ASN A 97 4.81 -4.88 0.73
C ASN A 97 4.24 -5.16 2.12
N ASP A 98 5.12 -5.15 3.10
CA ASP A 98 4.73 -5.41 4.48
C ASP A 98 3.57 -4.48 4.85
N PHE A 99 3.66 -3.25 4.36
CA PHE A 99 2.64 -2.26 4.63
C PHE A 99 1.39 -2.51 3.78
N ILE A 100 1.62 -2.60 2.49
CA ILE A 100 0.52 -2.84 1.55
C ILE A 100 -0.22 -4.11 1.96
N GLU A 101 0.55 -5.07 2.46
CA GLU A 101 -0.02 -6.34 2.89
C GLU A 101 -1.14 -6.10 3.90
N LYS A 102 -0.85 -5.25 4.87
CA LYS A 102 -1.82 -4.93 5.90
C LYS A 102 -2.75 -3.82 5.40
N LEU A 103 -2.31 -3.17 4.34
CA LEU A 103 -3.08 -2.09 3.74
C LEU A 103 -4.15 -2.68 2.81
N THR A 104 -3.85 -3.85 2.29
CA THR A 104 -4.77 -4.53 1.40
C THR A 104 -5.34 -5.78 2.07
N GLY A 105 -4.45 -6.57 2.65
CA GLY A 105 -4.86 -7.79 3.32
C GLY A 105 -4.35 -9.02 2.57
N TYR A 106 -4.20 -8.85 1.26
CA TYR A 106 -3.72 -9.94 0.42
C TYR A 106 -2.19 -9.99 0.39
N SER A 107 -1.68 -11.21 0.47
CA SER A 107 -0.24 -11.41 0.46
C SER A 107 0.18 -12.07 -0.85
N ALA A 108 1.46 -12.42 -0.92
CA ALA A 108 2.00 -13.06 -2.11
C ALA A 108 1.47 -14.49 -2.21
N LYS A 109 1.01 -14.99 -1.07
CA LYS A 109 0.48 -16.34 -1.01
C LYS A 109 -0.83 -16.40 -1.81
N GLU A 110 -1.70 -15.47 -1.52
CA GLU A 110 -2.99 -15.40 -2.20
C GLU A 110 -2.78 -15.05 -3.69
N ARG A 111 -1.71 -14.30 -3.93
CA ARG A 111 -1.40 -13.88 -5.29
C ARG A 111 -1.42 -15.10 -6.23
N LYS A 112 -0.97 -16.23 -5.72
CA LYS A 112 -0.95 -17.45 -6.50
C LYS A 112 -2.38 -17.90 -6.77
N LYS A 113 -3.18 -17.88 -5.72
CA LYS A 113 -4.57 -18.29 -5.84
C LYS A 113 -5.17 -17.70 -7.12
N MET A 114 -5.03 -16.39 -7.25
CA MET A 114 -5.55 -15.69 -8.41
C MET A 114 -4.72 -16.02 -9.66
N MET A 115 -3.45 -16.31 -9.43
CA MET A 115 -2.55 -16.64 -10.52
C MET A 115 -2.89 -18.00 -11.12
N THR A 116 -2.90 -19.01 -10.24
CA THR A 116 -3.21 -20.36 -10.67
C THR A 116 -4.62 -20.76 -10.21
N LYS A 117 -5.49 -20.97 -11.18
CA LYS A 117 -6.86 -21.35 -10.90
C LYS A 117 -6.87 -22.43 -9.82
N ASP A 118 -8.05 -22.65 -9.25
CA ASP A 118 -8.20 -23.66 -8.21
C ASP A 118 -7.49 -23.18 -6.94
#